data_1M46
# 
_entry.id   1M46 
# 
_audit_conform.dict_name       mmcif_pdbx.dic 
_audit_conform.dict_version    5.386 
_audit_conform.dict_location   http://mmcif.pdb.org/dictionaries/ascii/mmcif_pdbx.dic 
# 
loop_
_database_2.database_id 
_database_2.database_code 
_database_2.pdbx_database_accession 
_database_2.pdbx_DOI 
PDB   1M46         pdb_00001m46 10.2210/pdb1m46/pdb 
RCSB  RCSB016575   ?            ?                   
WWPDB D_1000016575 ?            ?                   
# 
loop_
_pdbx_audit_revision_history.ordinal 
_pdbx_audit_revision_history.data_content_type 
_pdbx_audit_revision_history.major_revision 
_pdbx_audit_revision_history.minor_revision 
_pdbx_audit_revision_history.revision_date 
1 'Structure model' 1 0 2002-11-27 
2 'Structure model' 1 1 2008-04-28 
3 'Structure model' 1 2 2011-07-13 
4 'Structure model' 1 3 2024-02-14 
# 
_pdbx_audit_revision_details.ordinal             1 
_pdbx_audit_revision_details.revision_ordinal    1 
_pdbx_audit_revision_details.data_content_type   'Structure model' 
_pdbx_audit_revision_details.provider            repository 
_pdbx_audit_revision_details.type                'Initial release' 
_pdbx_audit_revision_details.description         ? 
_pdbx_audit_revision_details.details             ? 
# 
loop_
_pdbx_audit_revision_group.ordinal 
_pdbx_audit_revision_group.revision_ordinal 
_pdbx_audit_revision_group.data_content_type 
_pdbx_audit_revision_group.group 
1 2 'Structure model' 'Version format compliance' 
2 3 'Structure model' 'Version format compliance' 
3 4 'Structure model' 'Data collection'           
4 4 'Structure model' 'Database references'       
# 
loop_
_pdbx_audit_revision_category.ordinal 
_pdbx_audit_revision_category.revision_ordinal 
_pdbx_audit_revision_category.data_content_type 
_pdbx_audit_revision_category.category 
1 4 'Structure model' chem_comp_atom 
2 4 'Structure model' chem_comp_bond 
3 4 'Structure model' database_2     
# 
loop_
_pdbx_audit_revision_item.ordinal 
_pdbx_audit_revision_item.revision_ordinal 
_pdbx_audit_revision_item.data_content_type 
_pdbx_audit_revision_item.item 
1 4 'Structure model' '_database_2.pdbx_DOI'                
2 4 'Structure model' '_database_2.pdbx_database_accession' 
# 
_pdbx_database_status.status_code                     REL 
_pdbx_database_status.entry_id                        1M46 
_pdbx_database_status.recvd_initial_deposition_date   2002-07-02 
_pdbx_database_status.deposit_site                    RCSB 
_pdbx_database_status.process_site                    RCSB 
_pdbx_database_status.SG_entry                        . 
_pdbx_database_status.pdb_format_compatible           Y 
_pdbx_database_status.status_code_mr                  ? 
_pdbx_database_status.status_code_sf                  ? 
_pdbx_database_status.status_code_cs                  ? 
_pdbx_database_status.status_code_nmr_data            ? 
_pdbx_database_status.methods_development_category    ? 
# 
_pdbx_database_related.db_name        PDB 
_pdbx_database_related.db_id          1M45 
_pdbx_database_related.details        'Crystal Structure Mlc1p bound to IQ2 of the myosin V Myo2p' 
_pdbx_database_related.content_type   unspecified 
# 
loop_
_audit_author.name 
_audit_author.pdbx_ordinal 
'Terrak, M.'    1 
'Dominguez, R.' 2 
# 
loop_
_citation.id 
_citation.title 
_citation.journal_abbrev 
_citation.journal_volume 
_citation.page_first 
_citation.page_last 
_citation.year 
_citation.journal_id_ASTM 
_citation.country 
_citation.journal_id_ISSN 
_citation.journal_id_CSD 
_citation.book_publisher 
_citation.pdbx_database_id_PubMed 
_citation.pdbx_database_id_DOI 
primary 
;Two distinct myosin light chain structures are induced by specific variations 
within the bound IQ motifs-functional implications
;
'Embo J.'                  22 362  371  2003 EMJODG UK 0261-4189 0897 ? 12554638 10.1093/emboj/cdg058      
1       
;Crystallisation, X-ray characterization and selenomethionine     
phasing of Mlc1p bound to IQ motifs from myosin V
;
'Acta Crystallogr.,Sect.D' 58 1882 1885 2002 ABCRE6 DK 0907-4449 0766 ? ?        10.1107/S0907444902013951 
# 
loop_
_citation_author.citation_id 
_citation_author.name 
_citation_author.ordinal 
_citation_author.identifier_ORCID 
primary 'Terrak, M.'      1  ? 
primary 'Wu, G.'          2  ? 
primary 'Stafford, W.F.'  3  ? 
primary 'Lu, R.C.'        4  ? 
primary 'Dominguez, R.'   5  ? 
1       'Terrak, M.'      6  ? 
1       'Otterbein, L.R.' 7  ? 
1       'Wu, G.'          8  ? 
1       'Palecanda, L.A.' 9  ? 
1       'Lu, R.C.'        10 ? 
1       'Dominguez, R.'   11 ? 
# 
loop_
_entity.id 
_entity.type 
_entity.src_method 
_entity.pdbx_description 
_entity.formula_weight 
_entity.pdbx_number_of_molecules 
_entity.pdbx_ec 
_entity.pdbx_mutation 
_entity.pdbx_fragment 
_entity.details 
1 polymer man 'Myosin light chain'                     16332.213 1  ? ? ? ? 
2 polymer syn 'IQ4 Motif from MYO2P, A Class V Myosin' 3087.704  1  ? ? ? ? 
3 water   nat water                                    18.015    81 ? ? ? ? 
# 
loop_
_entity_name_com.entity_id 
_entity_name_com.name 
1 M1c1p 
2 IQ4   
# 
loop_
_entity_poly.entity_id 
_entity_poly.type 
_entity_poly.nstd_linkage 
_entity_poly.nstd_monomer 
_entity_poly.pdbx_seq_one_letter_code 
_entity_poly.pdbx_seq_one_letter_code_can 
_entity_poly.pdbx_strand_id 
_entity_poly.pdbx_target_identifier 
1 'polypeptide(L)' no no 
;SATRANKDIFTLFDKKGQGAIAKDSLGDYLRAIGYNPTNQLVQDIINADSSLRDASSLTLDQITGLIEVNEKELDATTKA
KTEDFVKAFQVFDKESTGKVSVGDLRYMLTGLGEKLTDAEVDELLKGVEVDSNGEIDYKKFIEDVLRQ
;
;SATRANKDIFTLFDKKGQGAIAKDSLGDYLRAIGYNPTNQLVQDIINADSSLRDASSLTLDQITGLIEVNEKELDATTKA
KTEDFVKAFQVFDKESTGKVSVGDLRYMLTGLGEKLTDAEVDELLKGVEVDSNGEIDYKKFIEDVLRQ
;
A ? 
2 'polypeptide(L)' no no SVLRTITNLQKKIRKELKQRQLKQE SVLRTITNLQKKIRKELKQRQLKQE B ? 
# 
_pdbx_entity_nonpoly.entity_id   3 
_pdbx_entity_nonpoly.name        water 
_pdbx_entity_nonpoly.comp_id     HOH 
# 
loop_
_entity_poly_seq.entity_id 
_entity_poly_seq.num 
_entity_poly_seq.mon_id 
_entity_poly_seq.hetero 
1 1   SER n 
1 2   ALA n 
1 3   THR n 
1 4   ARG n 
1 5   ALA n 
1 6   ASN n 
1 7   LYS n 
1 8   ASP n 
1 9   ILE n 
1 10  PHE n 
1 11  THR n 
1 12  LEU n 
1 13  PHE n 
1 14  ASP n 
1 15  LYS n 
1 16  LYS n 
1 17  GLY n 
1 18  GLN n 
1 19  GLY n 
1 20  ALA n 
1 21  ILE n 
1 22  ALA n 
1 23  LYS n 
1 24  ASP n 
1 25  SER n 
1 26  LEU n 
1 27  GLY n 
1 28  ASP n 
1 29  TYR n 
1 30  LEU n 
1 31  ARG n 
1 32  ALA n 
1 33  ILE n 
1 34  GLY n 
1 35  TYR n 
1 36  ASN n 
1 37  PRO n 
1 38  THR n 
1 39  ASN n 
1 40  GLN n 
1 41  LEU n 
1 42  VAL n 
1 43  GLN n 
1 44  ASP n 
1 45  ILE n 
1 46  ILE n 
1 47  ASN n 
1 48  ALA n 
1 49  ASP n 
1 50  SER n 
1 51  SER n 
1 52  LEU n 
1 53  ARG n 
1 54  ASP n 
1 55  ALA n 
1 56  SER n 
1 57  SER n 
1 58  LEU n 
1 59  THR n 
1 60  LEU n 
1 61  ASP n 
1 62  GLN n 
1 63  ILE n 
1 64  THR n 
1 65  GLY n 
1 66  LEU n 
1 67  ILE n 
1 68  GLU n 
1 69  VAL n 
1 70  ASN n 
1 71  GLU n 
1 72  LYS n 
1 73  GLU n 
1 74  LEU n 
1 75  ASP n 
1 76  ALA n 
1 77  THR n 
1 78  THR n 
1 79  LYS n 
1 80  ALA n 
1 81  LYS n 
1 82  THR n 
1 83  GLU n 
1 84  ASP n 
1 85  PHE n 
1 86  VAL n 
1 87  LYS n 
1 88  ALA n 
1 89  PHE n 
1 90  GLN n 
1 91  VAL n 
1 92  PHE n 
1 93  ASP n 
1 94  LYS n 
1 95  GLU n 
1 96  SER n 
1 97  THR n 
1 98  GLY n 
1 99  LYS n 
1 100 VAL n 
1 101 SER n 
1 102 VAL n 
1 103 GLY n 
1 104 ASP n 
1 105 LEU n 
1 106 ARG n 
1 107 TYR n 
1 108 MET n 
1 109 LEU n 
1 110 THR n 
1 111 GLY n 
1 112 LEU n 
1 113 GLY n 
1 114 GLU n 
1 115 LYS n 
1 116 LEU n 
1 117 THR n 
1 118 ASP n 
1 119 ALA n 
1 120 GLU n 
1 121 VAL n 
1 122 ASP n 
1 123 GLU n 
1 124 LEU n 
1 125 LEU n 
1 126 LYS n 
1 127 GLY n 
1 128 VAL n 
1 129 GLU n 
1 130 VAL n 
1 131 ASP n 
1 132 SER n 
1 133 ASN n 
1 134 GLY n 
1 135 GLU n 
1 136 ILE n 
1 137 ASP n 
1 138 TYR n 
1 139 LYS n 
1 140 LYS n 
1 141 PHE n 
1 142 ILE n 
1 143 GLU n 
1 144 ASP n 
1 145 VAL n 
1 146 LEU n 
1 147 ARG n 
1 148 GLN n 
2 1   SER n 
2 2   VAL n 
2 3   LEU n 
2 4   ARG n 
2 5   THR n 
2 6   ILE n 
2 7   THR n 
2 8   ASN n 
2 9   LEU n 
2 10  GLN n 
2 11  LYS n 
2 12  LYS n 
2 13  ILE n 
2 14  ARG n 
2 15  LYS n 
2 16  GLU n 
2 17  LEU n 
2 18  LYS n 
2 19  GLN n 
2 20  ARG n 
2 21  GLN n 
2 22  LEU n 
2 23  LYS n 
2 24  GLN n 
2 25  GLU n 
# 
_entity_src_gen.entity_id                          1 
_entity_src_gen.pdbx_src_id                        1 
_entity_src_gen.pdbx_alt_source_flag               sample 
_entity_src_gen.pdbx_seq_type                      ? 
_entity_src_gen.pdbx_beg_seq_num                   ? 
_entity_src_gen.pdbx_end_seq_num                   ? 
_entity_src_gen.gene_src_common_name               
;baker's yeast
;
_entity_src_gen.gene_src_genus                     Saccharomyces 
_entity_src_gen.pdbx_gene_src_gene                 MLC1 
_entity_src_gen.gene_src_species                   ? 
_entity_src_gen.gene_src_strain                    ? 
_entity_src_gen.gene_src_tissue                    ? 
_entity_src_gen.gene_src_tissue_fraction           ? 
_entity_src_gen.gene_src_details                   ? 
_entity_src_gen.pdbx_gene_src_fragment             ? 
_entity_src_gen.pdbx_gene_src_scientific_name      'Saccharomyces cerevisiae' 
_entity_src_gen.pdbx_gene_src_ncbi_taxonomy_id     4932 
_entity_src_gen.pdbx_gene_src_variant              ? 
_entity_src_gen.pdbx_gene_src_cell_line            ? 
_entity_src_gen.pdbx_gene_src_atcc                 ? 
_entity_src_gen.pdbx_gene_src_organ                ? 
_entity_src_gen.pdbx_gene_src_organelle            ? 
_entity_src_gen.pdbx_gene_src_cell                 ? 
_entity_src_gen.pdbx_gene_src_cellular_location    ? 
_entity_src_gen.host_org_common_name               ? 
_entity_src_gen.pdbx_host_org_scientific_name      'Escherichia coli BL21(DE3)' 
_entity_src_gen.pdbx_host_org_ncbi_taxonomy_id     469008 
_entity_src_gen.host_org_genus                     Escherichia 
_entity_src_gen.pdbx_host_org_gene                 ? 
_entity_src_gen.pdbx_host_org_organ                ? 
_entity_src_gen.host_org_species                   'Escherichia coli' 
_entity_src_gen.pdbx_host_org_tissue               ? 
_entity_src_gen.pdbx_host_org_tissue_fraction      ? 
_entity_src_gen.pdbx_host_org_strain               'BL21 (DE3)' 
_entity_src_gen.pdbx_host_org_variant              ? 
_entity_src_gen.pdbx_host_org_cell_line            ? 
_entity_src_gen.pdbx_host_org_atcc                 ? 
_entity_src_gen.pdbx_host_org_culture_collection   ? 
_entity_src_gen.pdbx_host_org_cell                 ? 
_entity_src_gen.pdbx_host_org_organelle            ? 
_entity_src_gen.pdbx_host_org_cellular_location    ? 
_entity_src_gen.pdbx_host_org_vector_type          Plasmid 
_entity_src_gen.pdbx_host_org_vector               ? 
_entity_src_gen.host_org_details                   ? 
_entity_src_gen.expression_system_id               ? 
_entity_src_gen.plasmid_name                       pAED4 
_entity_src_gen.plasmid_details                    ? 
_entity_src_gen.pdbx_description                   ? 
# 
_pdbx_entity_src_syn.entity_id              2 
_pdbx_entity_src_syn.pdbx_src_id            1 
_pdbx_entity_src_syn.pdbx_alt_source_flag   sample 
_pdbx_entity_src_syn.pdbx_beg_seq_num       ? 
_pdbx_entity_src_syn.pdbx_end_seq_num       ? 
_pdbx_entity_src_syn.organism_scientific    ? 
_pdbx_entity_src_syn.organism_common_name   ? 
_pdbx_entity_src_syn.ncbi_taxonomy_id       ? 
_pdbx_entity_src_syn.details                
;The peptide was chemically synthesized. The sequence of the peptide is naturally found in Saccharomyces cerevisiae (Baker's yeast).
;
# 
loop_
_chem_comp.id 
_chem_comp.type 
_chem_comp.mon_nstd_flag 
_chem_comp.name 
_chem_comp.pdbx_synonyms 
_chem_comp.formula 
_chem_comp.formula_weight 
ALA 'L-peptide linking' y ALANINE         ? 'C3 H7 N O2'     89.093  
ARG 'L-peptide linking' y ARGININE        ? 'C6 H15 N4 O2 1' 175.209 
ASN 'L-peptide linking' y ASPARAGINE      ? 'C4 H8 N2 O3'    132.118 
ASP 'L-peptide linking' y 'ASPARTIC ACID' ? 'C4 H7 N O4'     133.103 
GLN 'L-peptide linking' y GLUTAMINE       ? 'C5 H10 N2 O3'   146.144 
GLU 'L-peptide linking' y 'GLUTAMIC ACID' ? 'C5 H9 N O4'     147.129 
GLY 'peptide linking'   y GLYCINE         ? 'C2 H5 N O2'     75.067  
HOH non-polymer         . WATER           ? 'H2 O'           18.015  
ILE 'L-peptide linking' y ISOLEUCINE      ? 'C6 H13 N O2'    131.173 
LEU 'L-peptide linking' y LEUCINE         ? 'C6 H13 N O2'    131.173 
LYS 'L-peptide linking' y LYSINE          ? 'C6 H15 N2 O2 1' 147.195 
MET 'L-peptide linking' y METHIONINE      ? 'C5 H11 N O2 S'  149.211 
PHE 'L-peptide linking' y PHENYLALANINE   ? 'C9 H11 N O2'    165.189 
PRO 'L-peptide linking' y PROLINE         ? 'C5 H9 N O2'     115.130 
SER 'L-peptide linking' y SERINE          ? 'C3 H7 N O3'     105.093 
THR 'L-peptide linking' y THREONINE       ? 'C4 H9 N O3'     119.119 
TYR 'L-peptide linking' y TYROSINE        ? 'C9 H11 N O3'    181.189 
VAL 'L-peptide linking' y VALINE          ? 'C5 H11 N O2'    117.146 
# 
loop_
_pdbx_poly_seq_scheme.asym_id 
_pdbx_poly_seq_scheme.entity_id 
_pdbx_poly_seq_scheme.seq_id 
_pdbx_poly_seq_scheme.mon_id 
_pdbx_poly_seq_scheme.ndb_seq_num 
_pdbx_poly_seq_scheme.pdb_seq_num 
_pdbx_poly_seq_scheme.auth_seq_num 
_pdbx_poly_seq_scheme.pdb_mon_id 
_pdbx_poly_seq_scheme.auth_mon_id 
_pdbx_poly_seq_scheme.pdb_strand_id 
_pdbx_poly_seq_scheme.pdb_ins_code 
_pdbx_poly_seq_scheme.hetero 
A 1 1   SER 1   2   2   SER SER A . n 
A 1 2   ALA 2   3   3   ALA ALA A . n 
A 1 3   THR 3   4   4   THR THR A . n 
A 1 4   ARG 4   5   5   ARG ARG A . n 
A 1 5   ALA 5   6   6   ALA ALA A . n 
A 1 6   ASN 6   7   7   ASN ASN A . n 
A 1 7   LYS 7   8   8   LYS LYS A . n 
A 1 8   ASP 8   9   9   ASP ASP A . n 
A 1 9   ILE 9   10  10  ILE ILE A . n 
A 1 10  PHE 10  11  11  PHE PHE A . n 
A 1 11  THR 11  12  12  THR THR A . n 
A 1 12  LEU 12  13  13  LEU LEU A . n 
A 1 13  PHE 13  14  14  PHE PHE A . n 
A 1 14  ASP 14  15  15  ASP ASP A . n 
A 1 15  LYS 15  16  16  LYS LYS A . n 
A 1 16  LYS 16  17  17  LYS LYS A . n 
A 1 17  GLY 17  18  18  GLY GLY A . n 
A 1 18  GLN 18  19  19  GLN GLN A . n 
A 1 19  GLY 19  20  20  GLY GLY A . n 
A 1 20  ALA 20  21  21  ALA ALA A . n 
A 1 21  ILE 21  22  22  ILE ILE A . n 
A 1 22  ALA 22  23  23  ALA ALA A . n 
A 1 23  LYS 23  24  24  LYS LYS A . n 
A 1 24  ASP 24  25  25  ASP ASP A . n 
A 1 25  SER 25  26  26  SER SER A . n 
A 1 26  LEU 26  27  27  LEU LEU A . n 
A 1 27  GLY 27  28  28  GLY GLY A . n 
A 1 28  ASP 28  29  29  ASP ASP A . n 
A 1 29  TYR 29  30  30  TYR TYR A . n 
A 1 30  LEU 30  31  31  LEU LEU A . n 
A 1 31  ARG 31  32  32  ARG ARG A . n 
A 1 32  ALA 32  33  33  ALA ALA A . n 
A 1 33  ILE 33  34  34  ILE ILE A . n 
A 1 34  GLY 34  35  35  GLY GLY A . n 
A 1 35  TYR 35  36  36  TYR TYR A . n 
A 1 36  ASN 36  37  37  ASN ASN A . n 
A 1 37  PRO 37  38  38  PRO PRO A . n 
A 1 38  THR 38  39  39  THR THR A . n 
A 1 39  ASN 39  40  40  ASN ASN A . n 
A 1 40  GLN 40  41  41  GLN GLN A . n 
A 1 41  LEU 41  42  42  LEU LEU A . n 
A 1 42  VAL 42  43  43  VAL VAL A . n 
A 1 43  GLN 43  44  44  GLN GLN A . n 
A 1 44  ASP 44  45  45  ASP ASP A . n 
A 1 45  ILE 45  46  46  ILE ILE A . n 
A 1 46  ILE 46  47  47  ILE ILE A . n 
A 1 47  ASN 47  48  48  ASN ASN A . n 
A 1 48  ALA 48  49  49  ALA ALA A . n 
A 1 49  ASP 49  50  50  ASP ASP A . n 
A 1 50  SER 50  51  51  SER SER A . n 
A 1 51  SER 51  52  52  SER SER A . n 
A 1 52  LEU 52  53  53  LEU LEU A . n 
A 1 53  ARG 53  54  54  ARG ARG A . n 
A 1 54  ASP 54  55  55  ASP ASP A . n 
A 1 55  ALA 55  56  56  ALA ALA A . n 
A 1 56  SER 56  57  57  SER SER A . n 
A 1 57  SER 57  58  58  SER SER A . n 
A 1 58  LEU 58  59  59  LEU LEU A . n 
A 1 59  THR 59  60  60  THR THR A . n 
A 1 60  LEU 60  61  61  LEU LEU A . n 
A 1 61  ASP 61  62  62  ASP ASP A . n 
A 1 62  GLN 62  63  63  GLN GLN A . n 
A 1 63  ILE 63  64  64  ILE ILE A . n 
A 1 64  THR 64  65  65  THR THR A . n 
A 1 65  GLY 65  66  66  GLY GLY A . n 
A 1 66  LEU 66  67  67  LEU LEU A . n 
A 1 67  ILE 67  68  68  ILE ILE A . n 
A 1 68  GLU 68  69  69  GLU GLU A . n 
A 1 69  VAL 69  70  70  VAL VAL A . n 
A 1 70  ASN 70  71  71  ASN ASN A . n 
A 1 71  GLU 71  72  72  GLU GLU A . n 
A 1 72  LYS 72  73  73  LYS LYS A . n 
A 1 73  GLU 73  74  74  GLU GLU A . n 
A 1 74  LEU 74  75  75  LEU LEU A . n 
A 1 75  ASP 75  76  76  ASP ASP A . n 
A 1 76  ALA 76  77  77  ALA ALA A . n 
A 1 77  THR 77  78  78  THR THR A . n 
A 1 78  THR 78  79  79  THR THR A . n 
A 1 79  LYS 79  80  80  LYS LYS A . n 
A 1 80  ALA 80  81  81  ALA ALA A . n 
A 1 81  LYS 81  82  82  LYS LYS A . n 
A 1 82  THR 82  83  83  THR THR A . n 
A 1 83  GLU 83  84  84  GLU GLU A . n 
A 1 84  ASP 84  85  85  ASP ASP A . n 
A 1 85  PHE 85  86  86  PHE PHE A . n 
A 1 86  VAL 86  87  87  VAL VAL A . n 
A 1 87  LYS 87  88  88  LYS LYS A . n 
A 1 88  ALA 88  89  89  ALA ALA A . n 
A 1 89  PHE 89  90  90  PHE PHE A . n 
A 1 90  GLN 90  91  91  GLN GLN A . n 
A 1 91  VAL 91  92  92  VAL VAL A . n 
A 1 92  PHE 92  93  93  PHE PHE A . n 
A 1 93  ASP 93  94  94  ASP ASP A . n 
A 1 94  LYS 94  95  95  LYS LYS A . n 
A 1 95  GLU 95  96  96  GLU GLU A . n 
A 1 96  SER 96  97  97  SER SER A . n 
A 1 97  THR 97  98  98  THR THR A . n 
A 1 98  GLY 98  99  99  GLY GLY A . n 
A 1 99  LYS 99  100 100 LYS LYS A . n 
A 1 100 VAL 100 101 101 VAL VAL A . n 
A 1 101 SER 101 102 102 SER SER A . n 
A 1 102 VAL 102 103 103 VAL VAL A . n 
A 1 103 GLY 103 104 104 GLY GLY A . n 
A 1 104 ASP 104 105 105 ASP ASP A . n 
A 1 105 LEU 105 106 106 LEU LEU A . n 
A 1 106 ARG 106 107 107 ARG ARG A . n 
A 1 107 TYR 107 108 108 TYR TYR A . n 
A 1 108 MET 108 109 109 MET MET A . n 
A 1 109 LEU 109 110 110 LEU LEU A . n 
A 1 110 THR 110 111 111 THR THR A . n 
A 1 111 GLY 111 112 112 GLY GLY A . n 
A 1 112 LEU 112 113 113 LEU LEU A . n 
A 1 113 GLY 113 114 114 GLY GLY A . n 
A 1 114 GLU 114 115 115 GLU GLU A . n 
A 1 115 LYS 115 116 116 LYS LYS A . n 
A 1 116 LEU 116 117 117 LEU LEU A . n 
A 1 117 THR 117 118 118 THR THR A . n 
A 1 118 ASP 118 119 119 ASP ASP A . n 
A 1 119 ALA 119 120 120 ALA ALA A . n 
A 1 120 GLU 120 121 121 GLU GLU A . n 
A 1 121 VAL 121 122 122 VAL VAL A . n 
A 1 122 ASP 122 123 123 ASP ASP A . n 
A 1 123 GLU 123 124 124 GLU GLU A . n 
A 1 124 LEU 124 125 125 LEU LEU A . n 
A 1 125 LEU 125 126 126 LEU LEU A . n 
A 1 126 LYS 126 127 127 LYS LYS A . n 
A 1 127 GLY 127 128 128 GLY GLY A . n 
A 1 128 VAL 128 129 129 VAL VAL A . n 
A 1 129 GLU 129 130 130 GLU GLU A . n 
A 1 130 VAL 130 131 131 VAL VAL A . n 
A 1 131 ASP 131 132 132 ASP ASP A . n 
A 1 132 SER 132 133 133 SER SER A . n 
A 1 133 ASN 133 134 134 ASN ASN A . n 
A 1 134 GLY 134 135 135 GLY GLY A . n 
A 1 135 GLU 135 136 136 GLU GLU A . n 
A 1 136 ILE 136 137 137 ILE ILE A . n 
A 1 137 ASP 137 138 138 ASP ASP A . n 
A 1 138 TYR 138 139 139 TYR TYR A . n 
A 1 139 LYS 139 140 140 LYS LYS A . n 
A 1 140 LYS 140 141 141 LYS LYS A . n 
A 1 141 PHE 141 142 142 PHE PHE A . n 
A 1 142 ILE 142 143 143 ILE ILE A . n 
A 1 143 GLU 143 144 144 GLU GLU A . n 
A 1 144 ASP 144 145 145 ASP ASP A . n 
A 1 145 VAL 145 146 146 VAL VAL A . n 
A 1 146 LEU 146 147 147 LEU LEU A . n 
A 1 147 ARG 147 148 148 ARG ARG A . n 
A 1 148 GLN 148 149 149 GLN GLN A . n 
B 2 1   SER 1   854 854 SER SER B . n 
B 2 2   VAL 2   855 855 VAL VAL B . n 
B 2 3   LEU 3   856 856 LEU LEU B . n 
B 2 4   ARG 4   857 857 ARG ARG B . n 
B 2 5   THR 5   858 858 THR THR B . n 
B 2 6   ILE 6   859 859 ILE ILE B . n 
B 2 7   THR 7   860 860 THR THR B . n 
B 2 8   ASN 8   861 861 ASN ASN B . n 
B 2 9   LEU 9   862 862 LEU LEU B . n 
B 2 10  GLN 10  863 863 GLN GLN B . n 
B 2 11  LYS 11  864 864 LYS LYS B . n 
B 2 12  LYS 12  865 865 LYS LYS B . n 
B 2 13  ILE 13  866 866 ILE ILE B . n 
B 2 14  ARG 14  867 867 ARG ARG B . n 
B 2 15  LYS 15  868 868 LYS LYS B . n 
B 2 16  GLU 16  869 869 GLU GLU B . n 
B 2 17  LEU 17  870 870 LEU LEU B . n 
B 2 18  LYS 18  871 871 LYS LYS B . n 
B 2 19  GLN 19  872 872 GLN GLN B . n 
B 2 20  ARG 20  873 873 ARG ARG B . n 
B 2 21  GLN 21  874 874 GLN GLN B . n 
B 2 22  LEU 22  875 875 LEU LEU B . n 
B 2 23  LYS 23  876 876 LYS LYS B . n 
B 2 24  GLN 24  877 877 GLN GLN B . n 
B 2 25  GLU 25  878 878 GLU GLU B . n 
# 
loop_
_pdbx_nonpoly_scheme.asym_id 
_pdbx_nonpoly_scheme.entity_id 
_pdbx_nonpoly_scheme.mon_id 
_pdbx_nonpoly_scheme.ndb_seq_num 
_pdbx_nonpoly_scheme.pdb_seq_num 
_pdbx_nonpoly_scheme.auth_seq_num 
_pdbx_nonpoly_scheme.pdb_mon_id 
_pdbx_nonpoly_scheme.auth_mon_id 
_pdbx_nonpoly_scheme.pdb_strand_id 
_pdbx_nonpoly_scheme.pdb_ins_code 
C 3 HOH 1  150 1  HOH HOH A . 
C 3 HOH 2  151 2  HOH HOH A . 
C 3 HOH 3  152 3  HOH HOH A . 
C 3 HOH 4  153 4  HOH HOH A . 
C 3 HOH 5  154 5  HOH HOH A . 
C 3 HOH 6  155 6  HOH HOH A . 
C 3 HOH 7  156 7  HOH HOH A . 
C 3 HOH 8  157 8  HOH HOH A . 
C 3 HOH 9  158 9  HOH HOH A . 
C 3 HOH 10 159 10 HOH HOH A . 
C 3 HOH 11 160 11 HOH HOH A . 
C 3 HOH 12 161 12 HOH HOH A . 
C 3 HOH 13 162 13 HOH HOH A . 
C 3 HOH 14 163 14 HOH HOH A . 
C 3 HOH 15 164 15 HOH HOH A . 
C 3 HOH 16 165 16 HOH HOH A . 
C 3 HOH 17 166 17 HOH HOH A . 
C 3 HOH 18 167 18 HOH HOH A . 
C 3 HOH 19 168 19 HOH HOH A . 
C 3 HOH 20 169 20 HOH HOH A . 
C 3 HOH 21 170 21 HOH HOH A . 
C 3 HOH 22 171 22 HOH HOH A . 
C 3 HOH 23 172 23 HOH HOH A . 
C 3 HOH 24 173 24 HOH HOH A . 
C 3 HOH 25 174 25 HOH HOH A . 
C 3 HOH 26 175 27 HOH HOH A . 
C 3 HOH 27 176 28 HOH HOH A . 
C 3 HOH 28 177 29 HOH HOH A . 
C 3 HOH 29 178 30 HOH HOH A . 
C 3 HOH 30 179 31 HOH HOH A . 
C 3 HOH 31 180 32 HOH HOH A . 
C 3 HOH 32 181 33 HOH HOH A . 
C 3 HOH 33 182 34 HOH HOH A . 
C 3 HOH 34 183 35 HOH HOH A . 
C 3 HOH 35 184 36 HOH HOH A . 
C 3 HOH 36 185 37 HOH HOH A . 
C 3 HOH 37 186 38 HOH HOH A . 
C 3 HOH 38 187 41 HOH HOH A . 
C 3 HOH 39 188 42 HOH HOH A . 
C 3 HOH 40 189 44 HOH HOH A . 
C 3 HOH 41 190 45 HOH HOH A . 
C 3 HOH 42 191 46 HOH HOH A . 
C 3 HOH 43 192 47 HOH HOH A . 
C 3 HOH 44 193 48 HOH HOH A . 
C 3 HOH 45 194 50 HOH HOH A . 
C 3 HOH 46 195 52 HOH HOH A . 
C 3 HOH 47 196 53 HOH HOH A . 
C 3 HOH 48 197 54 HOH HOH A . 
C 3 HOH 49 198 55 HOH HOH A . 
C 3 HOH 50 199 56 HOH HOH A . 
C 3 HOH 51 200 57 HOH HOH A . 
C 3 HOH 52 201 58 HOH HOH A . 
C 3 HOH 53 202 60 HOH HOH A . 
C 3 HOH 54 203 61 HOH HOH A . 
C 3 HOH 55 204 62 HOH HOH A . 
C 3 HOH 56 205 63 HOH HOH A . 
C 3 HOH 57 206 64 HOH HOH A . 
C 3 HOH 58 207 65 HOH HOH A . 
C 3 HOH 59 208 67 HOH HOH A . 
C 3 HOH 60 209 70 HOH HOH A . 
C 3 HOH 61 210 71 HOH HOH A . 
C 3 HOH 62 211 72 HOH HOH A . 
C 3 HOH 63 212 73 HOH HOH A . 
C 3 HOH 64 213 74 HOH HOH A . 
C 3 HOH 65 214 75 HOH HOH A . 
C 3 HOH 66 215 76 HOH HOH A . 
C 3 HOH 67 216 77 HOH HOH A . 
C 3 HOH 68 217 78 HOH HOH A . 
C 3 HOH 69 218 79 HOH HOH A . 
C 3 HOH 70 219 80 HOH HOH A . 
C 3 HOH 71 220 81 HOH HOH A . 
D 3 HOH 1  26  26 HOH HOH B . 
D 3 HOH 2  39  39 HOH HOH B . 
D 3 HOH 3  40  40 HOH HOH B . 
D 3 HOH 4  43  43 HOH HOH B . 
D 3 HOH 5  49  49 HOH HOH B . 
D 3 HOH 6  51  51 HOH HOH B . 
D 3 HOH 7  59  59 HOH HOH B . 
D 3 HOH 8  66  66 HOH HOH B . 
D 3 HOH 9  68  68 HOH HOH B . 
D 3 HOH 10 69  69 HOH HOH B . 
# 
loop_
_software.name 
_software.classification 
_software.version 
_software.citation_id 
_software.pdbx_ordinal 
HKL-2000  'data collection' .   ? 1 
SCALEPACK 'data scaling'    .   ? 2 
AMoRE     phasing           .   ? 3 
REFMAC    refinement        5.0 ? 4 
HKL-2000  'data reduction'  .   ? 5 
# 
_cell.entry_id           1M46 
_cell.length_a           48.504 
_cell.length_b           121.504 
_cell.length_c           29.082 
_cell.angle_alpha        90.00 
_cell.angle_beta         90.00 
_cell.angle_gamma        90.00 
_cell.Z_PDB              4 
_cell.pdbx_unique_axis   ? 
# 
_symmetry.entry_id                         1M46 
_symmetry.space_group_name_H-M             'P 21 21 2' 
_symmetry.pdbx_full_space_group_name_H-M   ? 
_symmetry.cell_setting                     ? 
_symmetry.Int_Tables_number                18 
# 
_exptl.entry_id          1M46 
_exptl.method            'X-RAY DIFFRACTION' 
_exptl.crystals_number   1 
# 
_exptl_crystal.id                    1 
_exptl_crystal.density_meas          ? 
_exptl_crystal.density_percent_sol   44.25 
_exptl_crystal.density_Matthews      2.21 
_exptl_crystal.description           ? 
# 
_exptl_crystal_grow.crystal_id      1 
_exptl_crystal_grow.method          'VAPOR DIFFUSION, HANGING DROP' 
_exptl_crystal_grow.temp            293 
_exptl_crystal_grow.temp_details    ? 
_exptl_crystal_grow.pH              5.6 
_exptl_crystal_grow.pdbx_details    
'ammonium sulfate, potassium/sodium tartrate, sodium citrate, pH 5.6, VAPOR DIFFUSION, HANGING DROP, temperature 293K' 
_exptl_crystal_grow.pdbx_pH_range   . 
# 
_diffrn.id                     1 
_diffrn.ambient_temp           293 
_diffrn.ambient_temp_details   ? 
_diffrn.crystal_id             1 
# 
_diffrn_detector.diffrn_id              1 
_diffrn_detector.detector               'IMAGE PLATE' 
_diffrn_detector.type                   MARRESEARCH 
_diffrn_detector.pdbx_collection_date   2000-07-01 
_diffrn_detector.details                'Charles Supper Double Mirror X-ray Focusing System' 
# 
_diffrn_radiation.diffrn_id                        1 
_diffrn_radiation.wavelength_id                    1 
_diffrn_radiation.pdbx_monochromatic_or_laue_m_l   M 
_diffrn_radiation.monochromator                    ? 
_diffrn_radiation.pdbx_diffrn_protocol             'SINGLE WAVELENGTH' 
_diffrn_radiation.pdbx_scattering_type             x-ray 
# 
_diffrn_radiation_wavelength.id           1 
_diffrn_radiation_wavelength.wavelength   1.5418 
_diffrn_radiation_wavelength.wt           1.0 
# 
_diffrn_source.diffrn_id                   1 
_diffrn_source.source                      'ROTATING ANODE' 
_diffrn_source.type                        'RIGAKU RUH3R' 
_diffrn_source.pdbx_synchrotron_site       ? 
_diffrn_source.pdbx_synchrotron_beamline   ? 
_diffrn_source.pdbx_wavelength             ? 
_diffrn_source.pdbx_wavelength_list        1.5418 
# 
_reflns.entry_id                     1M46 
_reflns.observed_criterion_sigma_F   0 
_reflns.observed_criterion_sigma_I   -3.00 
_reflns.d_resolution_high            2.103 
_reflns.d_resolution_low             45.000 
_reflns.number_all                   10540 
_reflns.number_obs                   10540 
_reflns.percent_possible_obs         99.7 
_reflns.pdbx_Rmerge_I_obs            0.075 
_reflns.pdbx_Rsym_value              ? 
_reflns.pdbx_netI_over_sigmaI        15 
_reflns.B_iso_Wilson_estimate        ? 
_reflns.pdbx_redundancy              10.4 
_reflns.R_free_details               ? 
_reflns.limit_h_max                  ? 
_reflns.limit_h_min                  ? 
_reflns.limit_k_max                  ? 
_reflns.limit_k_min                  ? 
_reflns.limit_l_max                  ? 
_reflns.limit_l_min                  ? 
_reflns.observed_criterion_F_max     ? 
_reflns.observed_criterion_F_min     ? 
_reflns.pdbx_diffrn_id               1 
_reflns.pdbx_ordinal                 1 
# 
_reflns_shell.d_res_high             2.103 
_reflns_shell.d_res_low              2.180 
_reflns_shell.percent_possible_all   98.5 
_reflns_shell.Rmerge_I_obs           0.36 
_reflns_shell.pdbx_Rsym_value        ? 
_reflns_shell.meanI_over_sigI_obs    4.2 
_reflns_shell.pdbx_redundancy        ? 
_reflns_shell.percent_possible_obs   ? 
_reflns_shell.number_unique_all      ? 
_reflns_shell.pdbx_diffrn_id         ? 
_reflns_shell.pdbx_ordinal           1 
# 
_refine.entry_id                                 1M46 
_refine.ls_number_reflns_obs                     10035 
_refine.ls_number_reflns_all                     10035 
_refine.pdbx_ls_sigma_I                          ? 
_refine.pdbx_ls_sigma_F                          0 
_refine.pdbx_data_cutoff_high_absF               ? 
_refine.pdbx_data_cutoff_low_absF                ? 
_refine.ls_d_res_low                             40.000 
_refine.ls_d_res_high                            2.103 
_refine.ls_percent_reflns_obs                    99.2 
_refine.ls_R_factor_obs                          0.2013 
_refine.ls_R_factor_all                          ? 
_refine.ls_R_factor_R_work                       0.19901 
_refine.ls_R_factor_R_free                       0.23895 
_refine.ls_R_factor_R_free_error                 ? 
_refine.ls_R_factor_R_free_error_details         ? 
_refine.ls_percent_reflns_R_free                 4.8 
_refine.ls_number_reflns_R_free                  504 
_refine.ls_number_parameters                     ? 
_refine.ls_number_restraints                     ? 
_refine.occupancy_min                            ? 
_refine.occupancy_max                            ? 
_refine.correlation_coeff_Fo_to_Fc               0.946 
_refine.correlation_coeff_Fo_to_Fc_free          0.924 
_refine.B_iso_mean                               36.784 
_refine.aniso_B[1][1]                            -0.56 
_refine.aniso_B[2][2]                            0.24 
_refine.aniso_B[3][3]                            0.32 
_refine.aniso_B[1][2]                            0.00 
_refine.aniso_B[1][3]                            0.00 
_refine.aniso_B[2][3]                            0.00 
_refine.solvent_model_details                    'BABINET MODEL WITH MASK' 
_refine.solvent_model_param_ksol                 ? 
_refine.solvent_model_param_bsol                 ? 
_refine.pdbx_solvent_vdw_probe_radii             1.40 
_refine.pdbx_solvent_ion_probe_radii             0.80 
_refine.pdbx_solvent_shrinkage_radii             0.80 
_refine.pdbx_ls_cross_valid_method               THROUGHOUT 
_refine.details                                  'CNS 1.0 was also used at the beginning of the refinement of this structure' 
_refine.pdbx_starting_model                      ? 
_refine.pdbx_method_to_determine_struct          
;Molecular replacement,  Based on another structure of a mutant of MLC1P bound to IQ4
that crystallized in a different space group and was determined in the lab by the se-met mad method
;
_refine.pdbx_isotropic_thermal_model             'overall anisotropic' 
_refine.pdbx_stereochemistry_target_values       'MAXIMUM LIKELIHOOD' 
_refine.pdbx_stereochem_target_val_spec_case     ? 
_refine.pdbx_R_Free_selection_details            RANDOM 
_refine.pdbx_overall_ESU_R_Free                  0.200 
_refine.overall_SU_B                             4.782 
_refine.ls_redundancy_reflns_obs                 ? 
_refine.B_iso_min                                ? 
_refine.B_iso_max                                ? 
_refine.overall_SU_R_Cruickshank_DPI             ? 
_refine.overall_SU_R_free                        ? 
_refine.overall_SU_ML                            0.129 
_refine.pdbx_overall_ESU_R                       0.253 
_refine.pdbx_data_cutoff_high_rms_absF           ? 
_refine.pdbx_refine_id                           'X-RAY DIFFRACTION' 
_refine.pdbx_diffrn_id                           1 
_refine.pdbx_TLS_residual_ADP_flag               ? 
_refine.pdbx_overall_phase_error                 ? 
_refine.pdbx_overall_SU_R_free_Cruickshank_DPI   ? 
_refine.pdbx_overall_SU_R_Blow_DPI               ? 
_refine.pdbx_overall_SU_R_free_Blow_DPI          ? 
# 
_refine_hist.pdbx_refine_id                   'X-RAY DIFFRACTION' 
_refine_hist.cycle_id                         LAST 
_refine_hist.pdbx_number_atoms_protein        1388 
_refine_hist.pdbx_number_atoms_nucleic_acid   0 
_refine_hist.pdbx_number_atoms_ligand         0 
_refine_hist.number_atoms_solvent             81 
_refine_hist.number_atoms_total               1469 
_refine_hist.d_res_high                       2.103 
_refine_hist.d_res_low                        40.000 
# 
loop_
_refine_ls_restr.type 
_refine_ls_restr.dev_ideal 
_refine_ls_restr.dev_ideal_target 
_refine_ls_restr.weight 
_refine_ls_restr.number 
_refine_ls_restr.pdbx_refine_id 
_refine_ls_restr.pdbx_restraint_function 
r_bond_refined_d         0.022  0.022  ? 1400 'X-RAY DIFFRACTION' ? 
r_angle_refined_deg      1.817  1.983  ? 1883 'X-RAY DIFFRACTION' ? 
r_dihedral_angle_1_deg   3.993  3.000  ? 177  'X-RAY DIFFRACTION' ? 
r_dihedral_angle_3_deg   13.496 15.000 ? 285  'X-RAY DIFFRACTION' ? 
r_chiral_restr           0.141  0.200  ? 221  'X-RAY DIFFRACTION' ? 
r_gen_planes_refined     0.009  0.020  ? 1034 'X-RAY DIFFRACTION' ? 
r_nbd_refined            0.227  0.200  ? 554  'X-RAY DIFFRACTION' ? 
r_xyhbond_nbd_refined    0.183  0.200  ? 82   'X-RAY DIFFRACTION' ? 
r_symmetry_vdw_refined   0.226  0.200  ? 54   'X-RAY DIFFRACTION' ? 
r_symmetry_hbond_refined 0.149  0.200  ? 15   'X-RAY DIFFRACTION' ? 
r_mcbond_it              1.542  1.500  ? 873  'X-RAY DIFFRACTION' ? 
r_mcangle_it             2.933  2.000  ? 1409 'X-RAY DIFFRACTION' ? 
r_scbond_it              4.446  3.000  ? 527  'X-RAY DIFFRACTION' ? 
r_scangle_it             7.574  4.500  ? 474  'X-RAY DIFFRACTION' ? 
# 
_refine_ls_shell.pdbx_total_number_of_bins_used   20 
_refine_ls_shell.d_res_high                       2.103 
_refine_ls_shell.d_res_low                        2.157 
_refine_ls_shell.number_reflns_R_work             685 
_refine_ls_shell.R_factor_R_work                  0.258 
_refine_ls_shell.percent_reflns_obs               ? 
_refine_ls_shell.R_factor_R_free                  0.286 
_refine_ls_shell.R_factor_R_free_error            ? 
_refine_ls_shell.percent_reflns_R_free            ? 
_refine_ls_shell.number_reflns_R_free             36 
_refine_ls_shell.number_reflns_obs                685 
_refine_ls_shell.redundancy_reflns_obs            ? 
_refine_ls_shell.number_reflns_all                ? 
_refine_ls_shell.pdbx_refine_id                   'X-RAY DIFFRACTION' 
_refine_ls_shell.R_factor_all                     ? 
# 
_struct.entry_id                  1M46 
_struct.title                     'CRYSTAL STRUCTURE OF MLC1P BOUND TO IQ4 OF MYO2P, A CLASS V MYOSIN' 
_struct.pdbx_model_details        ? 
_struct.pdbx_CASP_flag            ? 
_struct.pdbx_model_type_details   ? 
# 
_struct_keywords.entry_id        1M46 
_struct_keywords.pdbx_keywords   'CELL CYCLE PROTEIN' 
_struct_keywords.text            'Protein-Peptide complex, IQ motif, myosin light chain, CELL CYCLE PROTEIN' 
# 
loop_
_struct_asym.id 
_struct_asym.pdbx_blank_PDB_chainid_flag 
_struct_asym.pdbx_modified 
_struct_asym.entity_id 
_struct_asym.details 
A N N 1 ? 
B N N 2 ? 
C N N 3 ? 
D N N 3 ? 
# 
loop_
_struct_ref.id 
_struct_ref.db_name 
_struct_ref.db_code 
_struct_ref.entity_id 
_struct_ref.pdbx_seq_one_letter_code 
_struct_ref.pdbx_align_begin 
_struct_ref.pdbx_db_accession 
_struct_ref.pdbx_db_isoform 
1 UNP MLC1_YEAST 1 
;SATRANKDIFTLFDKKGQGAIAKDSLGDYLRAIGYNPTNQLVQDIINADSSLRDASSLTLDQITGLIEVNEKELDATTKA
KTEDFVKAFQVFDKESTGKVSVGDLRYMLTGLGEKLTDAEVDELLKGVEVDSNGEIDYKKFIEDVLRQ
;
2   P53141 ? 
2 UNP MYO2_YEAST 2 SVLRTITNLQKKIRKELKQRQLKQE 854 P19524 ? 
# 
loop_
_struct_ref_seq.align_id 
_struct_ref_seq.ref_id 
_struct_ref_seq.pdbx_PDB_id_code 
_struct_ref_seq.pdbx_strand_id 
_struct_ref_seq.seq_align_beg 
_struct_ref_seq.pdbx_seq_align_beg_ins_code 
_struct_ref_seq.seq_align_end 
_struct_ref_seq.pdbx_seq_align_end_ins_code 
_struct_ref_seq.pdbx_db_accession 
_struct_ref_seq.db_align_beg 
_struct_ref_seq.pdbx_db_align_beg_ins_code 
_struct_ref_seq.db_align_end 
_struct_ref_seq.pdbx_db_align_end_ins_code 
_struct_ref_seq.pdbx_auth_seq_align_beg 
_struct_ref_seq.pdbx_auth_seq_align_end 
1 1 1M46 A 1 ? 148 ? P53141 2   ? 149 ? 2   149 
2 2 1M46 B 1 ? 25  ? P19524 854 ? 878 ? 854 878 
# 
loop_
_pdbx_struct_assembly.id 
_pdbx_struct_assembly.details 
_pdbx_struct_assembly.method_details 
_pdbx_struct_assembly.oligomeric_details 
_pdbx_struct_assembly.oligomeric_count 
1 author_and_software_defined_assembly PISA dimeric    2 
2 software_defined_assembly            PISA tetrameric 4 
# 
loop_
_pdbx_struct_assembly_prop.biol_id 
_pdbx_struct_assembly_prop.type 
_pdbx_struct_assembly_prop.value 
_pdbx_struct_assembly_prop.details 
1 'ABSA (A^2)' 1920  ? 
1 MORE         -13   ? 
1 'SSA (A^2)'  11210 ? 
2 'ABSA (A^2)' 6040  ? 
2 MORE         -40   ? 
2 'SSA (A^2)'  20210 ? 
# 
loop_
_pdbx_struct_assembly_gen.assembly_id 
_pdbx_struct_assembly_gen.oper_expression 
_pdbx_struct_assembly_gen.asym_id_list 
1 1   A,B,C,D 
2 1,2 A,B,C,D 
# 
loop_
_pdbx_struct_oper_list.id 
_pdbx_struct_oper_list.type 
_pdbx_struct_oper_list.name 
_pdbx_struct_oper_list.symmetry_operation 
_pdbx_struct_oper_list.matrix[1][1] 
_pdbx_struct_oper_list.matrix[1][2] 
_pdbx_struct_oper_list.matrix[1][3] 
_pdbx_struct_oper_list.vector[1] 
_pdbx_struct_oper_list.matrix[2][1] 
_pdbx_struct_oper_list.matrix[2][2] 
_pdbx_struct_oper_list.matrix[2][3] 
_pdbx_struct_oper_list.vector[2] 
_pdbx_struct_oper_list.matrix[3][1] 
_pdbx_struct_oper_list.matrix[3][2] 
_pdbx_struct_oper_list.matrix[3][3] 
_pdbx_struct_oper_list.vector[3] 
1 'identity operation'         1_555 x,y,z     1.0000000000 0.0000000000  0.0000000000 0.0000000000  0.0000000000  1.0000000000  0.0000000000  0.0000000000   0.0000000000 0.0000000000  1.0000000000  0.0000000000  
2 'crystal symmetry operation' 2_565 -x,-y+1,z 0.0528040185 -0.7019749925 0.7102413994 -7.8221315034 -0.7019749925 -0.5319462298 -0.4735655377 -21.4598215547 0.7102413994 -0.4735655377 -0.5208577887 -9.6151626773 
# 
_struct_biol.id                    1 
_struct_biol.pdbx_parent_biol_id   ? 
_struct_biol.details               ? 
# 
loop_
_struct_conf.conf_type_id 
_struct_conf.id 
_struct_conf.pdbx_PDB_helix_id 
_struct_conf.beg_label_comp_id 
_struct_conf.beg_label_asym_id 
_struct_conf.beg_label_seq_id 
_struct_conf.pdbx_beg_PDB_ins_code 
_struct_conf.end_label_comp_id 
_struct_conf.end_label_asym_id 
_struct_conf.end_label_seq_id 
_struct_conf.pdbx_end_PDB_ins_code 
_struct_conf.beg_auth_comp_id 
_struct_conf.beg_auth_asym_id 
_struct_conf.beg_auth_seq_id 
_struct_conf.end_auth_comp_id 
_struct_conf.end_auth_asym_id 
_struct_conf.end_auth_seq_id 
_struct_conf.pdbx_PDB_helix_class 
_struct_conf.details 
_struct_conf.pdbx_PDB_helix_length 
HELX_P HELX_P1  1  ALA A 2   ? ASP A 14  ? ALA A 3   ASP A 15  1 ? 13 
HELX_P HELX_P2  2  SER A 25  ? ILE A 33  ? SER A 26  ILE A 34  1 ? 9  
HELX_P HELX_P3  3  THR A 38  ? ALA A 48  ? THR A 39  ALA A 49  1 ? 11 
HELX_P HELX_P4  4  ASP A 49  ? ASP A 54  ? ASP A 50  ASP A 55  1 ? 6  
HELX_P HELX_P5  5  LEU A 60  ? ASN A 70  ? LEU A 61  ASN A 71  1 ? 11 
HELX_P HELX_P6  6  ASN A 70  ? THR A 77  ? ASN A 71  THR A 78  1 ? 8  
HELX_P HELX_P7  7  LYS A 81  ? VAL A 91  ? LYS A 82  VAL A 92  1 ? 11 
HELX_P HELX_P8  8  VAL A 102 ? LEU A 112 ? VAL A 103 LEU A 113 1 ? 11 
HELX_P HELX_P9  9  THR A 117 ? LYS A 126 ? THR A 118 LYS A 127 1 ? 10 
HELX_P HELX_P10 10 TYR A 138 ? ARG A 147 ? TYR A 139 ARG A 148 1 ? 10 
HELX_P HELX_P11 11 SER B 1   ? GLU B 25  ? SER B 854 GLU B 878 1 ? 25 
# 
_struct_conf_type.id          HELX_P 
_struct_conf_type.criteria    ? 
_struct_conf_type.reference   ? 
# 
loop_
_struct_sheet.id 
_struct_sheet.type 
_struct_sheet.number_strands 
_struct_sheet.details 
A ? 2 ? 
B ? 2 ? 
# 
loop_
_struct_sheet_order.sheet_id 
_struct_sheet_order.range_id_1 
_struct_sheet_order.range_id_2 
_struct_sheet_order.offset 
_struct_sheet_order.sense 
A 1 2 ? anti-parallel 
B 1 2 ? anti-parallel 
# 
loop_
_struct_sheet_range.sheet_id 
_struct_sheet_range.id 
_struct_sheet_range.beg_label_comp_id 
_struct_sheet_range.beg_label_asym_id 
_struct_sheet_range.beg_label_seq_id 
_struct_sheet_range.pdbx_beg_PDB_ins_code 
_struct_sheet_range.end_label_comp_id 
_struct_sheet_range.end_label_asym_id 
_struct_sheet_range.end_label_seq_id 
_struct_sheet_range.pdbx_end_PDB_ins_code 
_struct_sheet_range.beg_auth_comp_id 
_struct_sheet_range.beg_auth_asym_id 
_struct_sheet_range.beg_auth_seq_id 
_struct_sheet_range.end_auth_comp_id 
_struct_sheet_range.end_auth_asym_id 
_struct_sheet_range.end_auth_seq_id 
A 1 ALA A 20  ? ALA A 22  ? ALA A 21  ALA A 23  
A 2 SER A 57  ? THR A 59  ? SER A 58  THR A 60  
B 1 LYS A 99  ? SER A 101 ? LYS A 100 SER A 102 
B 2 GLU A 135 ? ASP A 137 ? GLU A 136 ASP A 138 
# 
loop_
_pdbx_struct_sheet_hbond.sheet_id 
_pdbx_struct_sheet_hbond.range_id_1 
_pdbx_struct_sheet_hbond.range_id_2 
_pdbx_struct_sheet_hbond.range_1_label_atom_id 
_pdbx_struct_sheet_hbond.range_1_label_comp_id 
_pdbx_struct_sheet_hbond.range_1_label_asym_id 
_pdbx_struct_sheet_hbond.range_1_label_seq_id 
_pdbx_struct_sheet_hbond.range_1_PDB_ins_code 
_pdbx_struct_sheet_hbond.range_1_auth_atom_id 
_pdbx_struct_sheet_hbond.range_1_auth_comp_id 
_pdbx_struct_sheet_hbond.range_1_auth_asym_id 
_pdbx_struct_sheet_hbond.range_1_auth_seq_id 
_pdbx_struct_sheet_hbond.range_2_label_atom_id 
_pdbx_struct_sheet_hbond.range_2_label_comp_id 
_pdbx_struct_sheet_hbond.range_2_label_asym_id 
_pdbx_struct_sheet_hbond.range_2_label_seq_id 
_pdbx_struct_sheet_hbond.range_2_PDB_ins_code 
_pdbx_struct_sheet_hbond.range_2_auth_atom_id 
_pdbx_struct_sheet_hbond.range_2_auth_comp_id 
_pdbx_struct_sheet_hbond.range_2_auth_asym_id 
_pdbx_struct_sheet_hbond.range_2_auth_seq_id 
A 1 2 N ILE A 21  ? N ILE A 22  O LEU A 58  ? O LEU A 59  
B 1 2 N VAL A 100 ? N VAL A 101 O ILE A 136 ? O ILE A 137 
# 
loop_
_pdbx_validate_rmsd_bond.id 
_pdbx_validate_rmsd_bond.PDB_model_num 
_pdbx_validate_rmsd_bond.auth_atom_id_1 
_pdbx_validate_rmsd_bond.auth_asym_id_1 
_pdbx_validate_rmsd_bond.auth_comp_id_1 
_pdbx_validate_rmsd_bond.auth_seq_id_1 
_pdbx_validate_rmsd_bond.PDB_ins_code_1 
_pdbx_validate_rmsd_bond.label_alt_id_1 
_pdbx_validate_rmsd_bond.auth_atom_id_2 
_pdbx_validate_rmsd_bond.auth_asym_id_2 
_pdbx_validate_rmsd_bond.auth_comp_id_2 
_pdbx_validate_rmsd_bond.auth_seq_id_2 
_pdbx_validate_rmsd_bond.PDB_ins_code_2 
_pdbx_validate_rmsd_bond.label_alt_id_2 
_pdbx_validate_rmsd_bond.bond_value 
_pdbx_validate_rmsd_bond.bond_target_value 
_pdbx_validate_rmsd_bond.bond_deviation 
_pdbx_validate_rmsd_bond.bond_standard_deviation 
_pdbx_validate_rmsd_bond.linker_flag 
1 1 CA A VAL 129 ? ? CB A VAL 129 ? ? 1.671 1.543 0.128  0.021 N 
2 1 CB A ASP 132 ? ? CG A ASP 132 ? ? 1.373 1.513 -0.140 0.021 N 
# 
loop_
_pdbx_validate_rmsd_angle.id 
_pdbx_validate_rmsd_angle.PDB_model_num 
_pdbx_validate_rmsd_angle.auth_atom_id_1 
_pdbx_validate_rmsd_angle.auth_asym_id_1 
_pdbx_validate_rmsd_angle.auth_comp_id_1 
_pdbx_validate_rmsd_angle.auth_seq_id_1 
_pdbx_validate_rmsd_angle.PDB_ins_code_1 
_pdbx_validate_rmsd_angle.label_alt_id_1 
_pdbx_validate_rmsd_angle.auth_atom_id_2 
_pdbx_validate_rmsd_angle.auth_asym_id_2 
_pdbx_validate_rmsd_angle.auth_comp_id_2 
_pdbx_validate_rmsd_angle.auth_seq_id_2 
_pdbx_validate_rmsd_angle.PDB_ins_code_2 
_pdbx_validate_rmsd_angle.label_alt_id_2 
_pdbx_validate_rmsd_angle.auth_atom_id_3 
_pdbx_validate_rmsd_angle.auth_asym_id_3 
_pdbx_validate_rmsd_angle.auth_comp_id_3 
_pdbx_validate_rmsd_angle.auth_seq_id_3 
_pdbx_validate_rmsd_angle.PDB_ins_code_3 
_pdbx_validate_rmsd_angle.label_alt_id_3 
_pdbx_validate_rmsd_angle.angle_value 
_pdbx_validate_rmsd_angle.angle_target_value 
_pdbx_validate_rmsd_angle.angle_deviation 
_pdbx_validate_rmsd_angle.angle_standard_deviation 
_pdbx_validate_rmsd_angle.linker_flag 
1 1 CB A ASP 55  ? ? CG A ASP 55  ? ? OD2 A ASP 55  ? ? 124.08 118.30 5.78   0.90 N 
2 1 CB A ASP 132 ? ? CA A ASP 132 ? ? C   A ASP 132 ? ? 97.36  110.40 -13.04 2.00 N 
3 1 CB A ASP 132 ? ? CG A ASP 132 ? ? OD1 A ASP 132 ? ? 109.19 118.30 -9.11  0.90 N 
4 1 CB A ASP 132 ? ? CG A ASP 132 ? ? OD2 A ASP 132 ? ? 126.90 118.30 8.60   0.90 N 
# 
_pdbx_validate_torsion.id              1 
_pdbx_validate_torsion.PDB_model_num   1 
_pdbx_validate_torsion.auth_comp_id    ALA 
_pdbx_validate_torsion.auth_asym_id    A 
_pdbx_validate_torsion.auth_seq_id     3 
_pdbx_validate_torsion.PDB_ins_code    ? 
_pdbx_validate_torsion.label_alt_id    ? 
_pdbx_validate_torsion.phi             -50.41 
_pdbx_validate_torsion.psi             105.17 
# 
loop_
_chem_comp_atom.comp_id 
_chem_comp_atom.atom_id 
_chem_comp_atom.type_symbol 
_chem_comp_atom.pdbx_aromatic_flag 
_chem_comp_atom.pdbx_stereo_config 
_chem_comp_atom.pdbx_ordinal 
ALA N    N N N 1   
ALA CA   C N S 2   
ALA C    C N N 3   
ALA O    O N N 4   
ALA CB   C N N 5   
ALA OXT  O N N 6   
ALA H    H N N 7   
ALA H2   H N N 8   
ALA HA   H N N 9   
ALA HB1  H N N 10  
ALA HB2  H N N 11  
ALA HB3  H N N 12  
ALA HXT  H N N 13  
ARG N    N N N 14  
ARG CA   C N S 15  
ARG C    C N N 16  
ARG O    O N N 17  
ARG CB   C N N 18  
ARG CG   C N N 19  
ARG CD   C N N 20  
ARG NE   N N N 21  
ARG CZ   C N N 22  
ARG NH1  N N N 23  
ARG NH2  N N N 24  
ARG OXT  O N N 25  
ARG H    H N N 26  
ARG H2   H N N 27  
ARG HA   H N N 28  
ARG HB2  H N N 29  
ARG HB3  H N N 30  
ARG HG2  H N N 31  
ARG HG3  H N N 32  
ARG HD2  H N N 33  
ARG HD3  H N N 34  
ARG HE   H N N 35  
ARG HH11 H N N 36  
ARG HH12 H N N 37  
ARG HH21 H N N 38  
ARG HH22 H N N 39  
ARG HXT  H N N 40  
ASN N    N N N 41  
ASN CA   C N S 42  
ASN C    C N N 43  
ASN O    O N N 44  
ASN CB   C N N 45  
ASN CG   C N N 46  
ASN OD1  O N N 47  
ASN ND2  N N N 48  
ASN OXT  O N N 49  
ASN H    H N N 50  
ASN H2   H N N 51  
ASN HA   H N N 52  
ASN HB2  H N N 53  
ASN HB3  H N N 54  
ASN HD21 H N N 55  
ASN HD22 H N N 56  
ASN HXT  H N N 57  
ASP N    N N N 58  
ASP CA   C N S 59  
ASP C    C N N 60  
ASP O    O N N 61  
ASP CB   C N N 62  
ASP CG   C N N 63  
ASP OD1  O N N 64  
ASP OD2  O N N 65  
ASP OXT  O N N 66  
ASP H    H N N 67  
ASP H2   H N N 68  
ASP HA   H N N 69  
ASP HB2  H N N 70  
ASP HB3  H N N 71  
ASP HD2  H N N 72  
ASP HXT  H N N 73  
GLN N    N N N 74  
GLN CA   C N S 75  
GLN C    C N N 76  
GLN O    O N N 77  
GLN CB   C N N 78  
GLN CG   C N N 79  
GLN CD   C N N 80  
GLN OE1  O N N 81  
GLN NE2  N N N 82  
GLN OXT  O N N 83  
GLN H    H N N 84  
GLN H2   H N N 85  
GLN HA   H N N 86  
GLN HB2  H N N 87  
GLN HB3  H N N 88  
GLN HG2  H N N 89  
GLN HG3  H N N 90  
GLN HE21 H N N 91  
GLN HE22 H N N 92  
GLN HXT  H N N 93  
GLU N    N N N 94  
GLU CA   C N S 95  
GLU C    C N N 96  
GLU O    O N N 97  
GLU CB   C N N 98  
GLU CG   C N N 99  
GLU CD   C N N 100 
GLU OE1  O N N 101 
GLU OE2  O N N 102 
GLU OXT  O N N 103 
GLU H    H N N 104 
GLU H2   H N N 105 
GLU HA   H N N 106 
GLU HB2  H N N 107 
GLU HB3  H N N 108 
GLU HG2  H N N 109 
GLU HG3  H N N 110 
GLU HE2  H N N 111 
GLU HXT  H N N 112 
GLY N    N N N 113 
GLY CA   C N N 114 
GLY C    C N N 115 
GLY O    O N N 116 
GLY OXT  O N N 117 
GLY H    H N N 118 
GLY H2   H N N 119 
GLY HA2  H N N 120 
GLY HA3  H N N 121 
GLY HXT  H N N 122 
HOH O    O N N 123 
HOH H1   H N N 124 
HOH H2   H N N 125 
ILE N    N N N 126 
ILE CA   C N S 127 
ILE C    C N N 128 
ILE O    O N N 129 
ILE CB   C N S 130 
ILE CG1  C N N 131 
ILE CG2  C N N 132 
ILE CD1  C N N 133 
ILE OXT  O N N 134 
ILE H    H N N 135 
ILE H2   H N N 136 
ILE HA   H N N 137 
ILE HB   H N N 138 
ILE HG12 H N N 139 
ILE HG13 H N N 140 
ILE HG21 H N N 141 
ILE HG22 H N N 142 
ILE HG23 H N N 143 
ILE HD11 H N N 144 
ILE HD12 H N N 145 
ILE HD13 H N N 146 
ILE HXT  H N N 147 
LEU N    N N N 148 
LEU CA   C N S 149 
LEU C    C N N 150 
LEU O    O N N 151 
LEU CB   C N N 152 
LEU CG   C N N 153 
LEU CD1  C N N 154 
LEU CD2  C N N 155 
LEU OXT  O N N 156 
LEU H    H N N 157 
LEU H2   H N N 158 
LEU HA   H N N 159 
LEU HB2  H N N 160 
LEU HB3  H N N 161 
LEU HG   H N N 162 
LEU HD11 H N N 163 
LEU HD12 H N N 164 
LEU HD13 H N N 165 
LEU HD21 H N N 166 
LEU HD22 H N N 167 
LEU HD23 H N N 168 
LEU HXT  H N N 169 
LYS N    N N N 170 
LYS CA   C N S 171 
LYS C    C N N 172 
LYS O    O N N 173 
LYS CB   C N N 174 
LYS CG   C N N 175 
LYS CD   C N N 176 
LYS CE   C N N 177 
LYS NZ   N N N 178 
LYS OXT  O N N 179 
LYS H    H N N 180 
LYS H2   H N N 181 
LYS HA   H N N 182 
LYS HB2  H N N 183 
LYS HB3  H N N 184 
LYS HG2  H N N 185 
LYS HG3  H N N 186 
LYS HD2  H N N 187 
LYS HD3  H N N 188 
LYS HE2  H N N 189 
LYS HE3  H N N 190 
LYS HZ1  H N N 191 
LYS HZ2  H N N 192 
LYS HZ3  H N N 193 
LYS HXT  H N N 194 
MET N    N N N 195 
MET CA   C N S 196 
MET C    C N N 197 
MET O    O N N 198 
MET CB   C N N 199 
MET CG   C N N 200 
MET SD   S N N 201 
MET CE   C N N 202 
MET OXT  O N N 203 
MET H    H N N 204 
MET H2   H N N 205 
MET HA   H N N 206 
MET HB2  H N N 207 
MET HB3  H N N 208 
MET HG2  H N N 209 
MET HG3  H N N 210 
MET HE1  H N N 211 
MET HE2  H N N 212 
MET HE3  H N N 213 
MET HXT  H N N 214 
PHE N    N N N 215 
PHE CA   C N S 216 
PHE C    C N N 217 
PHE O    O N N 218 
PHE CB   C N N 219 
PHE CG   C Y N 220 
PHE CD1  C Y N 221 
PHE CD2  C Y N 222 
PHE CE1  C Y N 223 
PHE CE2  C Y N 224 
PHE CZ   C Y N 225 
PHE OXT  O N N 226 
PHE H    H N N 227 
PHE H2   H N N 228 
PHE HA   H N N 229 
PHE HB2  H N N 230 
PHE HB3  H N N 231 
PHE HD1  H N N 232 
PHE HD2  H N N 233 
PHE HE1  H N N 234 
PHE HE2  H N N 235 
PHE HZ   H N N 236 
PHE HXT  H N N 237 
PRO N    N N N 238 
PRO CA   C N S 239 
PRO C    C N N 240 
PRO O    O N N 241 
PRO CB   C N N 242 
PRO CG   C N N 243 
PRO CD   C N N 244 
PRO OXT  O N N 245 
PRO H    H N N 246 
PRO HA   H N N 247 
PRO HB2  H N N 248 
PRO HB3  H N N 249 
PRO HG2  H N N 250 
PRO HG3  H N N 251 
PRO HD2  H N N 252 
PRO HD3  H N N 253 
PRO HXT  H N N 254 
SER N    N N N 255 
SER CA   C N S 256 
SER C    C N N 257 
SER O    O N N 258 
SER CB   C N N 259 
SER OG   O N N 260 
SER OXT  O N N 261 
SER H    H N N 262 
SER H2   H N N 263 
SER HA   H N N 264 
SER HB2  H N N 265 
SER HB3  H N N 266 
SER HG   H N N 267 
SER HXT  H N N 268 
THR N    N N N 269 
THR CA   C N S 270 
THR C    C N N 271 
THR O    O N N 272 
THR CB   C N R 273 
THR OG1  O N N 274 
THR CG2  C N N 275 
THR OXT  O N N 276 
THR H    H N N 277 
THR H2   H N N 278 
THR HA   H N N 279 
THR HB   H N N 280 
THR HG1  H N N 281 
THR HG21 H N N 282 
THR HG22 H N N 283 
THR HG23 H N N 284 
THR HXT  H N N 285 
TYR N    N N N 286 
TYR CA   C N S 287 
TYR C    C N N 288 
TYR O    O N N 289 
TYR CB   C N N 290 
TYR CG   C Y N 291 
TYR CD1  C Y N 292 
TYR CD2  C Y N 293 
TYR CE1  C Y N 294 
TYR CE2  C Y N 295 
TYR CZ   C Y N 296 
TYR OH   O N N 297 
TYR OXT  O N N 298 
TYR H    H N N 299 
TYR H2   H N N 300 
TYR HA   H N N 301 
TYR HB2  H N N 302 
TYR HB3  H N N 303 
TYR HD1  H N N 304 
TYR HD2  H N N 305 
TYR HE1  H N N 306 
TYR HE2  H N N 307 
TYR HH   H N N 308 
TYR HXT  H N N 309 
VAL N    N N N 310 
VAL CA   C N S 311 
VAL C    C N N 312 
VAL O    O N N 313 
VAL CB   C N N 314 
VAL CG1  C N N 315 
VAL CG2  C N N 316 
VAL OXT  O N N 317 
VAL H    H N N 318 
VAL H2   H N N 319 
VAL HA   H N N 320 
VAL HB   H N N 321 
VAL HG11 H N N 322 
VAL HG12 H N N 323 
VAL HG13 H N N 324 
VAL HG21 H N N 325 
VAL HG22 H N N 326 
VAL HG23 H N N 327 
VAL HXT  H N N 328 
# 
loop_
_chem_comp_bond.comp_id 
_chem_comp_bond.atom_id_1 
_chem_comp_bond.atom_id_2 
_chem_comp_bond.value_order 
_chem_comp_bond.pdbx_aromatic_flag 
_chem_comp_bond.pdbx_stereo_config 
_chem_comp_bond.pdbx_ordinal 
ALA N   CA   sing N N 1   
ALA N   H    sing N N 2   
ALA N   H2   sing N N 3   
ALA CA  C    sing N N 4   
ALA CA  CB   sing N N 5   
ALA CA  HA   sing N N 6   
ALA C   O    doub N N 7   
ALA C   OXT  sing N N 8   
ALA CB  HB1  sing N N 9   
ALA CB  HB2  sing N N 10  
ALA CB  HB3  sing N N 11  
ALA OXT HXT  sing N N 12  
ARG N   CA   sing N N 13  
ARG N   H    sing N N 14  
ARG N   H2   sing N N 15  
ARG CA  C    sing N N 16  
ARG CA  CB   sing N N 17  
ARG CA  HA   sing N N 18  
ARG C   O    doub N N 19  
ARG C   OXT  sing N N 20  
ARG CB  CG   sing N N 21  
ARG CB  HB2  sing N N 22  
ARG CB  HB3  sing N N 23  
ARG CG  CD   sing N N 24  
ARG CG  HG2  sing N N 25  
ARG CG  HG3  sing N N 26  
ARG CD  NE   sing N N 27  
ARG CD  HD2  sing N N 28  
ARG CD  HD3  sing N N 29  
ARG NE  CZ   sing N N 30  
ARG NE  HE   sing N N 31  
ARG CZ  NH1  sing N N 32  
ARG CZ  NH2  doub N N 33  
ARG NH1 HH11 sing N N 34  
ARG NH1 HH12 sing N N 35  
ARG NH2 HH21 sing N N 36  
ARG NH2 HH22 sing N N 37  
ARG OXT HXT  sing N N 38  
ASN N   CA   sing N N 39  
ASN N   H    sing N N 40  
ASN N   H2   sing N N 41  
ASN CA  C    sing N N 42  
ASN CA  CB   sing N N 43  
ASN CA  HA   sing N N 44  
ASN C   O    doub N N 45  
ASN C   OXT  sing N N 46  
ASN CB  CG   sing N N 47  
ASN CB  HB2  sing N N 48  
ASN CB  HB3  sing N N 49  
ASN CG  OD1  doub N N 50  
ASN CG  ND2  sing N N 51  
ASN ND2 HD21 sing N N 52  
ASN ND2 HD22 sing N N 53  
ASN OXT HXT  sing N N 54  
ASP N   CA   sing N N 55  
ASP N   H    sing N N 56  
ASP N   H2   sing N N 57  
ASP CA  C    sing N N 58  
ASP CA  CB   sing N N 59  
ASP CA  HA   sing N N 60  
ASP C   O    doub N N 61  
ASP C   OXT  sing N N 62  
ASP CB  CG   sing N N 63  
ASP CB  HB2  sing N N 64  
ASP CB  HB3  sing N N 65  
ASP CG  OD1  doub N N 66  
ASP CG  OD2  sing N N 67  
ASP OD2 HD2  sing N N 68  
ASP OXT HXT  sing N N 69  
GLN N   CA   sing N N 70  
GLN N   H    sing N N 71  
GLN N   H2   sing N N 72  
GLN CA  C    sing N N 73  
GLN CA  CB   sing N N 74  
GLN CA  HA   sing N N 75  
GLN C   O    doub N N 76  
GLN C   OXT  sing N N 77  
GLN CB  CG   sing N N 78  
GLN CB  HB2  sing N N 79  
GLN CB  HB3  sing N N 80  
GLN CG  CD   sing N N 81  
GLN CG  HG2  sing N N 82  
GLN CG  HG3  sing N N 83  
GLN CD  OE1  doub N N 84  
GLN CD  NE2  sing N N 85  
GLN NE2 HE21 sing N N 86  
GLN NE2 HE22 sing N N 87  
GLN OXT HXT  sing N N 88  
GLU N   CA   sing N N 89  
GLU N   H    sing N N 90  
GLU N   H2   sing N N 91  
GLU CA  C    sing N N 92  
GLU CA  CB   sing N N 93  
GLU CA  HA   sing N N 94  
GLU C   O    doub N N 95  
GLU C   OXT  sing N N 96  
GLU CB  CG   sing N N 97  
GLU CB  HB2  sing N N 98  
GLU CB  HB3  sing N N 99  
GLU CG  CD   sing N N 100 
GLU CG  HG2  sing N N 101 
GLU CG  HG3  sing N N 102 
GLU CD  OE1  doub N N 103 
GLU CD  OE2  sing N N 104 
GLU OE2 HE2  sing N N 105 
GLU OXT HXT  sing N N 106 
GLY N   CA   sing N N 107 
GLY N   H    sing N N 108 
GLY N   H2   sing N N 109 
GLY CA  C    sing N N 110 
GLY CA  HA2  sing N N 111 
GLY CA  HA3  sing N N 112 
GLY C   O    doub N N 113 
GLY C   OXT  sing N N 114 
GLY OXT HXT  sing N N 115 
HOH O   H1   sing N N 116 
HOH O   H2   sing N N 117 
ILE N   CA   sing N N 118 
ILE N   H    sing N N 119 
ILE N   H2   sing N N 120 
ILE CA  C    sing N N 121 
ILE CA  CB   sing N N 122 
ILE CA  HA   sing N N 123 
ILE C   O    doub N N 124 
ILE C   OXT  sing N N 125 
ILE CB  CG1  sing N N 126 
ILE CB  CG2  sing N N 127 
ILE CB  HB   sing N N 128 
ILE CG1 CD1  sing N N 129 
ILE CG1 HG12 sing N N 130 
ILE CG1 HG13 sing N N 131 
ILE CG2 HG21 sing N N 132 
ILE CG2 HG22 sing N N 133 
ILE CG2 HG23 sing N N 134 
ILE CD1 HD11 sing N N 135 
ILE CD1 HD12 sing N N 136 
ILE CD1 HD13 sing N N 137 
ILE OXT HXT  sing N N 138 
LEU N   CA   sing N N 139 
LEU N   H    sing N N 140 
LEU N   H2   sing N N 141 
LEU CA  C    sing N N 142 
LEU CA  CB   sing N N 143 
LEU CA  HA   sing N N 144 
LEU C   O    doub N N 145 
LEU C   OXT  sing N N 146 
LEU CB  CG   sing N N 147 
LEU CB  HB2  sing N N 148 
LEU CB  HB3  sing N N 149 
LEU CG  CD1  sing N N 150 
LEU CG  CD2  sing N N 151 
LEU CG  HG   sing N N 152 
LEU CD1 HD11 sing N N 153 
LEU CD1 HD12 sing N N 154 
LEU CD1 HD13 sing N N 155 
LEU CD2 HD21 sing N N 156 
LEU CD2 HD22 sing N N 157 
LEU CD2 HD23 sing N N 158 
LEU OXT HXT  sing N N 159 
LYS N   CA   sing N N 160 
LYS N   H    sing N N 161 
LYS N   H2   sing N N 162 
LYS CA  C    sing N N 163 
LYS CA  CB   sing N N 164 
LYS CA  HA   sing N N 165 
LYS C   O    doub N N 166 
LYS C   OXT  sing N N 167 
LYS CB  CG   sing N N 168 
LYS CB  HB2  sing N N 169 
LYS CB  HB3  sing N N 170 
LYS CG  CD   sing N N 171 
LYS CG  HG2  sing N N 172 
LYS CG  HG3  sing N N 173 
LYS CD  CE   sing N N 174 
LYS CD  HD2  sing N N 175 
LYS CD  HD3  sing N N 176 
LYS CE  NZ   sing N N 177 
LYS CE  HE2  sing N N 178 
LYS CE  HE3  sing N N 179 
LYS NZ  HZ1  sing N N 180 
LYS NZ  HZ2  sing N N 181 
LYS NZ  HZ3  sing N N 182 
LYS OXT HXT  sing N N 183 
MET N   CA   sing N N 184 
MET N   H    sing N N 185 
MET N   H2   sing N N 186 
MET CA  C    sing N N 187 
MET CA  CB   sing N N 188 
MET CA  HA   sing N N 189 
MET C   O    doub N N 190 
MET C   OXT  sing N N 191 
MET CB  CG   sing N N 192 
MET CB  HB2  sing N N 193 
MET CB  HB3  sing N N 194 
MET CG  SD   sing N N 195 
MET CG  HG2  sing N N 196 
MET CG  HG3  sing N N 197 
MET SD  CE   sing N N 198 
MET CE  HE1  sing N N 199 
MET CE  HE2  sing N N 200 
MET CE  HE3  sing N N 201 
MET OXT HXT  sing N N 202 
PHE N   CA   sing N N 203 
PHE N   H    sing N N 204 
PHE N   H2   sing N N 205 
PHE CA  C    sing N N 206 
PHE CA  CB   sing N N 207 
PHE CA  HA   sing N N 208 
PHE C   O    doub N N 209 
PHE C   OXT  sing N N 210 
PHE CB  CG   sing N N 211 
PHE CB  HB2  sing N N 212 
PHE CB  HB3  sing N N 213 
PHE CG  CD1  doub Y N 214 
PHE CG  CD2  sing Y N 215 
PHE CD1 CE1  sing Y N 216 
PHE CD1 HD1  sing N N 217 
PHE CD2 CE2  doub Y N 218 
PHE CD2 HD2  sing N N 219 
PHE CE1 CZ   doub Y N 220 
PHE CE1 HE1  sing N N 221 
PHE CE2 CZ   sing Y N 222 
PHE CE2 HE2  sing N N 223 
PHE CZ  HZ   sing N N 224 
PHE OXT HXT  sing N N 225 
PRO N   CA   sing N N 226 
PRO N   CD   sing N N 227 
PRO N   H    sing N N 228 
PRO CA  C    sing N N 229 
PRO CA  CB   sing N N 230 
PRO CA  HA   sing N N 231 
PRO C   O    doub N N 232 
PRO C   OXT  sing N N 233 
PRO CB  CG   sing N N 234 
PRO CB  HB2  sing N N 235 
PRO CB  HB3  sing N N 236 
PRO CG  CD   sing N N 237 
PRO CG  HG2  sing N N 238 
PRO CG  HG3  sing N N 239 
PRO CD  HD2  sing N N 240 
PRO CD  HD3  sing N N 241 
PRO OXT HXT  sing N N 242 
SER N   CA   sing N N 243 
SER N   H    sing N N 244 
SER N   H2   sing N N 245 
SER CA  C    sing N N 246 
SER CA  CB   sing N N 247 
SER CA  HA   sing N N 248 
SER C   O    doub N N 249 
SER C   OXT  sing N N 250 
SER CB  OG   sing N N 251 
SER CB  HB2  sing N N 252 
SER CB  HB3  sing N N 253 
SER OG  HG   sing N N 254 
SER OXT HXT  sing N N 255 
THR N   CA   sing N N 256 
THR N   H    sing N N 257 
THR N   H2   sing N N 258 
THR CA  C    sing N N 259 
THR CA  CB   sing N N 260 
THR CA  HA   sing N N 261 
THR C   O    doub N N 262 
THR C   OXT  sing N N 263 
THR CB  OG1  sing N N 264 
THR CB  CG2  sing N N 265 
THR CB  HB   sing N N 266 
THR OG1 HG1  sing N N 267 
THR CG2 HG21 sing N N 268 
THR CG2 HG22 sing N N 269 
THR CG2 HG23 sing N N 270 
THR OXT HXT  sing N N 271 
TYR N   CA   sing N N 272 
TYR N   H    sing N N 273 
TYR N   H2   sing N N 274 
TYR CA  C    sing N N 275 
TYR CA  CB   sing N N 276 
TYR CA  HA   sing N N 277 
TYR C   O    doub N N 278 
TYR C   OXT  sing N N 279 
TYR CB  CG   sing N N 280 
TYR CB  HB2  sing N N 281 
TYR CB  HB3  sing N N 282 
TYR CG  CD1  doub Y N 283 
TYR CG  CD2  sing Y N 284 
TYR CD1 CE1  sing Y N 285 
TYR CD1 HD1  sing N N 286 
TYR CD2 CE2  doub Y N 287 
TYR CD2 HD2  sing N N 288 
TYR CE1 CZ   doub Y N 289 
TYR CE1 HE1  sing N N 290 
TYR CE2 CZ   sing Y N 291 
TYR CE2 HE2  sing N N 292 
TYR CZ  OH   sing N N 293 
TYR OH  HH   sing N N 294 
TYR OXT HXT  sing N N 295 
VAL N   CA   sing N N 296 
VAL N   H    sing N N 297 
VAL N   H2   sing N N 298 
VAL CA  C    sing N N 299 
VAL CA  CB   sing N N 300 
VAL CA  HA   sing N N 301 
VAL C   O    doub N N 302 
VAL C   OXT  sing N N 303 
VAL CB  CG1  sing N N 304 
VAL CB  CG2  sing N N 305 
VAL CB  HB   sing N N 306 
VAL CG1 HG11 sing N N 307 
VAL CG1 HG12 sing N N 308 
VAL CG1 HG13 sing N N 309 
VAL CG2 HG21 sing N N 310 
VAL CG2 HG22 sing N N 311 
VAL CG2 HG23 sing N N 312 
VAL OXT HXT  sing N N 313 
# 
_atom_sites.entry_id                    1M46 
_atom_sites.fract_transf_matrix[1][1]   0.00533892 
_atom_sites.fract_transf_matrix[1][2]   0.01754248 
_atom_sites.fract_transf_matrix[1][3]   0.00942433 
_atom_sites.fract_transf_matrix[2][1]   0.00524748 
_atom_sites.fract_transf_matrix[2][2]   0.00168636 
_atom_sites.fract_transf_matrix[2][3]   -0.00611171 
_atom_sites.fract_transf_matrix[3][1]   -0.02494827 
_atom_sites.fract_transf_matrix[3][2]   0.01663468 
_atom_sites.fract_transf_matrix[3][3]   -0.01683057 
_atom_sites.fract_transf_vector[1]      0.254418 
_atom_sites.fract_transf_vector[2]      0.509224 
_atom_sites.fract_transf_vector[3]      0.079191 
# 
loop_
_atom_type.symbol 
C 
N 
O 
S 
# 
loop_
_atom_site.group_PDB 
_atom_site.id 
_atom_site.type_symbol 
_atom_site.label_atom_id 
_atom_site.label_alt_id 
_atom_site.label_comp_id 
_atom_site.label_asym_id 
_atom_site.label_entity_id 
_atom_site.label_seq_id 
_atom_site.pdbx_PDB_ins_code 
_atom_site.Cartn_x 
_atom_site.Cartn_y 
_atom_site.Cartn_z 
_atom_site.occupancy 
_atom_site.B_iso_or_equiv 
_atom_site.pdbx_formal_charge 
_atom_site.auth_seq_id 
_atom_site.auth_comp_id 
_atom_site.auth_asym_id 
_atom_site.auth_atom_id 
_atom_site.pdbx_PDB_model_num 
ATOM   1    N N   . SER A 1 1   ? 13.681  0.673   -7.074  1.00 81.22 ? 2   SER A N   1 
ATOM   2    C CA  . SER A 1 1   ? 13.665  -0.662  -6.385  1.00 80.96 ? 2   SER A CA  1 
ATOM   3    C C   . SER A 1 1   ? 14.739  -1.602  -6.973  1.00 80.78 ? 2   SER A C   1 
ATOM   4    O O   . SER A 1 1   ? 15.714  -1.119  -7.615  1.00 80.75 ? 2   SER A O   1 
ATOM   5    C CB  . SER A 1 1   ? 12.262  -1.294  -6.455  1.00 81.17 ? 2   SER A CB  1 
ATOM   6    O OG  . SER A 1 1   ? 12.118  -2.364  -5.525  1.00 81.15 ? 2   SER A OG  1 
ATOM   7    N N   . ALA A 1 2   ? 14.554  -2.924  -6.754  1.00 79.83 ? 3   ALA A N   1 
ATOM   8    C CA  . ALA A 1 2   ? 15.484  -3.984  -7.211  1.00 78.51 ? 3   ALA A CA  1 
ATOM   9    C C   . ALA A 1 2   ? 15.800  -3.807  -8.691  1.00 76.78 ? 3   ALA A C   1 
ATOM   10   O O   . ALA A 1 2   ? 14.950  -4.057  -9.564  1.00 76.45 ? 3   ALA A O   1 
ATOM   11   C CB  . ALA A 1 2   ? 14.942  -5.429  -6.907  1.00 79.05 ? 3   ALA A CB  1 
ATOM   12   N N   . THR A 1 3   ? 17.016  -3.316  -8.940  1.00 74.65 ? 4   THR A N   1 
ATOM   13   C CA  . THR A 1 3   ? 17.481  -3.032  -10.293 1.00 72.64 ? 4   THR A CA  1 
ATOM   14   C C   . THR A 1 3   ? 17.510  -4.294  -11.128 1.00 70.28 ? 4   THR A C   1 
ATOM   15   O O   . THR A 1 3   ? 17.231  -4.234  -12.318 1.00 70.39 ? 4   THR A O   1 
ATOM   16   C CB  . THR A 1 3   ? 18.832  -2.290  -10.293 1.00 73.06 ? 4   THR A CB  1 
ATOM   17   O OG1 . THR A 1 3   ? 18.612  -0.950  -9.836  1.00 74.13 ? 4   THR A OG1 1 
ATOM   18   C CG2 . THR A 1 3   ? 19.344  -2.066  -11.705 1.00 72.77 ? 4   THR A CG2 1 
ATOM   19   N N   . ARG A 1 4   ? 17.796  -5.431  -10.494 1.00 67.07 ? 5   ARG A N   1 
ATOM   20   C CA  . ARG A 1 4   ? 17.795  -6.723  -11.185 1.00 63.56 ? 5   ARG A CA  1 
ATOM   21   C C   . ARG A 1 4   ? 16.452  -6.980  -11.904 1.00 59.59 ? 5   ARG A C   1 
ATOM   22   O O   . ARG A 1 4   ? 16.437  -7.167  -13.127 1.00 59.12 ? 5   ARG A O   1 
ATOM   23   C CB  . ARG A 1 4   ? 18.105  -7.833  -10.187 1.00 65.13 ? 5   ARG A CB  1 
ATOM   24   C CG  . ARG A 1 4   ? 18.896  -8.993  -10.747 1.00 67.20 ? 5   ARG A CG  1 
ATOM   25   C CD  . ARG A 1 4   ? 19.486  -9.865  -9.635  1.00 70.30 ? 5   ARG A CD  1 
ATOM   26   N NE  . ARG A 1 4   ? 20.538  -10.730 -10.152 1.00 72.70 ? 5   ARG A NE  1 
ATOM   27   C CZ  . ARG A 1 4   ? 21.236  -11.576 -9.412  1.00 74.15 ? 5   ARG A CZ  1 
ATOM   28   N NH1 . ARG A 1 4   ? 20.992  -11.659 -8.108  1.00 75.40 ? 5   ARG A NH1 1 
ATOM   29   N NH2 . ARG A 1 4   ? 22.175  -12.338 -9.974  1.00 73.97 ? 5   ARG A NH2 1 
ATOM   30   N N   . ALA A 1 5   ? 15.343  -6.961  -11.152 1.00 54.71 ? 6   ALA A N   1 
ATOM   31   C CA  . ALA A 1 5   ? 13.991  -7.079  -11.734 1.00 49.98 ? 6   ALA A CA  1 
ATOM   32   C C   . ALA A 1 5   ? 13.705  -5.922  -12.743 1.00 46.75 ? 6   ALA A C   1 
ATOM   33   O O   . ALA A 1 5   ? 13.403  -6.179  -13.905 1.00 44.83 ? 6   ALA A O   1 
ATOM   34   C CB  . ALA A 1 5   ? 12.958  -7.090  -10.651 1.00 50.46 ? 6   ALA A CB  1 
ATOM   35   N N   . ASN A 1 6   ? 13.848  -4.661  -12.291 1.00 43.34 ? 7   ASN A N   1 
ATOM   36   C CA  . ASN A 1 6   ? 13.640  -3.488  -13.141 1.00 40.29 ? 7   ASN A CA  1 
ATOM   37   C C   . ASN A 1 6   ? 14.366  -3.610  -14.453 1.00 37.60 ? 7   ASN A C   1 
ATOM   38   O O   . ASN A 1 6   ? 13.766  -3.390  -15.476 1.00 35.49 ? 7   ASN A O   1 
ATOM   39   C CB  . ASN A 1 6   ? 13.926  -2.132  -12.431 1.00 40.63 ? 7   ASN A CB  1 
ATOM   40   C CG  . ASN A 1 6   ? 13.068  -1.916  -11.146 1.00 43.49 ? 7   ASN A CG  1 
ATOM   41   O OD1 . ASN A 1 6   ? 13.254  -0.928  -10.436 1.00 48.42 ? 7   ASN A OD1 1 
ATOM   42   N ND2 . ASN A 1 6   ? 12.153  -2.833  -10.852 1.00 40.88 ? 7   ASN A ND2 1 
ATOM   43   N N   . LYS A 1 7   ? 15.620  -4.047  -14.425 1.00 34.75 ? 8   LYS A N   1 
ATOM   44   C CA  . LYS A 1 7   ? 16.437  -4.170  -15.620 1.00 34.28 ? 8   LYS A CA  1 
ATOM   45   C C   . LYS A 1 7   ? 15.973  -5.288  -16.543 1.00 33.44 ? 8   LYS A C   1 
ATOM   46   O O   . LYS A 1 7   ? 15.870  -5.103  -17.769 1.00 32.38 ? 8   LYS A O   1 
ATOM   47   C CB  . LYS A 1 7   ? 17.879  -4.407  -15.251 1.00 35.22 ? 8   LYS A CB  1 
ATOM   48   C CG  . LYS A 1 7   ? 18.809  -4.579  -16.442 1.00 37.70 ? 8   LYS A CG  1 
ATOM   49   C CD  . LYS A 1 7   ? 20.205  -4.631  -15.907 1.00 46.94 ? 8   LYS A CD  1 
ATOM   50   C CE  . LYS A 1 7   ? 20.932  -5.820  -16.492 1.00 50.96 ? 8   LYS A CE  1 
ATOM   51   N NZ  . LYS A 1 7   ? 22.345  -5.901  -15.895 1.00 56.70 ? 8   LYS A NZ  1 
ATOM   52   N N   . ASP A 1 8   ? 15.666  -6.434  -15.952 1.00 32.68 ? 9   ASP A N   1 
ATOM   53   C CA  . ASP A 1 8   ? 15.128  -7.554  -16.730 1.00 32.90 ? 9   ASP A CA  1 
ATOM   54   C C   . ASP A 1 8   ? 13.854  -7.178  -17.440 1.00 29.78 ? 9   ASP A C   1 
ATOM   55   O O   . ASP A 1 8   ? 13.762  -7.385  -18.613 1.00 30.90 ? 9   ASP A O   1 
ATOM   56   C CB  . ASP A 1 8   ? 14.952  -8.778  -15.827 1.00 34.98 ? 9   ASP A CB  1 
ATOM   57   C CG  . ASP A 1 8   ? 16.288  -9.365  -15.413 1.00 40.62 ? 9   ASP A CG  1 
ATOM   58   O OD1 . ASP A 1 8   ? 17.183  -9.405  -16.291 1.00 42.30 ? 9   ASP A OD1 1 
ATOM   59   O OD2 . ASP A 1 8   ? 16.532  -9.776  -14.240 1.00 47.33 ? 9   ASP A OD2 1 
ATOM   60   N N   . ILE A 1 9   ? 12.933  -6.542  -16.735 1.00 25.68 ? 10  ILE A N   1 
ATOM   61   C CA  . ILE A 1 9   ? 11.670  -6.155  -17.300 1.00 24.44 ? 10  ILE A CA  1 
ATOM   62   C C   . ILE A 1 9   ? 11.861  -5.155  -18.434 1.00 24.40 ? 10  ILE A C   1 
ATOM   63   O O   . ILE A 1 9   ? 11.106  -5.140  -19.410 1.00 22.99 ? 10  ILE A O   1 
ATOM   64   C CB  . ILE A 1 9   ? 10.768  -5.607  -16.202 1.00 22.66 ? 10  ILE A CB  1 
ATOM   65   C CG1 . ILE A 1 9   ? 10.227  -6.789  -15.424 1.00 23.74 ? 10  ILE A CG1 1 
ATOM   66   C CG2 . ILE A 1 9   ? 9.557   -4.919  -16.819 1.00 23.75 ? 10  ILE A CG2 1 
ATOM   67   C CD1 . ILE A 1 9   ? 9.592   -6.399  -14.108 1.00 24.62 ? 10  ILE A CD1 1 
ATOM   68   N N   . PHE A 1 10  ? 12.898  -4.320  -18.279 1.00 23.55 ? 11  PHE A N   1 
ATOM   69   C CA  . PHE A 1 10  ? 13.216  -3.308  -19.255 1.00 23.48 ? 11  PHE A CA  1 
ATOM   70   C C   . PHE A 1 10  ? 13.606  -3.969  -20.577 1.00 24.00 ? 11  PHE A C   1 
ATOM   71   O O   . PHE A 1 10  ? 13.171  -3.535  -21.655 1.00 22.08 ? 11  PHE A O   1 
ATOM   72   C CB  . PHE A 1 10  ? 14.305  -2.337  -18.723 1.00 23.88 ? 11  PHE A CB  1 
ATOM   73   C CG  . PHE A 1 10  ? 14.677  -1.271  -19.710 1.00 22.89 ? 11  PHE A CG  1 
ATOM   74   C CD1 . PHE A 1 10  ? 15.638  -1.507  -20.676 1.00 24.04 ? 11  PHE A CD1 1 
ATOM   75   C CD2 . PHE A 1 10  ? 14.019  -0.058  -19.708 1.00 23.52 ? 11  PHE A CD2 1 
ATOM   76   C CE1 . PHE A 1 10  ? 15.948  -0.544  -21.631 1.00 27.61 ? 11  PHE A CE1 1 
ATOM   77   C CE2 . PHE A 1 10  ? 14.340  0.937   -20.629 1.00 28.01 ? 11  PHE A CE2 1 
ATOM   78   C CZ  . PHE A 1 10  ? 15.318  0.709   -21.583 1.00 25.72 ? 11  PHE A CZ  1 
ATOM   79   N N   . THR A 1 11  ? 14.386  -5.039  -20.510 1.00 23.86 ? 12  THR A N   1 
ATOM   80   C CA  . THR A 1 11  ? 14.747  -5.710  -21.753 1.00 26.69 ? 12  THR A CA  1 
ATOM   81   C C   . THR A 1 11  ? 13.558  -6.216  -22.574 1.00 24.52 ? 12  THR A C   1 
ATOM   82   O O   . THR A 1 11  ? 13.551  -6.018  -23.781 1.00 24.21 ? 12  THR A O   1 
ATOM   83   C CB  . THR A 1 11  ? 15.751  -6.835  -21.527 1.00 26.51 ? 12  THR A CB  1 
ATOM   84   O OG1 . THR A 1 11  ? 15.246  -7.714  -20.517 1.00 38.45 ? 12  THR A OG1 1 
ATOM   85   C CG2 . THR A 1 11  ? 16.912  -6.252  -20.820 1.00 29.87 ? 12  THR A CG2 1 
ATOM   86   N N   . LEU A 1 12  ? 12.520  -6.705  -21.909 1.00 24.80 ? 13  LEU A N   1 
ATOM   87   C CA  . LEU A 1 12  ? 11.311  -7.304  -22.598 1.00 25.61 ? 13  LEU A CA  1 
ATOM   88   C C   . LEU A 1 12  ? 10.493  -6.169  -23.265 1.00 26.19 ? 13  LEU A C   1 
ATOM   89   O O   . LEU A 1 12  ? 9.810   -6.390  -24.237 1.00 26.34 ? 13  LEU A O   1 
ATOM   90   C CB  . LEU A 1 12  ? 10.470  -7.925  -21.529 1.00 25.01 ? 13  LEU A CB  1 
ATOM   91   C CG  . LEU A 1 12  ? 11.090  -9.223  -21.083 1.00 23.42 ? 13  LEU A CG  1 
ATOM   92   C CD1 . LEU A 1 12  ? 10.324  -9.662  -19.835 1.00 25.03 ? 13  LEU A CD1 1 
ATOM   93   C CD2 . LEU A 1 12  ? 10.954  -10.312 -22.257 1.00 24.79 ? 13  LEU A CD2 1 
ATOM   94   N N   . PHE A 1 13  ? 10.620  -4.934  -22.758 1.00 24.64 ? 14  PHE A N   1 
ATOM   95   C CA  . PHE A 1 13  ? 10.000  -3.782  -23.399 1.00 26.80 ? 14  PHE A CA  1 
ATOM   96   C C   . PHE A 1 13  ? 10.912  -3.301  -24.519 1.00 27.83 ? 14  PHE A C   1 
ATOM   97   O O   . PHE A 1 13  ? 10.415  -2.762  -25.466 1.00 28.97 ? 14  PHE A O   1 
ATOM   98   C CB  . PHE A 1 13  ? 9.857   -2.616  -22.429 1.00 25.75 ? 14  PHE A CB  1 
ATOM   99   C CG  . PHE A 1 13  ? 8.581   -2.650  -21.633 1.00 23.75 ? 14  PHE A CG  1 
ATOM   100  C CD1 . PHE A 1 13  ? 8.573   -3.188  -20.381 1.00 22.04 ? 14  PHE A CD1 1 
ATOM   101  C CD2 . PHE A 1 13  ? 7.370   -2.121  -22.170 1.00 20.31 ? 14  PHE A CD2 1 
ATOM   102  C CE1 . PHE A 1 13  ? 7.351   -3.223  -19.604 1.00 20.06 ? 14  PHE A CE1 1 
ATOM   103  C CE2 . PHE A 1 13  ? 6.245   -2.123  -21.439 1.00 20.20 ? 14  PHE A CE2 1 
ATOM   104  C CZ  . PHE A 1 13  ? 6.214   -2.714  -20.174 1.00 23.25 ? 14  PHE A CZ  1 
ATOM   105  N N   . ASP A 1 14  ? 12.215  -3.563  -24.468 1.00 28.57 ? 15  ASP A N   1 
ATOM   106  C CA  . ASP A 1 14  ? 13.112  -2.980  -25.486 1.00 32.75 ? 15  ASP A CA  1 
ATOM   107  C C   . ASP A 1 14  ? 13.282  -3.935  -26.703 1.00 36.15 ? 15  ASP A C   1 
ATOM   108  O O   . ASP A 1 14  ? 14.338  -4.616  -26.892 1.00 34.69 ? 15  ASP A O   1 
ATOM   109  C CB  . ASP A 1 14  ? 14.453  -2.596  -24.867 1.00 31.70 ? 15  ASP A CB  1 
ATOM   110  C CG  . ASP A 1 14  ? 15.489  -2.157  -25.906 1.00 34.41 ? 15  ASP A CG  1 
ATOM   111  O OD1 . ASP A 1 14  ? 15.113  -1.695  -27.002 1.00 36.04 ? 15  ASP A OD1 1 
ATOM   112  O OD2 . ASP A 1 14  ? 16.717  -2.202  -25.692 1.00 31.66 ? 15  ASP A OD2 1 
ATOM   113  N N   . LYS A 1 15  ? 12.228  -3.992  -27.507 1.00 39.44 ? 16  LYS A N   1 
ATOM   114  C CA  . LYS A 1 15  ? 12.287  -4.886  -28.685 1.00 44.52 ? 16  LYS A CA  1 
ATOM   115  C C   . LYS A 1 15  ? 13.257  -4.433  -29.790 1.00 44.90 ? 16  LYS A C   1 
ATOM   116  O O   . LYS A 1 15  ? 13.855  -5.303  -30.433 1.00 47.26 ? 16  LYS A O   1 
ATOM   117  C CB  . LYS A 1 15  ? 10.903  -5.245  -29.226 1.00 44.44 ? 16  LYS A CB  1 
ATOM   118  C CG  . LYS A 1 15  ? 10.106  -6.056  -28.198 1.00 50.18 ? 16  LYS A CG  1 
ATOM   119  C CD  . LYS A 1 15  ? 8.669   -6.247  -28.636 1.00 55.49 ? 16  LYS A CD  1 
ATOM   120  C CE  . LYS A 1 15  ? 7.911   -7.046  -27.556 1.00 58.32 ? 16  LYS A CE  1 
ATOM   121  N NZ  . LYS A 1 15  ? 6.592   -7.563  -28.053 1.00 58.05 ? 16  LYS A NZ  1 
ATOM   122  N N   . LYS A 1 16  ? 13.443  -3.121  -30.009 1.00 45.47 ? 17  LYS A N   1 
ATOM   123  C CA  . LYS A 1 16  ? 14.419  -2.707  -31.036 1.00 46.01 ? 17  LYS A CA  1 
ATOM   124  C C   . LYS A 1 16  ? 15.863  -3.040  -30.610 1.00 45.12 ? 17  LYS A C   1 
ATOM   125  O O   . LYS A 1 16  ? 16.778  -2.925  -31.392 1.00 45.18 ? 17  LYS A O   1 
ATOM   126  C CB  . LYS A 1 16  ? 14.350  -1.219  -31.399 1.00 46.56 ? 17  LYS A CB  1 
ATOM   127  C CG  . LYS A 1 16  ? 12.977  -0.675  -31.802 1.00 51.81 ? 17  LYS A CG  1 
ATOM   128  C CD  . LYS A 1 16  ? 12.904  0.865   -31.859 1.00 53.42 ? 17  LYS A CD  1 
ATOM   129  C CE  . LYS A 1 16  ? 11.499  1.305   -32.261 1.00 57.18 ? 17  LYS A CE  1 
ATOM   130  N NZ  . LYS A 1 16  ? 11.433  2.726   -32.739 1.00 60.77 ? 17  LYS A NZ  1 
ATOM   131  N N   . GLY A 1 17  ? 16.073  -3.440  -29.362 1.00 44.15 ? 18  GLY A N   1 
ATOM   132  C CA  . GLY A 1 17  ? 17.414  -3.649  -28.872 1.00 42.14 ? 18  GLY A CA  1 
ATOM   133  C C   . GLY A 1 17  ? 18.222  -2.347  -28.932 1.00 41.69 ? 18  GLY A C   1 
ATOM   134  O O   . GLY A 1 17  ? 19.450  -2.407  -29.032 1.00 40.67 ? 18  GLY A O   1 
ATOM   135  N N   . GLN A 1 18  ? 17.571  -1.172  -28.880 1.00 39.26 ? 19  GLN A N   1 
ATOM   136  C CA  . GLN A 1 18  ? 18.345  0.052   -28.955 1.00 38.62 ? 19  GLN A CA  1 
ATOM   137  C C   . GLN A 1 18  ? 18.656  0.635   -27.603 1.00 34.55 ? 19  GLN A C   1 
ATOM   138  O O   . GLN A 1 18  ? 19.111  1.764   -27.530 1.00 34.98 ? 19  GLN A O   1 
ATOM   139  C CB  . GLN A 1 18  ? 17.734  1.086   -29.924 1.00 40.98 ? 19  GLN A CB  1 
ATOM   140  C CG  . GLN A 1 18  ? 16.308  1.632   -29.585 1.00 47.26 ? 19  GLN A CG  1 
ATOM   141  C CD  . GLN A 1 18  ? 15.998  2.953   -30.346 1.00 55.29 ? 19  GLN A CD  1 
ATOM   142  O OE1 . GLN A 1 18  ? 15.243  3.812   -29.856 1.00 58.21 ? 19  GLN A OE1 1 
ATOM   143  N NE2 . GLN A 1 18  ? 16.584  3.105   -31.537 1.00 56.68 ? 19  GLN A NE2 1 
ATOM   144  N N   . GLY A 1 19  ? 18.403  -0.119  -26.531 1.00 31.00 ? 20  GLY A N   1 
ATOM   145  C CA  . GLY A 1 19  ? 18.675  0.398   -25.184 1.00 26.09 ? 20  GLY A CA  1 
ATOM   146  C C   . GLY A 1 19  ? 17.735  1.479   -24.687 1.00 25.72 ? 20  GLY A C   1 
ATOM   147  O O   . GLY A 1 19  ? 18.051  2.209   -23.734 1.00 25.93 ? 20  GLY A O   1 
ATOM   148  N N   . ALA A 1 20  ? 16.584  1.613   -25.328 1.00 25.15 ? 21  ALA A N   1 
ATOM   149  C CA  . ALA A 1 20  ? 15.596  2.659   -24.926 1.00 26.96 ? 21  ALA A CA  1 
ATOM   150  C C   . ALA A 1 20  ? 14.189  2.252   -25.279 1.00 28.57 ? 21  ALA A C   1 
ATOM   151  O O   . ALA A 1 20  ? 14.019  1.545   -26.253 1.00 30.08 ? 21  ALA A O   1 
ATOM   152  C CB  . ALA A 1 20  ? 15.936  3.998   -25.614 1.00 26.78 ? 21  ALA A CB  1 
ATOM   153  N N   . ILE A 1 21  ? 13.155  2.707   -24.548 1.00 28.46 ? 22  ILE A N   1 
ATOM   154  C CA  . ILE A 1 21  ? 11.787  2.347   -24.936 1.00 27.46 ? 22  ILE A CA  1 
ATOM   155  C C   . ILE A 1 21  ? 11.054  3.602   -25.231 1.00 27.56 ? 22  ILE A C   1 
ATOM   156  O O   . ILE A 1 21  ? 11.472  4.692   -24.790 1.00 26.87 ? 22  ILE A O   1 
ATOM   157  C CB  . ILE A 1 21  ? 11.085  1.597   -23.860 1.00 28.02 ? 22  ILE A CB  1 
ATOM   158  C CG1 . ILE A 1 21  ? 10.918  2.508   -22.642 1.00 25.93 ? 22  ILE A CG1 1 
ATOM   159  C CG2 . ILE A 1 21  ? 11.910  0.288   -23.546 1.00 29.23 ? 22  ILE A CG2 1 
ATOM   160  C CD1 . ILE A 1 21  ? 10.248  1.860   -21.457 1.00 32.93 ? 22  ILE A CD1 1 
ATOM   161  N N   . ALA A 1 22  ? 10.003  3.469   -26.046 1.00 27.35 ? 23  ALA A N   1 
ATOM   162  C CA  . ALA A 1 22  ? 9.121   4.578   -26.407 1.00 29.55 ? 23  ALA A CA  1 
ATOM   163  C C   . ALA A 1 22  ? 8.659   5.348   -25.175 1.00 29.77 ? 23  ALA A C   1 
ATOM   164  O O   . ALA A 1 22  ? 8.324   4.766   -24.148 1.00 27.65 ? 23  ALA A O   1 
ATOM   165  C CB  . ALA A 1 22  ? 7.889   4.016   -27.236 1.00 29.49 ? 23  ALA A CB  1 
ATOM   166  N N   . LYS A 1 23  ? 8.696   6.668   -25.238 1.00 32.05 ? 24  LYS A N   1 
ATOM   167  C CA  . LYS A 1 23  ? 8.287   7.422   -24.084 1.00 34.79 ? 24  LYS A CA  1 
ATOM   168  C C   . LYS A 1 23  ? 6.818   7.145   -23.689 1.00 36.23 ? 24  LYS A C   1 
ATOM   169  O O   . LYS A 1 23  ? 6.414   7.437   -22.547 1.00 35.59 ? 24  LYS A O   1 
ATOM   170  C CB  . LYS A 1 23  ? 8.495   8.918   -24.310 1.00 35.85 ? 24  LYS A CB  1 
ATOM   171  C CG  . LYS A 1 23  ? 8.331   9.740   -23.054 1.00 39.80 ? 24  LYS A CG  1 
ATOM   172  C CD  . LYS A 1 23  ? 8.694   11.205  -23.269 1.00 47.00 ? 24  LYS A CD  1 
ATOM   173  C CE  . LYS A 1 23  ? 7.616   11.939  -24.049 1.00 49.63 ? 24  LYS A CE  1 
ATOM   174  N NZ  . LYS A 1 23  ? 7.923   13.411  -24.146 1.00 57.73 ? 24  LYS A NZ  1 
ATOM   175  N N   . ASP A 1 24  ? 6.028   6.634   -24.628 1.00 35.67 ? 25  ASP A N   1 
ATOM   176  C CA  . ASP A 1 24  ? 4.632   6.360   -24.367 1.00 37.10 ? 25  ASP A CA  1 
ATOM   177  C C   . ASP A 1 24  ? 4.444   5.042   -23.614 1.00 35.36 ? 25  ASP A C   1 
ATOM   178  O O   . ASP A 1 24  ? 3.345   4.701   -23.180 1.00 34.84 ? 25  ASP A O   1 
ATOM   179  C CB  . ASP A 1 24  ? 3.878   6.283   -25.691 1.00 39.14 ? 25  ASP A CB  1 
ATOM   180  C CG  . ASP A 1 24  ? 3.449   7.648   -26.177 1.00 45.04 ? 25  ASP A CG  1 
ATOM   181  O OD1 . ASP A 1 24  ? 2.863   8.398   -25.370 1.00 48.47 ? 25  ASP A OD1 1 
ATOM   182  O OD2 . ASP A 1 24  ? 3.656   8.045   -27.350 1.00 54.29 ? 25  ASP A OD2 1 
ATOM   183  N N   . SER A 1 25  ? 5.494   4.242   -23.542 1.00 31.56 ? 26  SER A N   1 
ATOM   184  C CA  . SER A 1 25  ? 5.437   3.022   -22.776 1.00 30.45 ? 26  SER A CA  1 
ATOM   185  C C   . SER A 1 25  ? 5.877   3.198   -21.331 1.00 27.54 ? 26  SER A C   1 
ATOM   186  O O   . SER A 1 25  ? 5.950   2.205   -20.601 1.00 28.55 ? 26  SER A O   1 
ATOM   187  C CB  . SER A 1 25  ? 6.374   1.999   -23.401 1.00 31.53 ? 26  SER A CB  1 
ATOM   188  O OG  . SER A 1 25  ? 5.956   1.767   -24.693 1.00 34.04 ? 26  SER A OG  1 
ATOM   189  N N   . LEU A 1 26  ? 6.208   4.411   -20.918 1.00 26.02 ? 27  LEU A N   1 
ATOM   190  C CA  . LEU A 1 26  ? 6.751   4.624   -19.575 1.00 24.02 ? 27  LEU A CA  1 
ATOM   191  C C   . LEU A 1 26  ? 5.739   4.215   -18.538 1.00 23.59 ? 27  LEU A C   1 
ATOM   192  O O   . LEU A 1 26  ? 6.055   3.478   -17.592 1.00 24.02 ? 27  LEU A O   1 
ATOM   193  C CB  . LEU A 1 26  ? 7.212   6.086   -19.390 1.00 23.09 ? 27  LEU A CB  1 
ATOM   194  C CG  . LEU A 1 26  ? 7.725   6.435   -17.982 1.00 22.11 ? 27  LEU A CG  1 
ATOM   195  C CD1 . LEU A 1 26  ? 9.024   5.515   -17.654 1.00 20.32 ? 27  LEU A CD1 1 
ATOM   196  C CD2 . LEU A 1 26  ? 8.038   7.936   -17.793 1.00 24.61 ? 27  LEU A CD2 1 
ATOM   197  N N   . GLY A 1 27  ? 4.472   4.625   -18.727 1.00 24.01 ? 28  GLY A N   1 
ATOM   198  C CA  . GLY A 1 27  ? 3.425   4.197   -17.793 1.00 22.33 ? 28  GLY A CA  1 
ATOM   199  C C   . GLY A 1 27  ? 3.321   2.677   -17.654 1.00 22.79 ? 28  GLY A C   1 
ATOM   200  O O   . GLY A 1 27  ? 3.268   2.123   -16.503 1.00 21.86 ? 28  GLY A O   1 
ATOM   201  N N   . ASP A 1 28  ? 3.345   1.959   -18.794 1.00 21.95 ? 29  ASP A N   1 
ATOM   202  C CA  . ASP A 1 28  ? 3.295   0.473   -18.719 1.00 22.69 ? 29  ASP A CA  1 
ATOM   203  C C   . ASP A 1 28  ? 4.466   -0.103  -18.010 1.00 21.48 ? 29  ASP A C   1 
ATOM   204  O O   . ASP A 1 28  ? 4.350   -1.087  -17.260 1.00 21.82 ? 29  ASP A O   1 
ATOM   205  C CB  . ASP A 1 28  ? 3.256   -0.169  -20.141 1.00 24.56 ? 29  ASP A CB  1 
ATOM   206  C CG  . ASP A 1 28  ? 1.948   0.142   -20.884 1.00 31.96 ? 29  ASP A CG  1 
ATOM   207  O OD1 . ASP A 1 28  ? 1.954   0.173   -22.132 1.00 37.61 ? 29  ASP A OD1 1 
ATOM   208  O OD2 . ASP A 1 28  ? 0.879   0.415   -20.291 1.00 35.05 ? 29  ASP A OD2 1 
ATOM   209  N N   . TYR A 1 29  ? 5.663   0.436   -18.296 1.00 21.75 ? 30  TYR A N   1 
ATOM   210  C CA  . TYR A 1 29  ? 6.849   -0.079  -17.638 1.00 19.70 ? 30  TYR A CA  1 
ATOM   211  C C   . TYR A 1 29  ? 6.723   0.160   -16.092 1.00 20.68 ? 30  TYR A C   1 
ATOM   212  O O   . TYR A 1 29  ? 7.121   -0.684  -15.275 1.00 19.84 ? 30  TYR A O   1 
ATOM   213  C CB  . TYR A 1 29  ? 8.063   0.687   -18.162 1.00 21.61 ? 30  TYR A CB  1 
ATOM   214  C CG  . TYR A 1 29  ? 9.275   0.317   -17.430 1.00 17.67 ? 30  TYR A CG  1 
ATOM   215  C CD1 . TYR A 1 29  ? 9.898   -0.915  -17.652 1.00 17.75 ? 30  TYR A CD1 1 
ATOM   216  C CD2 . TYR A 1 29  ? 9.776   1.144   -16.447 1.00 18.49 ? 30  TYR A CD2 1 
ATOM   217  C CE1 . TYR A 1 29  ? 11.037  -1.296  -16.926 1.00 17.35 ? 30  TYR A CE1 1 
ATOM   218  C CE2 . TYR A 1 29  ? 10.935  0.780   -15.744 1.00 15.88 ? 30  TYR A CE2 1 
ATOM   219  C CZ  . TYR A 1 29  ? 11.536  -0.442  -15.972 1.00 19.10 ? 30  TYR A CZ  1 
ATOM   220  O OH  . TYR A 1 29  ? 12.650  -0.682  -15.191 1.00 20.49 ? 30  TYR A OH  1 
ATOM   221  N N   . LEU A 1 30  ? 6.347   1.372   -15.693 1.00 20.97 ? 31  LEU A N   1 
ATOM   222  C CA  . LEU A 1 30  ? 6.210   1.672   -14.259 1.00 22.71 ? 31  LEU A CA  1 
ATOM   223  C C   . LEU A 1 30  ? 5.147   0.761   -13.558 1.00 25.08 ? 31  LEU A C   1 
ATOM   224  O O   . LEU A 1 30  ? 5.280   0.395   -12.399 1.00 26.02 ? 31  LEU A O   1 
ATOM   225  C CB  . LEU A 1 30  ? 5.853   3.145   -14.054 1.00 22.08 ? 31  LEU A CB  1 
ATOM   226  C CG  . LEU A 1 30  ? 6.941   4.138   -14.434 1.00 22.03 ? 31  LEU A CG  1 
ATOM   227  C CD1 . LEU A 1 30  ? 6.462   5.531   -14.452 1.00 20.97 ? 31  LEU A CD1 1 
ATOM   228  C CD2 . LEU A 1 30  ? 8.122   3.992   -13.480 1.00 21.05 ? 31  LEU A CD2 1 
ATOM   229  N N   . ARG A 1 31  ? 4.106   0.386   -14.290 1.00 27.00 ? 32  ARG A N   1 
ATOM   230  C CA  . ARG A 1 31  ? 3.093   -0.522  -13.730 1.00 28.95 ? 32  ARG A CA  1 
ATOM   231  C C   . ARG A 1 31  ? 3.645   -1.912  -13.681 1.00 27.88 ? 32  ARG A C   1 
ATOM   232  O O   . ARG A 1 31  ? 3.425   -2.604  -12.705 1.00 28.59 ? 32  ARG A O   1 
ATOM   233  C CB  . ARG A 1 31  ? 1.805   -0.516  -14.582 1.00 29.10 ? 32  ARG A CB  1 
ATOM   234  C CG  . ARG A 1 31  ? 1.006   0.753   -14.369 1.00 33.36 ? 32  ARG A CG  1 
ATOM   235  C CD  . ARG A 1 31  ? -0.368  0.714   -14.991 1.00 40.39 ? 32  ARG A CD  1 
ATOM   236  N NE  . ARG A 1 31  ? -0.312  1.278   -16.318 1.00 44.09 ? 32  ARG A NE  1 
ATOM   237  C CZ  . ARG A 1 31  ? -0.331  2.586   -16.558 1.00 48.28 ? 32  ARG A CZ  1 
ATOM   238  N NH1 . ARG A 1 31  ? -0.447  3.400   -15.549 1.00 48.35 ? 32  ARG A NH1 1 
ATOM   239  N NH2 . ARG A 1 31  ? -0.263  3.077   -17.788 1.00 50.55 ? 32  ARG A NH2 1 
ATOM   240  N N   . ALA A 1 32  ? 4.376   -2.326  -14.716 1.00 26.31 ? 33  ALA A N   1 
ATOM   241  C CA  . ALA A 1 32  ? 4.917   -3.667  -14.739 1.00 26.59 ? 33  ALA A CA  1 
ATOM   242  C C   . ALA A 1 32  ? 5.872   -3.916  -13.585 1.00 26.59 ? 33  ALA A C   1 
ATOM   243  O O   . ALA A 1 32  ? 5.967   -5.047  -13.108 1.00 28.31 ? 33  ALA A O   1 
ATOM   244  C CB  . ALA A 1 32  ? 5.616   -3.981  -16.133 1.00 27.27 ? 33  ALA A CB  1 
ATOM   245  N N   . ILE A 1 33  ? 6.614   -2.898  -13.124 1.00 25.51 ? 34  ILE A N   1 
ATOM   246  C CA  . ILE A 1 33  ? 7.585   -3.137  -12.050 1.00 26.96 ? 34  ILE A CA  1 
ATOM   247  C C   . ILE A 1 33  ? 6.981   -2.947  -10.662 1.00 27.32 ? 34  ILE A C   1 
ATOM   248  O O   . ILE A 1 33  ? 7.665   -3.129  -9.668  1.00 28.29 ? 34  ILE A O   1 
ATOM   249  C CB  . ILE A 1 33  ? 8.852   -2.207  -12.168 1.00 26.92 ? 34  ILE A CB  1 
ATOM   250  C CG1 . ILE A 1 33  ? 8.455   -0.715  -12.131 1.00 26.75 ? 34  ILE A CG1 1 
ATOM   251  C CG2 . ILE A 1 33  ? 9.679   -2.661  -13.440 1.00 22.89 ? 34  ILE A CG2 1 
ATOM   252  C CD1 . ILE A 1 33  ? 9.616   0.238   -12.066 1.00 26.10 ? 34  ILE A CD1 1 
ATOM   253  N N   . GLY A 1 34  ? 5.711   -2.564  -10.605 1.00 28.08 ? 35  GLY A N   1 
ATOM   254  C CA  . GLY A 1 34  ? 4.999   -2.555  -9.348  1.00 30.76 ? 35  GLY A CA  1 
ATOM   255  C C   . GLY A 1 34  ? 4.312   -1.296  -8.896  1.00 31.42 ? 35  GLY A C   1 
ATOM   256  O O   . GLY A 1 34  ? 3.723   -1.325  -7.856  1.00 33.59 ? 35  GLY A O   1 
ATOM   257  N N   . TYR A 1 35  ? 4.379   -0.208  -9.649  1.00 30.43 ? 36  TYR A N   1 
ATOM   258  C CA  . TYR A 1 35  ? 3.805   1.040   -9.217  1.00 30.64 ? 36  TYR A CA  1 
ATOM   259  C C   . TYR A 1 35  ? 2.445   1.163   -9.851  1.00 32.70 ? 36  TYR A C   1 
ATOM   260  O O   . TYR A 1 35  ? 2.139   0.396   -10.739 1.00 32.50 ? 36  TYR A O   1 
ATOM   261  C CB  . TYR A 1 35  ? 4.721   2.226   -9.649  1.00 28.28 ? 36  TYR A CB  1 
ATOM   262  C CG  . TYR A 1 35  ? 6.092   2.249   -8.976  1.00 24.96 ? 36  TYR A CG  1 
ATOM   263  C CD1 . TYR A 1 35  ? 7.236   2.074   -9.708  1.00 23.30 ? 36  TYR A CD1 1 
ATOM   264  C CD2 . TYR A 1 35  ? 6.217   2.498   -7.597  1.00 29.12 ? 36  TYR A CD2 1 
ATOM   265  C CE1 . TYR A 1 35  ? 8.505   2.111   -9.097  1.00 27.64 ? 36  TYR A CE1 1 
ATOM   266  C CE2 . TYR A 1 35  ? 7.473   2.535   -6.971  1.00 25.56 ? 36  TYR A CE2 1 
ATOM   267  C CZ  . TYR A 1 35  ? 8.616   2.333   -7.730  1.00 28.57 ? 36  TYR A CZ  1 
ATOM   268  O OH  . TYR A 1 35  ? 9.875   2.358   -7.134  1.00 31.74 ? 36  TYR A OH  1 
ATOM   269  N N   A ASN A 1 36  ? 1.650   2.146   -9.425  0.50 33.97 ? 37  ASN A N   1 
ATOM   270  N N   B ASN A 1 36  ? 1.634   2.128   -9.417  0.50 33.72 ? 37  ASN A N   1 
ATOM   271  C CA  A ASN A 1 36  ? 0.316   2.370   -10.012 0.50 35.66 ? 37  ASN A CA  1 
ATOM   272  C CA  B ASN A 1 36  ? 0.314   2.350   -10.040 0.50 35.22 ? 37  ASN A CA  1 
ATOM   273  C C   A ASN A 1 36  ? 0.008   3.836   -10.240 0.50 36.29 ? 37  ASN A C   1 
ATOM   274  C C   B ASN A 1 36  ? 0.004   3.823   -10.254 0.50 36.03 ? 37  ASN A C   1 
ATOM   275  O O   A ASN A 1 36  ? -0.900  4.361   -9.630  0.50 36.43 ? 37  ASN A O   1 
ATOM   276  O O   B ASN A 1 36  ? -0.912  4.338   -9.648  0.50 36.19 ? 37  ASN A O   1 
ATOM   277  C CB  A ASN A 1 36  ? -0.763  1.747   -9.116  0.50 36.45 ? 37  ASN A CB  1 
ATOM   278  C CB  B ASN A 1 36  ? -0.808  1.705   -9.210  0.50 35.58 ? 37  ASN A CB  1 
ATOM   279  C CG  A ASN A 1 36  ? -0.578  0.257   -8.957  0.50 37.71 ? 37  ASN A CG  1 
ATOM   280  C CG  B ASN A 1 36  ? -2.127  1.645   -9.965  0.50 36.37 ? 37  ASN A CG  1 
ATOM   281  O OD1 A ASN A 1 36  ? -0.260  -0.233  -7.883  0.50 41.64 ? 37  ASN A OD1 1 
ATOM   282  O OD1 B ASN A 1 36  ? -2.161  1.301   -11.154 0.50 36.10 ? 37  ASN A OD1 1 
ATOM   283  N ND2 A ASN A 1 36  ? -0.740  -0.463  -10.044 0.50 42.68 ? 37  ASN A ND2 1 
ATOM   284  N ND2 B ASN A 1 36  ? -3.214  2.002   -9.290  0.50 35.96 ? 37  ASN A ND2 1 
ATOM   285  N N   . PRO A 1 37  ? 0.735   4.501   -11.136 1.00 36.97 ? 38  PRO A N   1 
ATOM   286  C CA  . PRO A 1 37  ? 0.565   5.946   -11.354 1.00 38.58 ? 38  PRO A CA  1 
ATOM   287  C C   . PRO A 1 37  ? -0.632  6.287   -12.238 1.00 38.88 ? 38  PRO A C   1 
ATOM   288  O O   . PRO A 1 37  ? -0.993  5.447   -13.027 1.00 39.05 ? 38  PRO A O   1 
ATOM   289  C CB  . PRO A 1 37  ? 1.844   6.303   -12.158 1.00 39.61 ? 38  PRO A CB  1 
ATOM   290  C CG  . PRO A 1 37  ? 2.707   5.069   -12.067 1.00 39.31 ? 38  PRO A CG  1 
ATOM   291  C CD  . PRO A 1 37  ? 1.778   3.954   -12.015 1.00 38.13 ? 38  PRO A CD  1 
ATOM   292  N N   . THR A 1 38  ? -1.237  7.464   -12.133 1.00 39.96 ? 39  THR A N   1 
ATOM   293  C CA  . THR A 1 38  ? -2.289  7.869   -13.073 1.00 42.11 ? 39  THR A CA  1 
ATOM   294  C C   . THR A 1 38  ? -1.506  8.367   -14.288 1.00 43.37 ? 39  THR A C   1 
ATOM   295  O O   . THR A 1 38  ? -0.290  8.610   -14.159 1.00 42.15 ? 39  THR A O   1 
ATOM   296  C CB  . THR A 1 38  ? -3.146  9.024   -12.489 1.00 41.28 ? 39  THR A CB  1 
ATOM   297  O OG1 . THR A 1 38  ? -2.343  10.209  -12.259 1.00 44.14 ? 39  THR A OG1 1 
ATOM   298  C CG2 . THR A 1 38  ? -3.621  8.721   -11.063 1.00 43.99 ? 39  THR A CG2 1 
ATOM   299  N N   . ASN A 1 39  ? -2.171  8.573   -15.436 1.00 45.19 ? 40  ASN A N   1 
ATOM   300  C CA  . ASN A 1 39  ? -1.541  9.198   -16.603 1.00 45.97 ? 40  ASN A CA  1 
ATOM   301  C C   . ASN A 1 39  ? -1.050  10.585  -16.239 1.00 45.01 ? 40  ASN A C   1 
ATOM   302  O O   . ASN A 1 39  ? -0.024  11.066  -16.726 1.00 45.43 ? 40  ASN A O   1 
ATOM   303  C CB  . ASN A 1 39  ? -2.526  9.260   -17.771 1.00 47.41 ? 40  ASN A CB  1 
ATOM   304  C CG  . ASN A 1 39  ? -2.860  7.892   -18.312 1.00 51.39 ? 40  ASN A CG  1 
ATOM   305  O OD1 . ASN A 1 39  ? -2.028  6.971   -18.272 1.00 56.17 ? 40  ASN A OD1 1 
ATOM   306  N ND2 . ASN A 1 39  ? -4.079  7.743   -18.841 1.00 57.45 ? 40  ASN A ND2 1 
ATOM   307  N N   . GLN A 1 40  ? -1.773  11.240  -15.354 1.00 44.69 ? 41  GLN A N   1 
ATOM   308  C CA  . GLN A 1 40  ? -1.350  12.569  -14.972 1.00 45.27 ? 41  GLN A CA  1 
ATOM   309  C C   . GLN A 1 40  ? 0.018   12.601  -14.303 1.00 43.56 ? 41  GLN A C   1 
ATOM   310  O O   . GLN A 1 40  ? 0.855   13.390  -14.689 1.00 44.68 ? 41  GLN A O   1 
ATOM   311  C CB  . GLN A 1 40  ? -2.376  13.273  -14.085 1.00 46.91 ? 41  GLN A CB  1 
ATOM   312  C CG  . GLN A 1 40  ? -3.058  14.440  -14.793 1.00 53.54 ? 41  GLN A CG  1 
ATOM   313  C CD  . GLN A 1 40  ? -2.051  15.496  -15.279 1.00 60.11 ? 41  GLN A CD  1 
ATOM   314  O OE1 . GLN A 1 40  ? -1.451  15.343  -16.352 1.00 62.18 ? 41  GLN A OE1 1 
ATOM   315  N NE2 . GLN A 1 40  ? -1.870  16.562  -14.493 1.00 63.25 ? 41  GLN A NE2 1 
ATOM   316  N N   . LEU A 1 41  ? 0.214   11.763  -13.300 1.00 40.69 ? 42  LEU A N   1 
ATOM   317  C CA  . LEU A 1 41  ? 1.480   11.645  -12.618 1.00 40.08 ? 42  LEU A CA  1 
ATOM   318  C C   . LEU A 1 41  ? 2.622   11.281  -13.578 1.00 39.40 ? 42  LEU A C   1 
ATOM   319  O O   . LEU A 1 41  ? 3.688   11.908  -13.495 1.00 40.22 ? 42  LEU A O   1 
ATOM   320  C CB  . LEU A 1 41  ? 1.385   10.596  -11.510 1.00 39.04 ? 42  LEU A CB  1 
ATOM   321  C CG  . LEU A 1 41  ? 2.700   10.410  -10.759 1.00 40.42 ? 42  LEU A CG  1 
ATOM   322  C CD1 . LEU A 1 41  ? 3.136   11.770  -10.153 1.00 36.55 ? 42  LEU A CD1 1 
ATOM   323  C CD2 . LEU A 1 41  ? 2.650   9.269   -9.705  1.00 37.40 ? 42  LEU A CD2 1 
ATOM   324  N N   . VAL A 1 42  ? 2.414   10.305  -14.467 1.00 38.57 ? 43  VAL A N   1 
ATOM   325  C CA  . VAL A 1 42  ? 3.452   9.932   -15.423 1.00 39.26 ? 43  VAL A CA  1 
ATOM   326  C C   . VAL A 1 42  ? 3.841   11.120  -16.305 1.00 40.32 ? 43  VAL A C   1 
ATOM   327  O O   . VAL A 1 42  ? 5.029   11.461  -16.404 1.00 37.93 ? 43  VAL A O   1 
ATOM   328  C CB  . VAL A 1 42  ? 2.999   8.733   -16.249 1.00 39.77 ? 43  VAL A CB  1 
ATOM   329  C CG1 . VAL A 1 42  ? 3.963   8.405   -17.405 1.00 38.63 ? 43  VAL A CG1 1 
ATOM   330  C CG2 . VAL A 1 42  ? 2.829   7.497   -15.346 1.00 35.50 ? 43  VAL A CG2 1 
ATOM   331  N N   . GLN A 1 43  ? 2.850   11.788  -16.894 1.00 42.88 ? 44  GLN A N   1 
ATOM   332  C CA  . GLN A 1 43  ? 3.137   13.005  -17.658 1.00 45.83 ? 44  GLN A CA  1 
ATOM   333  C C   . GLN A 1 43  ? 3.838   14.120  -16.825 1.00 45.94 ? 44  GLN A C   1 
ATOM   334  O O   . GLN A 1 43  ? 4.753   14.795  -17.321 1.00 45.89 ? 44  GLN A O   1 
ATOM   335  C CB  . GLN A 1 43  ? 1.877   13.553  -18.325 1.00 46.87 ? 44  GLN A CB  1 
ATOM   336  C CG  . GLN A 1 43  ? 1.395   12.717  -19.526 1.00 52.54 ? 44  GLN A CG  1 
ATOM   337  C CD  . GLN A 1 43  ? 0.062   13.200  -20.066 1.00 62.38 ? 44  GLN A CD  1 
ATOM   338  O OE1 . GLN A 1 43  ? -0.955  13.236  -19.336 1.00 66.61 ? 44  GLN A OE1 1 
ATOM   339  N NE2 . GLN A 1 43  ? 0.055   13.602  -21.344 1.00 65.82 ? 44  GLN A NE2 1 
ATOM   340  N N   . ASP A 1 44  ? 3.436   14.285  -15.561 1.00 45.83 ? 45  ASP A N   1 
ATOM   341  C CA  . ASP A 1 44  ? 4.023   15.353  -14.732 1.00 47.34 ? 45  ASP A CA  1 
ATOM   342  C C   . ASP A 1 44  ? 5.489   15.046  -14.381 1.00 46.53 ? 45  ASP A C   1 
ATOM   343  O O   . ASP A 1 44  ? 6.317   15.967  -14.309 1.00 47.49 ? 45  ASP A O   1 
ATOM   344  C CB  . ASP A 1 44  ? 3.218   15.606  -13.466 1.00 48.14 ? 45  ASP A CB  1 
ATOM   345  C CG  . ASP A 1 44  ? 1.845   16.288  -13.732 1.00 52.23 ? 45  ASP A CG  1 
ATOM   346  O OD1 . ASP A 1 44  ? 1.705   17.052  -14.712 1.00 53.88 ? 45  ASP A OD1 1 
ATOM   347  O OD2 . ASP A 1 44  ? 0.838   16.103  -12.983 1.00 54.49 ? 45  ASP A OD2 1 
ATOM   348  N N   . ILE A 1 45  ? 5.790   13.756  -14.168 1.00 44.36 ? 46  ILE A N   1 
ATOM   349  C CA  . ILE A 1 45  ? 7.150   13.286  -13.900 1.00 43.50 ? 46  ILE A CA  1 
ATOM   350  C C   . ILE A 1 45  ? 8.077   13.607  -15.090 1.00 43.86 ? 46  ILE A C   1 
ATOM   351  O O   . ILE A 1 45  ? 9.179   14.142  -14.902 1.00 43.74 ? 46  ILE A O   1 
ATOM   352  C CB  . ILE A 1 45  ? 7.074   11.777  -13.588 1.00 43.60 ? 46  ILE A CB  1 
ATOM   353  C CG1 . ILE A 1 45  ? 6.697   11.578  -12.141 1.00 39.78 ? 46  ILE A CG1 1 
ATOM   354  C CG2 . ILE A 1 45  ? 8.368   11.018  -13.906 1.00 44.75 ? 46  ILE A CG2 1 
ATOM   355  C CD1 . ILE A 1 45  ? 6.577   10.117  -11.794 1.00 44.08 ? 46  ILE A CD1 1 
ATOM   356  N N   . ILE A 1 46  ? 7.613   13.331  -16.305 1.00 44.93 ? 47  ILE A N   1 
ATOM   357  C CA  . ILE A 1 46  ? 8.360   13.603  -17.549 1.00 46.97 ? 47  ILE A CA  1 
ATOM   358  C C   . ILE A 1 46  ? 8.579   15.094  -17.800 1.00 48.35 ? 47  ILE A C   1 
ATOM   359  O O   . ILE A 1 46  ? 9.698   15.514  -18.052 1.00 47.90 ? 47  ILE A O   1 
ATOM   360  C CB  . ILE A 1 46  ? 7.647   12.998  -18.777 1.00 46.78 ? 47  ILE A CB  1 
ATOM   361  C CG1 . ILE A 1 46  ? 7.761   11.488  -18.767 1.00 46.92 ? 47  ILE A CG1 1 
ATOM   362  C CG2 . ILE A 1 46  ? 8.262   13.480  -20.104 1.00 47.63 ? 47  ILE A CG2 1 
ATOM   363  C CD1 . ILE A 1 46  ? 6.756   10.849  -19.680 1.00 50.04 ? 47  ILE A CD1 1 
ATOM   364  N N   . ASN A 1 47  ? 7.509   15.885  -17.761 1.00 51.14 ? 48  ASN A N   1 
ATOM   365  C CA  . ASN A 1 47  ? 7.620   17.334  -17.997 1.00 53.38 ? 48  ASN A CA  1 
ATOM   366  C C   . ASN A 1 47  ? 8.429   18.049  -16.964 1.00 54.13 ? 48  ASN A C   1 
ATOM   367  O O   . ASN A 1 47  ? 9.018   19.074  -17.279 1.00 54.75 ? 48  ASN A O   1 
ATOM   368  C CB  . ASN A 1 47  ? 6.244   17.975  -18.154 1.00 53.99 ? 48  ASN A CB  1 
ATOM   369  C CG  . ASN A 1 47  ? 5.372   17.222  -19.136 1.00 55.71 ? 48  ASN A CG  1 
ATOM   370  O OD1 . ASN A 1 47  ? 5.852   16.710  -20.146 1.00 58.87 ? 48  ASN A OD1 1 
ATOM   371  N ND2 . ASN A 1 47  ? 4.081   17.137  -18.839 1.00 59.73 ? 48  ASN A ND2 1 
ATOM   372  N N   . ALA A 1 48  ? 8.487   17.513  -15.745 1.00 55.36 ? 49  ALA A N   1 
ATOM   373  C CA  . ALA A 1 48  ? 9.301   18.129  -14.692 1.00 55.62 ? 49  ALA A CA  1 
ATOM   374  C C   . ALA A 1 48  ? 10.778  18.048  -15.020 1.00 56.35 ? 49  ALA A C   1 
ATOM   375  O O   . ALA A 1 48  ? 11.610  18.558  -14.259 1.00 55.99 ? 49  ALA A O   1 
ATOM   376  C CB  . ALA A 1 48  ? 9.061   17.475  -13.346 1.00 56.05 ? 49  ALA A CB  1 
ATOM   377  N N   . ASP A 1 49  ? 11.099  17.400  -16.138 1.00 56.40 ? 50  ASP A N   1 
ATOM   378  C CA  . ASP A 1 49  ? 12.492  17.219  -16.554 1.00 57.12 ? 50  ASP A CA  1 
ATOM   379  C C   . ASP A 1 49  ? 12.665  17.702  -17.996 1.00 58.14 ? 50  ASP A C   1 
ATOM   380  O O   . ASP A 1 49  ? 12.284  17.021  -18.956 1.00 57.89 ? 50  ASP A O   1 
ATOM   381  C CB  . ASP A 1 49  ? 12.914  15.743  -16.374 1.00 56.69 ? 50  ASP A CB  1 
ATOM   382  C CG  . ASP A 1 49  ? 14.390  15.515  -16.571 1.00 55.14 ? 50  ASP A CG  1 
ATOM   383  O OD1 . ASP A 1 49  ? 15.021  16.162  -17.445 1.00 53.56 ? 50  ASP A OD1 1 
ATOM   384  O OD2 . ASP A 1 49  ? 14.997  14.663  -15.898 1.00 53.75 ? 50  ASP A OD2 1 
ATOM   385  N N   . SER A 1 50  ? 13.240  18.892  -18.146 1.00 59.70 ? 51  SER A N   1 
ATOM   386  C CA  . SER A 1 50  ? 13.438  19.493  -19.477 1.00 61.38 ? 51  SER A CA  1 
ATOM   387  C C   . SER A 1 50  ? 14.188  18.583  -20.423 1.00 61.15 ? 51  SER A C   1 
ATOM   388  O O   . SER A 1 50  ? 13.853  18.492  -21.626 1.00 61.33 ? 51  SER A O   1 
ATOM   389  C CB  . SER A 1 50  ? 14.171  20.842  -19.366 1.00 62.25 ? 51  SER A CB  1 
ATOM   390  O OG  . SER A 1 50  ? 15.470  20.658  -18.791 1.00 66.34 ? 51  SER A OG  1 
ATOM   391  N N   . SER A 1 51  ? 15.201  17.902  -19.886 1.00 60.89 ? 52  SER A N   1 
ATOM   392  C CA  . SER A 1 51  ? 15.973  16.942  -20.689 1.00 61.16 ? 52  SER A CA  1 
ATOM   393  C C   . SER A 1 51  ? 15.164  15.738  -21.270 1.00 60.90 ? 52  SER A C   1 
ATOM   394  O O   . SER A 1 51  ? 15.478  15.231  -22.357 1.00 61.50 ? 52  SER A O   1 
ATOM   395  C CB  . SER A 1 51  ? 17.178  16.447  -19.904 1.00 61.22 ? 52  SER A CB  1 
ATOM   396  O OG  . SER A 1 51  ? 17.808  15.393  -20.610 1.00 63.87 ? 52  SER A OG  1 
ATOM   397  N N   . LEU A 1 52  ? 14.126  15.302  -20.554 1.00 60.22 ? 53  LEU A N   1 
ATOM   398  C CA  . LEU A 1 52  ? 13.299  14.164  -20.956 1.00 59.28 ? 53  LEU A CA  1 
ATOM   399  C C   . LEU A 1 52  ? 12.037  14.616  -21.663 1.00 59.10 ? 53  LEU A C   1 
ATOM   400  O O   . LEU A 1 52  ? 11.477  13.897  -22.515 1.00 57.93 ? 53  LEU A O   1 
ATOM   401  C CB  . LEU A 1 52  ? 12.950  13.343  -19.725 1.00 58.74 ? 53  LEU A CB  1 
ATOM   402  C CG  . LEU A 1 52  ? 14.221  12.799  -19.084 1.00 59.62 ? 53  LEU A CG  1 
ATOM   403  C CD1 . LEU A 1 52  ? 13.891  11.817  -17.987 1.00 59.73 ? 53  LEU A CD1 1 
ATOM   404  C CD2 . LEU A 1 52  ? 15.210  12.168  -20.136 1.00 59.20 ? 53  LEU A CD2 1 
ATOM   405  N N   . ARG A 1 53  ? 11.620  15.830  -21.289 1.00 59.58 ? 54  ARG A N   1 
ATOM   406  C CA  . ARG A 1 53  ? 10.414  16.501  -21.773 1.00 59.58 ? 54  ARG A CA  1 
ATOM   407  C C   . ARG A 1 53  ? 10.047  16.227  -23.249 1.00 57.87 ? 54  ARG A C   1 
ATOM   408  O O   . ARG A 1 53  ? 8.920   15.865  -23.561 1.00 57.50 ? 54  ARG A O   1 
ATOM   409  C CB  . ARG A 1 53  ? 10.511  18.016  -21.491 1.00 60.75 ? 54  ARG A CB  1 
ATOM   410  C CG  . ARG A 1 53  ? 9.254   18.798  -21.841 1.00 64.22 ? 54  ARG A CG  1 
ATOM   411  C CD  . ARG A 1 53  ? 9.341   20.272  -21.515 1.00 71.52 ? 54  ARG A CD  1 
ATOM   412  N NE  . ARG A 1 53  ? 9.901   20.488  -20.177 1.00 76.95 ? 54  ARG A NE  1 
ATOM   413  C CZ  . ARG A 1 53  ? 10.550  21.592  -19.797 1.00 80.75 ? 54  ARG A CZ  1 
ATOM   414  N NH1 . ARG A 1 53  ? 10.718  22.603  -20.651 1.00 83.23 ? 54  ARG A NH1 1 
ATOM   415  N NH2 . ARG A 1 53  ? 11.031  21.692  -18.560 1.00 82.04 ? 54  ARG A NH2 1 
ATOM   416  N N   . ASP A 1 54  ? 11.007  16.397  -24.147 1.00 55.76 ? 55  ASP A N   1 
ATOM   417  C CA  . ASP A 1 54  ? 10.734  16.275  -25.572 1.00 54.28 ? 55  ASP A CA  1 
ATOM   418  C C   . ASP A 1 54  ? 11.453  15.086  -26.237 1.00 52.62 ? 55  ASP A C   1 
ATOM   419  O O   . ASP A 1 54  ? 11.451  14.924  -27.468 1.00 52.17 ? 55  ASP A O   1 
ATOM   420  C CB  . ASP A 1 54  ? 11.052  17.606  -26.263 1.00 55.60 ? 55  ASP A CB  1 
ATOM   421  C CG  . ASP A 1 54  ? 10.258  18.793  -25.649 1.00 58.81 ? 55  ASP A CG  1 
ATOM   422  O OD1 . ASP A 1 54  ? 9.004   18.815  -25.822 1.00 60.70 ? 55  ASP A OD1 1 
ATOM   423  O OD2 . ASP A 1 54  ? 10.789  19.730  -24.966 1.00 58.80 ? 55  ASP A OD2 1 
ATOM   424  N N   . ALA A 1 55  ? 12.027  14.218  -25.412 1.00 49.53 ? 56  ALA A N   1 
ATOM   425  C CA  . ALA A 1 55  ? 12.748  13.072  -25.919 1.00 46.86 ? 56  ALA A CA  1 
ATOM   426  C C   . ALA A 1 55  ? 11.735  12.105  -26.481 1.00 45.92 ? 56  ALA A C   1 
ATOM   427  O O   . ALA A 1 55  ? 10.573  12.090  -26.053 1.00 45.39 ? 56  ALA A O   1 
ATOM   428  C CB  . ALA A 1 55  ? 13.566  12.443  -24.834 1.00 46.21 ? 56  ALA A CB  1 
ATOM   429  N N   . SER A 1 56  ? 12.194  11.336  -27.459 1.00 44.11 ? 57  SER A N   1 
ATOM   430  C CA  . SER A 1 56  ? 11.366  10.404  -28.181 1.00 42.29 ? 57  SER A CA  1 
ATOM   431  C C   . SER A 1 56  ? 11.334  8.972   -27.593 1.00 40.80 ? 57  SER A C   1 
ATOM   432  O O   . SER A 1 56  ? 10.412  8.143   -27.874 1.00 39.38 ? 57  SER A O   1 
ATOM   433  C CB  . SER A 1 56  ? 11.875  10.302  -29.624 1.00 43.37 ? 57  SER A CB  1 
ATOM   434  O OG  . SER A 1 56  ? 11.388  9.136   -30.283 1.00 45.41 ? 57  SER A OG  1 
ATOM   435  N N   . SER A 1 57  ? 12.396  8.649   -26.862 1.00 37.35 ? 58  SER A N   1 
ATOM   436  C CA  . SER A 1 57  ? 12.555  7.366   -26.192 1.00 34.86 ? 58  SER A CA  1 
ATOM   437  C C   . SER A 1 57  ? 13.371  7.559   -24.900 1.00 32.20 ? 58  SER A C   1 
ATOM   438  O O   . SER A 1 57  ? 14.026  8.585   -24.694 1.00 33.80 ? 58  SER A O   1 
ATOM   439  C CB  . SER A 1 57  ? 13.309  6.458   -27.104 1.00 35.08 ? 58  SER A CB  1 
ATOM   440  O OG  . SER A 1 57  ? 14.648  6.949   -27.137 1.00 38.46 ? 58  SER A OG  1 
ATOM   441  N N   . LEU A 1 58  ? 13.365  6.587   -24.020 1.00 28.31 ? 59  LEU A N   1 
ATOM   442  C CA  . LEU A 1 58  ? 14.038  6.781   -22.753 1.00 25.56 ? 59  LEU A CA  1 
ATOM   443  C C   . LEU A 1 58  ? 14.839  5.576   -22.461 1.00 22.80 ? 59  LEU A C   1 
ATOM   444  O O   . LEU A 1 58  ? 14.322  4.452   -22.575 1.00 21.30 ? 59  LEU A O   1 
ATOM   445  C CB  . LEU A 1 58  ? 13.024  6.991   -21.600 1.00 25.17 ? 59  LEU A CB  1 
ATOM   446  C CG  . LEU A 1 58  ? 11.928  8.072   -21.693 1.00 29.72 ? 59  LEU A CG  1 
ATOM   447  C CD1 . LEU A 1 58  ? 10.874  7.959   -20.606 1.00 30.66 ? 59  LEU A CD1 1 
ATOM   448  C CD2 . LEU A 1 58  ? 12.573  9.415   -21.564 1.00 29.65 ? 59  LEU A CD2 1 
ATOM   449  N N   . THR A 1 59  ? 16.052  5.787   -21.964 1.00 19.95 ? 60  THR A N   1 
ATOM   450  C CA  . THR A 1 59  ? 16.937  4.689   -21.642 1.00 18.40 ? 60  THR A CA  1 
ATOM   451  C C   . THR A 1 59  ? 16.687  4.160   -20.225 1.00 18.27 ? 60  THR A C   1 
ATOM   452  O O   . THR A 1 59  ? 16.066  4.832   -19.383 1.00 16.45 ? 60  THR A O   1 
ATOM   453  C CB  . THR A 1 59  ? 18.444  5.151   -21.713 1.00 20.40 ? 60  THR A CB  1 
ATOM   454  O OG1 . THR A 1 59  ? 18.703  6.171   -20.731 1.00 19.92 ? 60  THR A OG1 1 
ATOM   455  C CG2 . THR A 1 59  ? 18.806  5.785   -23.084 1.00 18.95 ? 60  THR A CG2 1 
ATOM   456  N N   . LEU A 1 60  ? 17.284  3.034   -19.894 1.00 18.10 ? 61  LEU A N   1 
ATOM   457  C CA  . LEU A 1 60  ? 17.219  2.541   -18.523 1.00 20.11 ? 61  LEU A CA  1 
ATOM   458  C C   . LEU A 1 60  ? 17.760  3.509   -17.423 1.00 19.44 ? 61  LEU A C   1 
ATOM   459  O O   . LEU A 1 60  ? 17.233  3.628   -16.315 1.00 19.28 ? 61  LEU A O   1 
ATOM   460  C CB  . LEU A 1 60  ? 17.903  1.161   -18.455 1.00 17.58 ? 61  LEU A CB  1 
ATOM   461  C CG  . LEU A 1 60  ? 17.838  0.498   -17.044 1.00 23.94 ? 61  LEU A CG  1 
ATOM   462  C CD1 . LEU A 1 60  ? 16.480  0.267   -16.528 1.00 22.84 ? 61  LEU A CD1 1 
ATOM   463  C CD2 . LEU A 1 60  ? 18.609  -0.810  -17.095 1.00 26.91 ? 61  LEU A CD2 1 
ATOM   464  N N   . ASP A 1 61  ? 18.870  4.109   -17.693 1.00 20.16 ? 62  ASP A N   1 
ATOM   465  C CA  . ASP A 1 61  ? 19.473  5.057   -16.766 1.00 21.74 ? 62  ASP A CA  1 
ATOM   466  C C   . ASP A 1 61  ? 18.560  6.273   -16.567 1.00 19.29 ? 62  ASP A C   1 
ATOM   467  O O   . ASP A 1 61  ? 18.441  6.778   -15.475 1.00 22.21 ? 62  ASP A O   1 
ATOM   468  C CB  . ASP A 1 61  ? 20.800  5.553   -17.366 1.00 24.80 ? 62  ASP A CB  1 
ATOM   469  C CG  . ASP A 1 61  ? 21.966  4.548   -17.183 1.00 32.19 ? 62  ASP A CG  1 
ATOM   470  O OD1 . ASP A 1 61  ? 21.839  3.567   -16.439 1.00 34.01 ? 62  ASP A OD1 1 
ATOM   471  O OD2 . ASP A 1 61  ? 23.062  4.683   -17.790 1.00 41.71 ? 62  ASP A OD2 1 
ATOM   472  N N   . GLN A 1 62  ? 17.987  6.817   -17.622 1.00 19.11 ? 63  GLN A N   1 
ATOM   473  C CA  . GLN A 1 62  ? 17.067  7.943   -17.520 1.00 19.99 ? 63  GLN A CA  1 
ATOM   474  C C   . GLN A 1 62  ? 15.855  7.562   -16.686 1.00 19.66 ? 63  GLN A C   1 
ATOM   475  O O   . GLN A 1 62  ? 15.445  8.341   -15.838 1.00 19.58 ? 63  GLN A O   1 
ATOM   476  C CB  . GLN A 1 62  ? 16.611  8.306   -18.922 1.00 19.60 ? 63  GLN A CB  1 
ATOM   477  C CG  . GLN A 1 62  ? 17.676  9.166   -19.618 1.00 25.31 ? 63  GLN A CG  1 
ATOM   478  C CD  . GLN A 1 62  ? 17.354  9.451   -21.082 1.00 30.08 ? 63  GLN A CD  1 
ATOM   479  O OE1 . GLN A 1 62  ? 16.700  8.688   -21.776 1.00 23.66 ? 63  GLN A OE1 1 
ATOM   480  N NE2 . GLN A 1 62  ? 17.845  10.578  -21.552 1.00 41.08 ? 63  GLN A NE2 1 
ATOM   481  N N   . ILE A 1 63  ? 15.292  6.377   -16.924 1.00 18.76 ? 64  ILE A N   1 
ATOM   482  C CA  . ILE A 1 63  ? 14.111  5.931   -16.154 1.00 19.64 ? 64  ILE A CA  1 
ATOM   483  C C   . ILE A 1 63  ? 14.432  5.679   -14.683 1.00 19.73 ? 64  ILE A C   1 
ATOM   484  O O   . ILE A 1 63  ? 13.638  6.009   -13.808 1.00 21.42 ? 64  ILE A O   1 
ATOM   485  C CB  . ILE A 1 63  ? 13.474  4.685   -16.765 1.00 19.35 ? 64  ILE A CB  1 
ATOM   486  C CG1 . ILE A 1 63  ? 12.806  5.094   -18.102 1.00 24.27 ? 64  ILE A CG1 1 
ATOM   487  C CG2 . ILE A 1 63  ? 12.367  4.119   -15.767 1.00 16.88 ? 64  ILE A CG2 1 
ATOM   488  C CD1 . ILE A 1 63  ? 12.330  3.871   -18.980 1.00 24.51 ? 64  ILE A CD1 1 
ATOM   489  N N   . THR A 1 64  ? 15.578  5.058   -14.425 1.00 20.01 ? 65  THR A N   1 
ATOM   490  C CA  . THR A 1 64  ? 16.054  4.835   -13.066 1.00 21.71 ? 65  THR A CA  1 
ATOM   491  C C   . THR A 1 64  ? 16.228  6.167   -12.284 1.00 22.34 ? 65  THR A C   1 
ATOM   492  O O   . THR A 1 64  ? 15.844  6.261   -11.107 1.00 22.83 ? 65  THR A O   1 
ATOM   493  C CB  . THR A 1 64  ? 17.363  4.072   -13.156 1.00 21.10 ? 65  THR A CB  1 
ATOM   494  O OG1 . THR A 1 64  ? 17.051  2.778   -13.658 1.00 24.09 ? 65  THR A OG1 1 
ATOM   495  C CG2 . THR A 1 64  ? 18.014  3.805   -11.738 1.00 24.48 ? 65  THR A CG2 1 
ATOM   496  N N   . GLY A 1 65  ? 16.828  7.161   -12.937 1.00 21.12 ? 66  GLY A N   1 
ATOM   497  C CA  . GLY A 1 65  ? 16.921  8.512   -12.363 1.00 23.14 ? 66  GLY A CA  1 
ATOM   498  C C   . GLY A 1 65  ? 15.567  9.155   -12.084 1.00 23.00 ? 66  GLY A C   1 
ATOM   499  O O   . GLY A 1 65  ? 15.350  9.726   -11.029 1.00 24.42 ? 66  GLY A O   1 
ATOM   500  N N   . LEU A 1 66  ? 14.643  9.025   -13.035 1.00 24.67 ? 67  LEU A N   1 
ATOM   501  C CA  . LEU A 1 66  ? 13.271  9.491   -12.854 1.00 25.06 ? 67  LEU A CA  1 
ATOM   502  C C   . LEU A 1 66  ? 12.595  8.838   -11.630 1.00 24.86 ? 67  LEU A C   1 
ATOM   503  O O   . LEU A 1 66  ? 11.902  9.499   -10.890 1.00 26.20 ? 67  LEU A O   1 
ATOM   504  C CB  . LEU A 1 66  ? 12.389  9.235   -14.079 1.00 25.43 ? 67  LEU A CB  1 
ATOM   505  C CG  . LEU A 1 66  ? 12.346  10.204  -15.229 1.00 30.66 ? 67  LEU A CG  1 
ATOM   506  C CD1 . LEU A 1 66  ? 11.498  9.689   -16.457 1.00 30.09 ? 67  LEU A CD1 1 
ATOM   507  C CD2 . LEU A 1 66  ? 11.869  11.597  -14.750 1.00 35.38 ? 67  LEU A CD2 1 
ATOM   508  N N   . ILE A 1 67  ? 12.792  7.545   -11.431 1.00 24.93 ? 68  ILE A N   1 
ATOM   509  C CA  . ILE A 1 67  ? 12.206  6.854   -10.285 1.00 24.13 ? 68  ILE A CA  1 
ATOM   510  C C   . ILE A 1 67  ? 12.761  7.389   -8.941  1.00 24.54 ? 68  ILE A C   1 
ATOM   511  O O   . ILE A 1 67  ? 12.016  7.537   -7.982  1.00 22.99 ? 68  ILE A O   1 
ATOM   512  C CB  . ILE A 1 67  ? 12.456  5.327   -10.438 1.00 22.39 ? 68  ILE A CB  1 
ATOM   513  C CG1 . ILE A 1 67  ? 11.615  4.756   -11.599 1.00 25.12 ? 68  ILE A CG1 1 
ATOM   514  C CG2 . ILE A 1 67  ? 12.129  4.525   -9.159  1.00 21.49 ? 68  ILE A CG2 1 
ATOM   515  C CD1 . ILE A 1 67  ? 11.976  3.358   -11.964 1.00 22.19 ? 68  ILE A CD1 1 
ATOM   516  N N   . GLU A 1 68  ? 14.080  7.549   -8.891  1.00 26.89 ? 69  GLU A N   1 
ATOM   517  C CA  . GLU A 1 68  ? 14.775  7.941   -7.668  1.00 27.43 ? 69  GLU A CA  1 
ATOM   518  C C   . GLU A 1 68  ? 14.399  9.358   -7.234  1.00 26.68 ? 69  GLU A C   1 
ATOM   519  O O   . GLU A 1 68  ? 14.307  9.625   -6.052  1.00 27.90 ? 69  GLU A O   1 
ATOM   520  C CB  . GLU A 1 68  ? 16.237  7.873   -7.915  1.00 28.31 ? 69  GLU A CB  1 
ATOM   521  C CG  . GLU A 1 68  ? 16.803  6.489   -7.872  1.00 35.28 ? 69  GLU A CG  1 
ATOM   522  C CD  . GLU A 1 68  ? 18.302  6.570   -7.799  1.00 48.15 ? 69  GLU A CD  1 
ATOM   523  O OE1 . GLU A 1 68  ? 18.805  7.111   -6.756  1.00 54.09 ? 69  GLU A OE1 1 
ATOM   524  O OE2 . GLU A 1 68  ? 18.975  6.135   -8.761  1.00 47.39 ? 69  GLU A OE2 1 
ATOM   525  N N   . VAL A 1 69  ? 14.127  10.240  -8.193  1.00 26.42 ? 70  VAL A N   1 
ATOM   526  C CA  . VAL A 1 69  ? 13.781  11.607  -7.829  1.00 27.41 ? 70  VAL A CA  1 
ATOM   527  C C   . VAL A 1 69  ? 12.294  11.807  -7.627  1.00 27.32 ? 70  VAL A C   1 
ATOM   528  O O   . VAL A 1 69  ? 11.848  12.900  -7.238  1.00 27.65 ? 70  VAL A O   1 
ATOM   529  C CB  . VAL A 1 69  ? 14.332  12.674  -8.786  1.00 27.03 ? 70  VAL A CB  1 
ATOM   530  C CG1 . VAL A 1 69  ? 15.840  12.583  -8.931  1.00 29.62 ? 70  VAL A CG1 1 
ATOM   531  C CG2 . VAL A 1 69  ? 13.695  12.616  -10.056 1.00 27.44 ? 70  VAL A CG2 1 
ATOM   532  N N   . ASN A 1 70  ? 11.517  10.764  -7.908  1.00 26.18 ? 71  ASN A N   1 
ATOM   533  C CA  . ASN A 1 70  ? 10.102  10.817  -7.613  1.00 25.74 ? 71  ASN A CA  1 
ATOM   534  C C   . ASN A 1 70  ? 9.734   9.627   -6.748  1.00 25.45 ? 71  ASN A C   1 
ATOM   535  O O   . ASN A 1 70  ? 8.581   9.220   -6.785  1.00 25.09 ? 71  ASN A O   1 
ATOM   536  C CB  . ASN A 1 70  ? 9.246   10.864  -8.889  1.00 25.00 ? 71  ASN A CB  1 
ATOM   537  C CG  . ASN A 1 70  ? 9.513   12.090  -9.730  1.00 27.68 ? 71  ASN A CG  1 
ATOM   538  O OD1 . ASN A 1 70  ? 8.983   13.144  -9.414  1.00 29.01 ? 71  ASN A OD1 1 
ATOM   539  N ND2 . ASN A 1 70  ? 10.375  11.982  -10.807 1.00 19.77 ? 71  ASN A ND2 1 
ATOM   540  N N   . GLU A 1 71  ? 10.662  9.097   -5.965  1.00 24.40 ? 72  GLU A N   1 
ATOM   541  C CA  . GLU A 1 71  ? 10.406  7.822   -5.292  1.00 28.90 ? 72  GLU A CA  1 
ATOM   542  C C   . GLU A 1 71  ? 9.224   7.812   -4.322  1.00 30.66 ? 72  GLU A C   1 
ATOM   543  O O   . GLU A 1 71  ? 8.479   6.843   -4.236  1.00 29.62 ? 72  GLU A O   1 
ATOM   544  C CB  . GLU A 1 71  ? 11.670  7.341   -4.589  1.00 30.47 ? 72  GLU A CB  1 
ATOM   545  C CG  . GLU A 1 71  ? 11.433  6.004   -3.938  1.00 36.79 ? 72  GLU A CG  1 
ATOM   546  C CD  . GLU A 1 71  ? 12.670  5.139   -3.842  1.00 43.79 ? 72  GLU A CD  1 
ATOM   547  O OE1 . GLU A 1 71  ? 13.764  5.675   -3.549  1.00 48.57 ? 72  GLU A OE1 1 
ATOM   548  O OE2 . GLU A 1 71  ? 12.531  3.894   -4.040  1.00 43.88 ? 72  GLU A OE2 1 
ATOM   549  N N   . LYS A 1 72  ? 9.064   8.902   -3.595  1.00 31.63 ? 73  LYS A N   1 
ATOM   550  C CA  . LYS A 1 72  ? 7.992   9.022   -2.621  1.00 33.35 ? 73  LYS A CA  1 
ATOM   551  C C   . LYS A 1 72  ? 6.639   9.094   -3.258  1.00 33.51 ? 73  LYS A C   1 
ATOM   552  O O   . LYS A 1 72  ? 5.748   8.395   -2.832  1.00 35.37 ? 73  LYS A O   1 
ATOM   553  C CB  . LYS A 1 72  ? 8.214   10.273  -1.705  1.00 34.43 ? 73  LYS A CB  1 
ATOM   554  C CG  . LYS A 1 72  ? 9.384   10.100  -0.806  1.00 36.89 ? 73  LYS A CG  1 
ATOM   555  C CD  . LYS A 1 72  ? 9.185   10.779  0.507   1.00 44.38 ? 73  LYS A CD  1 
ATOM   556  C CE  . LYS A 1 72  ? 10.501  10.747  1.241   1.00 45.72 ? 73  LYS A CE  1 
ATOM   557  N NZ  . LYS A 1 72  ? 10.480  11.648  2.437   1.00 50.17 ? 73  LYS A NZ  1 
ATOM   558  N N   A GLU A 1 73  ? 6.474   9.939   -4.268  0.50 32.99 ? 74  GLU A N   1 
ATOM   559  N N   B GLU A 1 73  ? 6.469   9.932   -4.276  0.50 33.79 ? 74  GLU A N   1 
ATOM   560  C CA  A GLU A 1 73  ? 5.200   10.018  -4.972  0.50 32.82 ? 74  GLU A CA  1 
ATOM   561  C CA  B GLU A 1 73  ? 5.181   10.010  -4.964  0.50 34.39 ? 74  GLU A CA  1 
ATOM   562  C C   A GLU A 1 73  ? 4.857   8.641   -5.557  0.50 32.28 ? 74  GLU A C   1 
ATOM   563  C C   B GLU A 1 73  ? 4.839   8.665   -5.615  0.50 33.18 ? 74  GLU A C   1 
ATOM   564  O O   A GLU A 1 73  ? 3.740   8.211   -5.468  0.50 32.11 ? 74  GLU A O   1 
ATOM   565  O O   B GLU A 1 73  ? 3.694   8.294   -5.655  0.50 32.91 ? 74  GLU A O   1 
ATOM   566  C CB  A GLU A 1 73  ? 5.241   11.071  -6.076  0.50 31.74 ? 74  GLU A CB  1 
ATOM   567  C CB  B GLU A 1 73  ? 5.162   11.125  -6.004  0.50 34.07 ? 74  GLU A CB  1 
ATOM   568  C CG  A GLU A 1 73  ? 5.700   12.441  -5.609  0.50 34.55 ? 74  GLU A CG  1 
ATOM   569  C CG  B GLU A 1 73  ? 5.832   12.397  -5.528  0.50 41.39 ? 74  GLU A CG  1 
ATOM   570  C CD  A GLU A 1 73  ? 7.221   12.677  -5.704  0.50 33.59 ? 74  GLU A CD  1 
ATOM   571  C CD  B GLU A 1 73  ? 5.455   13.616  -6.340  0.50 47.36 ? 74  GLU A CD  1 
ATOM   572  O OE1 A GLU A 1 73  ? 7.575   13.733  -6.211  0.50 35.85 ? 74  GLU A OE1 1 
ATOM   573  O OE1 B GLU A 1 73  ? 5.548   13.580  -7.591  0.50 51.48 ? 74  GLU A OE1 1 
ATOM   574  O OE2 A GLU A 1 73  ? 8.066   11.854  -5.284  0.50 29.75 ? 74  GLU A OE2 1 
ATOM   575  O OE2 B GLU A 1 73  ? 5.081   14.631  -5.716  0.50 52.12 ? 74  GLU A OE2 1 
ATOM   576  N N   . LEU A 1 74  ? 5.830   7.951   -6.141  1.00 31.83 ? 75  LEU A N   1 
ATOM   577  C CA  . LEU A 1 74  ? 5.554   6.629   -6.743  1.00 32.07 ? 75  LEU A CA  1 
ATOM   578  C C   . LEU A 1 74  ? 5.234   5.548   -5.713  1.00 32.31 ? 75  LEU A C   1 
ATOM   579  O O   . LEU A 1 74  ? 4.327   4.755   -5.931  1.00 31.17 ? 75  LEU A O   1 
ATOM   580  C CB  . LEU A 1 74  ? 6.680   6.139   -7.653  1.00 30.82 ? 75  LEU A CB  1 
ATOM   581  C CG  . LEU A 1 74  ? 6.837   6.869   -8.987  1.00 30.31 ? 75  LEU A CG  1 
ATOM   582  C CD1 . LEU A 1 74  ? 8.204   6.449   -9.680  1.00 28.77 ? 75  LEU A CD1 1 
ATOM   583  C CD2 . LEU A 1 74  ? 5.704   6.416   -9.788  1.00 29.10 ? 75  LEU A CD2 1 
ATOM   584  N N   . ASP A 1 75  ? 6.013   5.498   -4.649  1.00 33.76 ? 76  ASP A N   1 
ATOM   585  C CA  . ASP A 1 75  ? 5.712   4.602   -3.532  1.00 37.98 ? 76  ASP A CA  1 
ATOM   586  C C   . ASP A 1 75  ? 4.303   4.861   -2.973  1.00 38.76 ? 76  ASP A C   1 
ATOM   587  O O   . ASP A 1 75  ? 3.608   3.929   -2.615  1.00 41.48 ? 76  ASP A O   1 
ATOM   588  C CB  . ASP A 1 75  ? 6.757   4.739   -2.413  1.00 37.81 ? 76  ASP A CB  1 
ATOM   589  C CG  . ASP A 1 75  ? 8.025   3.917   -2.679  1.00 41.38 ? 76  ASP A CG  1 
ATOM   590  O OD1 . ASP A 1 75  ? 8.008   2.865   -3.386  1.00 42.45 ? 76  ASP A OD1 1 
ATOM   591  O OD2 . ASP A 1 75  ? 9.128   4.262   -2.186  1.00 46.96 ? 76  ASP A OD2 1 
ATOM   592  N N   . ALA A 1 76  ? 3.852   6.100   -2.988  1.00 38.92 ? 77  ALA A N   1 
ATOM   593  C CA  . ALA A 1 76  ? 2.563   6.394   -2.405  1.00 40.76 ? 77  ALA A CA  1 
ATOM   594  C C   . ALA A 1 76  ? 1.408   5.783   -3.212  1.00 41.02 ? 77  ALA A C   1 
ATOM   595  O O   . ALA A 1 76  ? 0.320   5.577   -2.644  1.00 42.71 ? 77  ALA A O   1 
ATOM   596  C CB  . ALA A 1 76  ? 2.371   7.909   -2.231  1.00 39.67 ? 77  ALA A CB  1 
ATOM   597  N N   . THR A 1 77  ? 1.647   5.446   -4.491  1.00 38.71 ? 78  THR A N   1 
ATOM   598  C CA  . THR A 1 77  ? 0.590   4.902   -5.364  1.00 36.64 ? 78  THR A CA  1 
ATOM   599  C C   . THR A 1 77  ? 0.356   3.466   -5.050  1.00 37.08 ? 78  THR A C   1 
ATOM   600  O O   . THR A 1 77  ? -0.554  2.869   -5.593  1.00 35.90 ? 78  THR A O   1 
ATOM   601  C CB  . THR A 1 77  ? 0.896   5.008   -6.918  1.00 35.99 ? 78  THR A CB  1 
ATOM   602  O OG1 . THR A 1 77  ? 2.013   4.191   -7.253  1.00 29.85 ? 78  THR A OG1 1 
ATOM   603  C CG2 . THR A 1 77  ? 1.292   6.392   -7.326  1.00 35.18 ? 78  THR A CG2 1 
ATOM   604  N N   . THR A 1 78  ? 1.241   2.871   -4.263  1.00 38.63 ? 79  THR A N   1 
ATOM   605  C CA  . THR A 1 78  ? 1.026   1.484   -3.845  1.00 40.81 ? 79  THR A CA  1 
ATOM   606  C C   . THR A 1 78  ? 0.578   1.342   -2.365  1.00 41.56 ? 79  THR A C   1 
ATOM   607  O O   . THR A 1 78  ? 0.570   0.226   -1.814  1.00 41.30 ? 79  THR A O   1 
ATOM   608  C CB  . THR A 1 78  ? 2.274   0.572   -4.092  1.00 40.40 ? 79  THR A CB  1 
ATOM   609  O OG1 . THR A 1 78  ? 3.390   1.060   -3.342  1.00 43.55 ? 79  THR A OG1 1 
ATOM   610  C CG2 . THR A 1 78  ? 2.748   0.643   -5.550  1.00 42.48 ? 79  THR A CG2 1 
ATOM   611  N N   . LYS A 1 79  ? 0.273   2.450   -1.712  1.00 41.84 ? 80  LYS A N   1 
ATOM   612  C CA  . LYS A 1 79  ? -0.091  2.355   -0.292  1.00 43.97 ? 80  LYS A CA  1 
ATOM   613  C C   . LYS A 1 79  ? -1.463  1.740   -0.108  1.00 42.59 ? 80  LYS A C   1 
ATOM   614  O O   . LYS A 1 79  ? -2.413  1.981   -0.860  1.00 42.13 ? 80  LYS A O   1 
ATOM   615  C CB  . LYS A 1 79  ? -0.059  3.730   0.399   1.00 43.80 ? 80  LYS A CB  1 
ATOM   616  C CG  . LYS A 1 79  ? -0.966  4.763   -0.288  1.00 48.25 ? 80  LYS A CG  1 
ATOM   617  C CD  . LYS A 1 79  ? -0.898  6.167   0.317   1.00 51.25 ? 80  LYS A CD  1 
ATOM   618  C CE  . LYS A 1 79  ? -1.540  7.195   -0.605  1.00 55.39 ? 80  LYS A CE  1 
ATOM   619  N NZ  . LYS A 1 79  ? -1.175  8.609   -0.189  1.00 58.37 ? 80  LYS A NZ  1 
ATOM   620  N N   . ALA A 1 80  ? -1.526  0.944   0.935   1.00 43.77 ? 81  ALA A N   1 
ATOM   621  C CA  . ALA A 1 80  ? -2.768  0.364   1.399   1.00 41.80 ? 81  ALA A CA  1 
ATOM   622  C C   . ALA A 1 80  ? -3.827  1.425   1.581   1.00 41.46 ? 81  ALA A C   1 
ATOM   623  O O   . ALA A 1 80  ? -3.575  2.528   2.065   1.00 42.58 ? 81  ALA A O   1 
ATOM   624  C CB  . ALA A 1 80  ? -2.512  -0.318  2.730   1.00 42.80 ? 81  ALA A CB  1 
ATOM   625  N N   . LYS A 1 81  ? -5.030  1.093   1.162   1.00 40.73 ? 82  LYS A N   1 
ATOM   626  C CA  . LYS A 1 81  ? -6.160  1.991   1.296   1.00 40.44 ? 82  LYS A CA  1 
ATOM   627  C C   . LYS A 1 81  ? -7.144  1.442   2.356   1.00 38.75 ? 82  LYS A C   1 
ATOM   628  O O   . LYS A 1 81  ? -7.262  0.231   2.502   1.00 37.08 ? 82  LYS A O   1 
ATOM   629  C CB  . LYS A 1 81  ? -6.908  2.059   -0.026  1.00 40.30 ? 82  LYS A CB  1 
ATOM   630  C CG  . LYS A 1 81  ? -6.117  2.790   -1.087  1.00 46.30 ? 82  LYS A CG  1 
ATOM   631  C CD  . LYS A 1 81  ? -6.938  3.110   -2.321  1.00 51.87 ? 82  LYS A CD  1 
ATOM   632  C CE  . LYS A 1 81  ? -6.032  3.760   -3.359  1.00 55.48 ? 82  LYS A CE  1 
ATOM   633  N NZ  . LYS A 1 81  ? -6.830  4.044   -4.607  1.00 57.56 ? 82  LYS A NZ  1 
ATOM   634  N N   . THR A 1 82  ? -7.868  2.322   3.023   1.00 37.48 ? 83  THR A N   1 
ATOM   635  C CA  . THR A 1 82  ? -8.894  1.892   3.963   1.00 37.60 ? 83  THR A CA  1 
ATOM   636  C C   . THR A 1 82  ? -9.767  0.814   3.350   1.00 38.26 ? 83  THR A C   1 
ATOM   637  O O   . THR A 1 82  ? -9.949  -0.250  3.909   1.00 35.58 ? 83  THR A O   1 
ATOM   638  C CB  . THR A 1 82  ? -9.737  3.096   4.347   1.00 37.06 ? 83  THR A CB  1 
ATOM   639  O OG1 . THR A 1 82  ? -8.855  4.016   4.984   1.00 38.19 ? 83  THR A OG1 1 
ATOM   640  C CG2 . THR A 1 82  ? -10.774 2.722   5.487   1.00 34.79 ? 83  THR A CG2 1 
ATOM   641  N N   . GLU A 1 83  ? -10.279 1.120   2.156   1.00 39.77 ? 84  GLU A N   1 
ATOM   642  C CA  . GLU A 1 83  ? -11.180 0.266   1.391   1.00 41.44 ? 84  GLU A CA  1 
ATOM   643  C C   . GLU A 1 83  ? -10.650 -1.112  1.202   1.00 40.26 ? 84  GLU A C   1 
ATOM   644  O O   . GLU A 1 83  ? -11.423 -2.017  1.119   1.00 41.12 ? 84  GLU A O   1 
ATOM   645  C CB  . GLU A 1 83  ? -11.421 0.861   -0.014  1.00 43.44 ? 84  GLU A CB  1 
ATOM   646  C CG  . GLU A 1 83  ? -12.219 2.171   -0.042  1.00 46.63 ? 84  GLU A CG  1 
ATOM   647  C CD  . GLU A 1 83  ? -11.604 3.280   0.764   1.00 51.34 ? 84  GLU A CD  1 
ATOM   648  O OE1 . GLU A 1 83  ? -10.396 3.585   0.592   1.00 51.95 ? 84  GLU A OE1 1 
ATOM   649  O OE2 . GLU A 1 83  ? -12.345 3.866   1.578   1.00 54.25 ? 84  GLU A OE2 1 
ATOM   650  N N   . ASP A 1 84  ? -9.335  -1.283  1.112   1.00 40.20 ? 85  ASP A N   1 
ATOM   651  C CA  . ASP A 1 84  ? -8.765  -2.623  0.955   1.00 40.45 ? 85  ASP A CA  1 
ATOM   652  C C   . ASP A 1 84  ? -9.101  -3.494  2.158   1.00 40.98 ? 85  ASP A C   1 
ATOM   653  O O   . ASP A 1 84  ? -9.278  -4.721  1.997   1.00 42.97 ? 85  ASP A O   1 
ATOM   654  C CB  . ASP A 1 84  ? -7.224  -2.628  0.818   1.00 40.64 ? 85  ASP A CB  1 
ATOM   655  C CG  . ASP A 1 84  ? -6.718  -1.859  -0.429  1.00 43.83 ? 85  ASP A CG  1 
ATOM   656  O OD1 . ASP A 1 84  ? -7.379  -1.915  -1.500  1.00 47.51 ? 85  ASP A OD1 1 
ATOM   657  O OD2 . ASP A 1 84  ? -5.691  -1.151  -0.391  1.00 39.66 ? 85  ASP A OD2 1 
ATOM   658  N N   . PHE A 1 85  ? -9.207  -2.885  3.340   1.00 38.44 ? 86  PHE A N   1 
ATOM   659  C CA  . PHE A 1 85  ? -9.418  -3.676  4.577   1.00 36.89 ? 86  PHE A CA  1 
ATOM   660  C C   . PHE A 1 85  ? -10.854 -3.861  5.034   1.00 35.80 ? 86  PHE A C   1 
ATOM   661  O O   . PHE A 1 85  ? -11.167 -4.842  5.681   1.00 34.85 ? 86  PHE A O   1 
ATOM   662  C CB  . PHE A 1 85  ? -8.525  -3.143  5.722   1.00 36.02 ? 86  PHE A CB  1 
ATOM   663  C CG  . PHE A 1 85  ? -7.045  -3.218  5.391   1.00 34.28 ? 86  PHE A CG  1 
ATOM   664  C CD1 . PHE A 1 85  ? -6.388  -2.080  4.961   1.00 34.42 ? 86  PHE A CD1 1 
ATOM   665  C CD2 . PHE A 1 85  ? -6.349  -4.423  5.407   1.00 30.80 ? 86  PHE A CD2 1 
ATOM   666  C CE1 . PHE A 1 85  ? -5.055  -2.119  4.586   1.00 36.41 ? 86  PHE A CE1 1 
ATOM   667  C CE2 . PHE A 1 85  ? -5.004  -4.461  5.044   1.00 31.36 ? 86  PHE A CE2 1 
ATOM   668  C CZ  . PHE A 1 85  ? -4.361  -3.306  4.631   1.00 34.51 ? 86  PHE A CZ  1 
ATOM   669  N N   . VAL A 1 86  ? -11.699 -2.894  4.726   1.00 35.26 ? 87  VAL A N   1 
ATOM   670  C CA  . VAL A 1 86  ? -13.050 -2.845  5.201   1.00 36.54 ? 87  VAL A CA  1 
ATOM   671  C C   . VAL A 1 86  ? -13.808 -4.182  4.898   1.00 37.54 ? 87  VAL A C   1 
ATOM   672  O O   . VAL A 1 86  ? -14.679 -4.585  5.668   1.00 36.64 ? 87  VAL A O   1 
ATOM   673  C CB  . VAL A 1 86  ? -13.766 -1.550  4.697   1.00 36.29 ? 87  VAL A CB  1 
ATOM   674  C CG1 . VAL A 1 86  ? -15.172 -1.428  5.187   1.00 41.23 ? 87  VAL A CG1 1 
ATOM   675  C CG2 . VAL A 1 86  ? -13.119 -0.309  5.234   1.00 39.06 ? 87  VAL A CG2 1 
ATOM   676  N N   . LYS A 1 87  ? -13.426 -4.858  3.807   1.00 36.99 ? 88  LYS A N   1 
ATOM   677  C CA  . LYS A 1 87  ? -13.988 -6.136  3.373   1.00 38.08 ? 88  LYS A CA  1 
ATOM   678  C C   . LYS A 1 87  ? -13.838 -7.194  4.433   1.00 36.35 ? 88  LYS A C   1 
ATOM   679  O O   . LYS A 1 87  ? -14.705 -8.016  4.645   1.00 39.39 ? 88  LYS A O   1 
ATOM   680  C CB  . LYS A 1 87  ? -13.264 -6.592  2.089   1.00 38.24 ? 88  LYS A CB  1 
ATOM   681  C CG  . LYS A 1 87  ? -13.890 -7.756  1.413   1.00 45.91 ? 88  LYS A CG  1 
ATOM   682  C CD  . LYS A 1 87  ? -13.162 -8.161  0.106   1.00 57.31 ? 88  LYS A CD  1 
ATOM   683  C CE  . LYS A 1 87  ? -14.019 -9.182  -0.696  1.00 62.48 ? 88  LYS A CE  1 
ATOM   684  N NZ  . LYS A 1 87  ? -13.461 -9.501  -2.075  1.00 65.15 ? 88  LYS A NZ  1 
ATOM   685  N N   . ALA A 1 88  ? -12.726 -7.226  5.106   1.00 33.35 ? 89  ALA A N   1 
ATOM   686  C CA  . ALA A 1 88  ? -12.623 -8.200  6.188   1.00 32.57 ? 89  ALA A CA  1 
ATOM   687  C C   . ALA A 1 88  ? -13.766 -8.047  7.255   1.00 30.84 ? 89  ALA A C   1 
ATOM   688  O O   . ALA A 1 88  ? -14.184 -9.069  7.882   1.00 30.44 ? 89  ALA A O   1 
ATOM   689  C CB  . ALA A 1 88  ? -11.232 -8.105  6.845   1.00 31.74 ? 89  ALA A CB  1 
ATOM   690  N N   . PHE A 1 89  ? -14.257 -6.803  7.447   1.00 27.04 ? 90  PHE A N   1 
ATOM   691  C CA  . PHE A 1 89  ? -15.345 -6.524  8.406   1.00 24.90 ? 90  PHE A CA  1 
ATOM   692  C C   . PHE A 1 89  ? -16.732 -6.610  7.838   1.00 23.90 ? 90  PHE A C   1 
ATOM   693  O O   . PHE A 1 89  ? -17.640 -7.175  8.468   1.00 21.68 ? 90  PHE A O   1 
ATOM   694  C CB  . PHE A 1 89  ? -15.141 -5.195  9.113   1.00 25.15 ? 90  PHE A CB  1 
ATOM   695  C CG  . PHE A 1 89  ? -13.908 -5.190  9.963   1.00 24.41 ? 90  PHE A CG  1 
ATOM   696  C CD1 . PHE A 1 89  ? -12.711 -4.742  9.429   1.00 22.35 ? 90  PHE A CD1 1 
ATOM   697  C CD2 . PHE A 1 89  ? -13.950 -5.705  11.262  1.00 24.89 ? 90  PHE A CD2 1 
ATOM   698  C CE1 . PHE A 1 89  ? -11.560 -4.791  10.206  1.00 30.30 ? 90  PHE A CE1 1 
ATOM   699  C CE2 . PHE A 1 89  ? -12.823 -5.760  12.041  1.00 24.59 ? 90  PHE A CE2 1 
ATOM   700  C CZ  . PHE A 1 89  ? -11.616 -5.324  11.497  1.00 28.25 ? 90  PHE A CZ  1 
ATOM   701  N N   . GLN A 1 90  ? -16.886 -6.074  6.634   1.00 23.92 ? 91  GLN A N   1 
ATOM   702  C CA  . GLN A 1 90  ? -18.173 -6.050  5.938   1.00 26.92 ? 91  GLN A CA  1 
ATOM   703  C C   . GLN A 1 90  ? -18.840 -7.406  5.734   1.00 24.74 ? 91  GLN A C   1 
ATOM   704  O O   . GLN A 1 90  ? -20.013 -7.525  5.912   1.00 22.49 ? 91  GLN A O   1 
ATOM   705  C CB  . GLN A 1 90  ? -18.065 -5.341  4.567   1.00 28.51 ? 91  GLN A CB  1 
ATOM   706  C CG  . GLN A 1 90  ? -17.633 -3.866  4.762   1.00 36.44 ? 91  GLN A CG  1 
ATOM   707  C CD  . GLN A 1 90  ? -18.210 -2.910  3.709   1.00 47.49 ? 91  GLN A CD  1 
ATOM   708  O OE1 . GLN A 1 90  ? -19.235 -2.251  3.949   1.00 51.65 ? 91  GLN A OE1 1 
ATOM   709  N NE2 . GLN A 1 90  ? -17.565 -2.847  2.541   1.00 48.85 ? 91  GLN A NE2 1 
ATOM   710  N N   A VAL A 1 91  ? -18.058 -8.403  5.361   0.50 25.32 ? 92  VAL A N   1 
ATOM   711  N N   B VAL A 1 91  ? -18.055 -8.409  5.357   0.50 25.39 ? 92  VAL A N   1 
ATOM   712  C CA  A VAL A 1 91  ? -18.557 -9.777  5.211   0.50 25.60 ? 92  VAL A CA  1 
ATOM   713  C CA  B VAL A 1 91  ? -18.591 -9.772  5.189   0.50 25.71 ? 92  VAL A CA  1 
ATOM   714  C C   A VAL A 1 91  ? -19.373 -10.242 6.437   0.50 25.97 ? 92  VAL A C   1 
ATOM   715  C C   B VAL A 1 91  ? -19.380 -10.247 6.437   0.50 26.04 ? 92  VAL A C   1 
ATOM   716  O O   A VAL A 1 91  ? -20.378 -10.898 6.283   0.50 26.38 ? 92  VAL A O   1 
ATOM   717  O O   B VAL A 1 91  ? -20.375 -10.924 6.295   0.50 26.46 ? 92  VAL A O   1 
ATOM   718  C CB  A VAL A 1 91  ? -17.374 -10.683 4.987   0.50 25.58 ? 92  VAL A CB  1 
ATOM   719  C CB  B VAL A 1 91  ? -17.493 -10.779 4.824   0.50 25.86 ? 92  VAL A CB  1 
ATOM   720  C CG1 A VAL A 1 91  ? -17.734 -12.195 5.132   0.50 29.11 ? 92  VAL A CG1 1 
ATOM   721  C CG1 B VAL A 1 91  ? -16.528 -11.011 5.973   0.50 22.94 ? 92  VAL A CG1 1 
ATOM   722  C CG2 A VAL A 1 91  ? -16.798 -10.383 3.647   0.50 23.73 ? 92  VAL A CG2 1 
ATOM   723  C CG2 B VAL A 1 91  ? -18.108 -12.141 4.437   0.50 30.21 ? 92  VAL A CG2 1 
ATOM   724  N N   . PHE A 1 92  ? -18.931 -9.869  7.640   1.00 25.61 ? 93  PHE A N   1 
ATOM   725  C CA  . PHE A 1 92  ? -19.615 -10.229 8.884   1.00 26.27 ? 93  PHE A CA  1 
ATOM   726  C C   . PHE A 1 92  ? -20.601 -9.205  9.376   1.00 25.47 ? 93  PHE A C   1 
ATOM   727  O O   . PHE A 1 92  ? -21.358 -9.504  10.274  1.00 26.13 ? 93  PHE A O   1 
ATOM   728  C CB  . PHE A 1 92  ? -18.612 -10.529 10.032  1.00 24.35 ? 93  PHE A CB  1 
ATOM   729  C CG  . PHE A 1 92  ? -17.535 -11.513 9.628   1.00 24.60 ? 93  PHE A CG  1 
ATOM   730  C CD1 . PHE A 1 92  ? -16.282 -11.087 9.273   1.00 22.06 ? 93  PHE A CD1 1 
ATOM   731  C CD2 . PHE A 1 92  ? -17.813 -12.883 9.624   1.00 21.92 ? 93  PHE A CD2 1 
ATOM   732  C CE1 . PHE A 1 92  ? -15.281 -12.010 8.924   1.00 28.52 ? 93  PHE A CE1 1 
ATOM   733  C CE2 . PHE A 1 92  ? -16.835 -13.803 9.292   1.00 28.65 ? 93  PHE A CE2 1 
ATOM   734  C CZ  . PHE A 1 92  ? -15.577 -13.383 8.917   1.00 20.72 ? 93  PHE A CZ  1 
ATOM   735  N N   . ASP A 1 93  ? -20.676 -8.035  8.759   1.00 25.16 ? 94  ASP A N   1 
ATOM   736  C CA  . ASP A 1 93  ? -21.604 -6.992  9.264   1.00 26.62 ? 94  ASP A CA  1 
ATOM   737  C C   . ASP A 1 93  ? -22.836 -7.057  8.331   1.00 29.22 ? 94  ASP A C   1 
ATOM   738  O O   . ASP A 1 93  ? -22.959 -6.282  7.375   1.00 28.53 ? 94  ASP A O   1 
ATOM   739  C CB  . ASP A 1 93  ? -20.861 -5.640  9.157   1.00 25.79 ? 94  ASP A CB  1 
ATOM   740  C CG  . ASP A 1 93  ? -21.670 -4.428  9.631   1.00 24.93 ? 94  ASP A CG  1 
ATOM   741  O OD1 . ASP A 1 93  ? -22.649 -4.537  10.397  1.00 21.12 ? 94  ASP A OD1 1 
ATOM   742  O OD2 . ASP A 1 93  ? -21.283 -3.266  9.346   1.00 22.15 ? 94  ASP A OD2 1 
ATOM   743  N N   . LYS A 1 94  ? -23.704 -8.013  8.594   1.00 31.64 ? 95  LYS A N   1 
ATOM   744  C CA  . LYS A 1 94  ? -24.866 -8.313  7.747   1.00 34.74 ? 95  LYS A CA  1 
ATOM   745  C C   . LYS A 1 94  ? -25.778 -7.109  7.526   1.00 34.04 ? 95  LYS A C   1 
ATOM   746  O O   . LYS A 1 94  ? -26.158 -6.828  6.407   1.00 36.20 ? 95  LYS A O   1 
ATOM   747  C CB  . LYS A 1 94  ? -25.640 -9.549  8.264   1.00 35.73 ? 95  LYS A CB  1 
ATOM   748  C CG  . LYS A 1 94  ? -26.863 -9.940  7.455   1.00 41.76 ? 95  LYS A CG  1 
ATOM   749  C CD  . LYS A 1 94  ? -27.539 -11.128 8.091   1.00 49.72 ? 95  LYS A CD  1 
ATOM   750  C CE  . LYS A 1 94  ? -28.355 -11.957 7.068   1.00 53.07 ? 95  LYS A CE  1 
ATOM   751  N NZ  . LYS A 1 94  ? -28.978 -13.084 7.783   1.00 53.45 ? 95  LYS A NZ  1 
ATOM   752  N N   . GLU A 1 95  ? -26.097 -6.399  8.589   1.00 33.06 ? 96  GLU A N   1 
ATOM   753  C CA  . GLU A 1 95  ? -26.914 -5.188  8.515   1.00 32.80 ? 96  GLU A CA  1 
ATOM   754  C C   . GLU A 1 95  ? -26.165 -3.871  8.136   1.00 30.08 ? 96  GLU A C   1 
ATOM   755  O O   . GLU A 1 95  ? -26.779 -2.831  8.086   1.00 28.20 ? 96  GLU A O   1 
ATOM   756  C CB  . GLU A 1 95  ? -27.635 -5.009  9.848   1.00 33.97 ? 96  GLU A CB  1 
ATOM   757  C CG  . GLU A 1 95  ? -28.449 -6.226  10.232  1.00 39.77 ? 96  GLU A CG  1 
ATOM   758  C CD  . GLU A 1 95  ? -29.450 -6.624  9.143   1.00 48.49 ? 96  GLU A CD  1 
ATOM   759  O OE1 . GLU A 1 95  ? -30.220 -5.754  8.699   1.00 52.41 ? 96  GLU A OE1 1 
ATOM   760  O OE2 . GLU A 1 95  ? -29.472 -7.809  8.697   1.00 55.01 ? 96  GLU A OE2 1 
ATOM   761  N N   . SER A 1 96  ? -24.837 -3.926  7.928   1.00 27.29 ? 97  SER A N   1 
ATOM   762  C CA  . SER A 1 96  ? -24.067 -2.768  7.542   1.00 24.68 ? 97  SER A CA  1 
ATOM   763  C C   . SER A 1 96  ? -24.190 -1.702  8.580   1.00 24.97 ? 97  SER A C   1 
ATOM   764  O O   . SER A 1 96  ? -24.458 -0.511  8.263   1.00 26.19 ? 97  SER A O   1 
ATOM   765  C CB  . SER A 1 96  ? -24.536 -2.295  6.109   1.00 27.10 ? 97  SER A CB  1 
ATOM   766  O OG  . SER A 1 96  ? -23.515 -1.558  5.437   1.00 24.96 ? 97  SER A OG  1 
ATOM   767  N N   . THR A 1 97  ? -23.974 -2.061  9.851   1.00 22.96 ? 98  THR A N   1 
ATOM   768  C CA  . THR A 1 97  ? -24.003 -1.059  10.938  1.00 19.90 ? 98  THR A CA  1 
ATOM   769  C C   . THR A 1 97  ? -22.759 -0.247  10.906  1.00 20.64 ? 98  THR A C   1 
ATOM   770  O O   . THR A 1 97  ? -22.761 0.888   11.425  1.00 19.65 ? 98  THR A O   1 
ATOM   771  C CB  . THR A 1 97  ? -24.056 -1.728  12.319  1.00 21.43 ? 98  THR A CB  1 
ATOM   772  O OG1 . THR A 1 97  ? -22.888 -2.570  12.468  1.00 23.43 ? 98  THR A OG1 1 
ATOM   773  C CG2 . THR A 1 97  ? -25.250 -2.778  12.327  1.00 22.44 ? 98  THR A CG2 1 
ATOM   774  N N   . GLY A 1 98  ? -21.684 -0.816  10.354  1.00 20.33 ? 99  GLY A N   1 
ATOM   775  C CA  . GLY A 1 98  ? -20.385 -0.139  10.363  1.00 18.50 ? 99  GLY A CA  1 
ATOM   776  C C   . GLY A 1 98  ? -19.669 -0.360  11.692  1.00 19.10 ? 99  GLY A C   1 
ATOM   777  O O   . GLY A 1 98  ? -18.687 0.345   11.967  1.00 17.70 ? 99  GLY A O   1 
ATOM   778  N N   . LYS A 1 99  ? -20.236 -1.212  12.553  1.00 17.64 ? 100 LYS A N   1 
ATOM   779  C CA  . LYS A 1 99  ? -19.625 -1.474  13.851  1.00 19.04 ? 100 LYS A CA  1 
ATOM   780  C C   . LYS A 1 99  ? -19.315 -2.969  14.065  1.00 18.57 ? 100 LYS A C   1 
ATOM   781  O O   . LYS A 1 99  ? -19.967 -3.832  13.519  1.00 16.03 ? 100 LYS A O   1 
ATOM   782  C CB  . LYS A 1 99  ? -20.507 -0.998  14.999  1.00 17.95 ? 100 LYS A CB  1 
ATOM   783  C CG  . LYS A 1 99  ? -20.453 0.606   15.111  1.00 27.16 ? 100 LYS A CG  1 
ATOM   784  C CD  . LYS A 1 99  ? -20.993 1.115   16.319  1.00 36.10 ? 100 LYS A CD  1 
ATOM   785  C CE  . LYS A 1 99  ? -20.805 2.628   16.400  1.00 43.64 ? 100 LYS A CE  1 
ATOM   786  N NZ  . LYS A 1 99  ? -21.820 3.206   15.472  1.00 43.92 ? 100 LYS A NZ  1 
ATOM   787  N N   . VAL A 1 100 ? -18.304 -3.228  14.897  1.00 16.33 ? 101 VAL A N   1 
ATOM   788  C CA  . VAL A 1 100 ? -17.911 -4.594  15.250  1.00 16.16 ? 101 VAL A CA  1 
ATOM   789  C C   . VAL A 1 100 ? -17.780 -4.595  16.748  1.00 15.18 ? 101 VAL A C   1 
ATOM   790  O O   . VAL A 1 100 ? -17.262 -3.634  17.312  1.00 13.97 ? 101 VAL A O   1 
ATOM   791  C CB  . VAL A 1 100 ? -16.530 -5.042  14.555  1.00 12.85 ? 101 VAL A CB  1 
ATOM   792  C CG1 . VAL A 1 100 ? -15.290 -4.052  14.897  1.00 12.35 ? 101 VAL A CG1 1 
ATOM   793  C CG2 . VAL A 1 100 ? -16.210 -6.526  14.814  1.00 18.26 ? 101 VAL A CG2 1 
ATOM   794  N N   . SER A 1 101 ? -18.211 -5.656  17.426  1.00 15.85 ? 102 SER A N   1 
ATOM   795  C CA  . SER A 1 101 ? -17.962 -5.696  18.878  1.00 14.52 ? 102 SER A CA  1 
ATOM   796  C C   . SER A 1 101 ? -16.520 -5.965  19.236  1.00 14.09 ? 102 SER A C   1 
ATOM   797  O O   . SER A 1 101 ? -15.771 -6.495  18.467  1.00 12.99 ? 102 SER A O   1 
ATOM   798  C CB  . SER A 1 101 ? -18.892 -6.699  19.589  1.00 15.72 ? 102 SER A CB  1 
ATOM   799  O OG  . SER A 1 101 ? -18.429 -8.011  19.257  1.00 19.63 ? 102 SER A OG  1 
ATOM   800  N N   . VAL A 1 102 ? -16.075 -5.414  20.374  1.00 14.09 ? 103 VAL A N   1 
ATOM   801  C CA  . VAL A 1 102 ? -14.697 -5.660  20.779  1.00 15.59 ? 103 VAL A CA  1 
ATOM   802  C C   . VAL A 1 102 ? -14.381 -7.178  20.912  1.00 15.27 ? 103 VAL A C   1 
ATOM   803  O O   . VAL A 1 102 ? -13.339 -7.625  20.507  1.00 16.73 ? 103 VAL A O   1 
ATOM   804  C CB  . VAL A 1 102 ? -14.305 -4.824  22.068  1.00 16.80 ? 103 VAL A CB  1 
ATOM   805  C CG1 . VAL A 1 102 ? -15.068 -5.386  23.273  1.00 17.31 ? 103 VAL A CG1 1 
ATOM   806  C CG2 . VAL A 1 102 ? -12.750 -4.943  22.319  1.00 19.05 ? 103 VAL A CG2 1 
ATOM   807  N N   . GLY A 1 103 ? -15.349 -7.958  21.347  1.00 16.27 ? 104 GLY A N   1 
ATOM   808  C CA  . GLY A 1 103 ? -15.211 -9.422  21.393  1.00 16.08 ? 104 GLY A CA  1 
ATOM   809  C C   . GLY A 1 103 ? -14.980 -10.080 20.042  1.00 16.61 ? 104 GLY A C   1 
ATOM   810  O O   . GLY A 1 103 ? -14.130 -10.967 19.929  1.00 15.46 ? 104 GLY A O   1 
ATOM   811  N N   . ASP A 1 104 ? -15.701 -9.632  18.991  1.00 13.37 ? 105 ASP A N   1 
ATOM   812  C CA  . ASP A 1 104 ? -15.515 -10.197 17.687  1.00 15.31 ? 105 ASP A CA  1 
ATOM   813  C C   . ASP A 1 104 ? -14.201 -9.785  17.061  1.00 14.19 ? 105 ASP A C   1 
ATOM   814  O O   . ASP A 1 104 ? -13.526 -10.577 16.448  1.00 15.11 ? 105 ASP A O   1 
ATOM   815  C CB  . ASP A 1 104 ? -16.665 -9.785  16.784  1.00 15.37 ? 105 ASP A CB  1 
ATOM   816  C CG  . ASP A 1 104 ? -17.921 -10.622 17.020  1.00 22.60 ? 105 ASP A CG  1 
ATOM   817  O OD1 . ASP A 1 104 ? -17.896 -11.501 17.896  1.00 19.36 ? 105 ASP A OD1 1 
ATOM   818  O OD2 . ASP A 1 104 ? -18.990 -10.379 16.445  1.00 21.52 ? 105 ASP A OD2 1 
ATOM   819  N N   . LEU A 1 105 ? -13.851 -8.516  17.206  1.00 14.66 ? 106 LEU A N   1 
ATOM   820  C CA  . LEU A 1 105 ? -12.568 -8.015  16.748  1.00 14.91 ? 106 LEU A CA  1 
ATOM   821  C C   . LEU A 1 105 ? -11.410 -8.777  17.416  1.00 14.99 ? 106 LEU A C   1 
ATOM   822  O O   . LEU A 1 105 ? -10.441 -9.174  16.729  1.00 14.72 ? 106 LEU A O   1 
ATOM   823  C CB  . LEU A 1 105 ? -12.472 -6.498  17.106  1.00 14.03 ? 106 LEU A CB  1 
ATOM   824  C CG  . LEU A 1 105 ? -11.097 -5.905  16.661  1.00 18.88 ? 106 LEU A CG  1 
ATOM   825  C CD1 . LEU A 1 105 ? -10.985 -5.642  15.192  1.00 23.17 ? 106 LEU A CD1 1 
ATOM   826  C CD2 . LEU A 1 105 ? -10.662 -4.784  17.477  1.00 23.39 ? 106 LEU A CD2 1 
ATOM   827  N N   . ARG A 1 106 ? -11.486 -8.992  18.750  1.00 13.90 ? 107 ARG A N   1 
ATOM   828  C CA  . ARG A 1 106 ? -10.345 -9.669  19.386  1.00 16.01 ? 107 ARG A CA  1 
ATOM   829  C C   . ARG A 1 106 ? -10.289 -11.123 18.839  1.00 15.84 ? 107 ARG A C   1 
ATOM   830  O O   . ARG A 1 106 ? -9.240  -11.694 18.553  1.00 16.53 ? 107 ARG A O   1 
ATOM   831  C CB  . ARG A 1 106 ? -10.579 -9.703  20.936  1.00 16.06 ? 107 ARG A CB  1 
ATOM   832  C CG  . ARG A 1 106 ? -9.376  -10.404 21.719  1.00 16.58 ? 107 ARG A CG  1 
ATOM   833  C CD  . ARG A 1 106 ? -9.699  -10.504 23.227  1.00 10.77 ? 107 ARG A CD  1 
ATOM   834  N NE  . ARG A 1 106 ? -9.664  -9.181  23.804  1.00 12.97 ? 107 ARG A NE  1 
ATOM   835  C CZ  . ARG A 1 106 ? -8.564  -8.519  24.164  1.00 21.31 ? 107 ARG A CZ  1 
ATOM   836  N NH1 . ARG A 1 106 ? -7.370  -9.060  23.961  1.00 22.19 ? 107 ARG A NH1 1 
ATOM   837  N NH2 . ARG A 1 106 ? -8.642  -7.296  24.673  1.00 18.88 ? 107 ARG A NH2 1 
ATOM   838  N N   . TYR A 1 107 ? -11.461 -11.696 18.672  1.00 16.50 ? 108 TYR A N   1 
ATOM   839  C CA  . TYR A 1 107 ? -11.542 -13.067 18.164  1.00 17.43 ? 108 TYR A CA  1 
ATOM   840  C C   . TYR A 1 107 ? -10.897 -13.178 16.786  1.00 18.79 ? 108 TYR A C   1 
ATOM   841  O O   . TYR A 1 107 ? -10.078 -14.095 16.537  1.00 17.06 ? 108 TYR A O   1 
ATOM   842  C CB  . TYR A 1 107 ? -13.016 -13.496 18.103  1.00 19.56 ? 108 TYR A CB  1 
ATOM   843  C CG  . TYR A 1 107 ? -13.147 -14.930 17.735  1.00 24.87 ? 108 TYR A CG  1 
ATOM   844  C CD1 . TYR A 1 107 ? -13.023 -15.918 18.712  1.00 35.31 ? 108 TYR A CD1 1 
ATOM   845  C CD2 . TYR A 1 107 ? -13.258 -15.318 16.412  1.00 30.77 ? 108 TYR A CD2 1 
ATOM   846  C CE1 . TYR A 1 107 ? -13.049 -17.278 18.369  1.00 40.92 ? 108 TYR A CE1 1 
ATOM   847  C CE2 . TYR A 1 107 ? -13.293 -16.677 16.053  1.00 39.59 ? 108 TYR A CE2 1 
ATOM   848  C CZ  . TYR A 1 107 ? -13.196 -17.645 17.037  1.00 42.50 ? 108 TYR A CZ  1 
ATOM   849  O OH  . TYR A 1 107 ? -13.247 -18.978 16.679  1.00 48.89 ? 108 TYR A OH  1 
ATOM   850  N N   . MET A 1 108 ? -11.327 -12.310 15.857  1.00 16.42 ? 109 MET A N   1 
ATOM   851  C CA  . MET A 1 108 ? -10.766 -12.289 14.518  1.00 18.62 ? 109 MET A CA  1 
ATOM   852  C C   . MET A 1 108 ? -9.251  -12.041 14.461  1.00 16.55 ? 109 MET A C   1 
ATOM   853  O O   . MET A 1 108 ? -8.532  -12.606 13.630  1.00 18.23 ? 109 MET A O   1 
ATOM   854  C CB  . MET A 1 108 ? -11.378 -11.126 13.729  1.00 18.39 ? 109 MET A CB  1 
ATOM   855  C CG  . MET A 1 108 ? -12.909 -11.083 13.636  1.00 29.20 ? 109 MET A CG  1 
ATOM   856  S SD  . MET A 1 108 ? -13.531 -9.525  12.728  1.00 40.08 ? 109 MET A SD  1 
ATOM   857  C CE  . MET A 1 108 ? -12.212 -9.387  11.399  1.00 27.07 ? 109 MET A CE  1 
ATOM   858  N N   . LEU A 1 109 ? -8.780  -11.106 15.268  1.00 15.71 ? 110 LEU A N   1 
ATOM   859  C CA  . LEU A 1 109 ? -7.372  -10.756 15.285  1.00 16.20 ? 110 LEU A CA  1 
ATOM   860  C C   . LEU A 1 109 ? -6.498  -11.815 16.006  1.00 16.67 ? 110 LEU A C   1 
ATOM   861  O O   . LEU A 1 109 ? -5.313  -11.988 15.652  1.00 17.51 ? 110 LEU A O   1 
ATOM   862  C CB  . LEU A 1 109 ? -7.095  -9.385  15.909  1.00 16.28 ? 110 LEU A CB  1 
ATOM   863  C CG  . LEU A 1 109 ? -7.700  -8.234  15.086  1.00 19.40 ? 110 LEU A CG  1 
ATOM   864  C CD1 . LEU A 1 109 ? -7.482  -6.948  15.895  1.00 24.20 ? 110 LEU A CD1 1 
ATOM   865  C CD2 . LEU A 1 109 ? -7.025  -8.136  13.668  1.00 26.05 ? 110 LEU A CD2 1 
ATOM   866  N N   . THR A 1 110 ? -7.049  -12.504 16.977  1.00 16.30 ? 111 THR A N   1 
ATOM   867  C CA  . THR A 1 110 ? -6.193  -13.463 17.737  1.00 17.74 ? 111 THR A CA  1 
ATOM   868  C C   . THR A 1 110 ? -6.478  -14.930 17.337  1.00 20.01 ? 111 THR A C   1 
ATOM   869  O O   . THR A 1 110 ? -5.676  -15.802 17.600  1.00 20.94 ? 111 THR A O   1 
ATOM   870  C CB  . THR A 1 110 ? -6.376  -13.334 19.271  1.00 16.27 ? 111 THR A CB  1 
ATOM   871  O OG1 . THR A 1 110 ? -7.733  -13.747 19.604  1.00 16.72 ? 111 THR A OG1 1 
ATOM   872  C CG2 . THR A 1 110 ? -6.241  -11.869 19.747  1.00 18.31 ? 111 THR A CG2 1 
ATOM   873  N N   . GLY A 1 111 ? -7.581  -15.204 16.662  1.00 20.65 ? 112 GLY A N   1 
ATOM   874  C CA  . GLY A 1 111 ? -7.937  -16.561 16.320  1.00 23.24 ? 112 GLY A CA  1 
ATOM   875  C C   . GLY A 1 111 ? -7.658  -16.903 14.861  1.00 27.35 ? 112 GLY A C   1 
ATOM   876  O O   . GLY A 1 111 ? -7.570  -18.069 14.577  1.00 28.62 ? 112 GLY A O   1 
ATOM   877  N N   . LEU A 1 112 ? -7.499  -15.949 13.956  1.00 26.85 ? 113 LEU A N   1 
ATOM   878  C CA  . LEU A 1 112 ? -7.368  -16.269 12.539  1.00 28.89 ? 113 LEU A CA  1 
ATOM   879  C C   . LEU A 1 112 ? -6.086  -15.771 11.971  1.00 28.62 ? 113 LEU A C   1 
ATOM   880  O O   . LEU A 1 112 ? -5.421  -14.977 12.591  1.00 28.39 ? 113 LEU A O   1 
ATOM   881  C CB  . LEU A 1 112 ? -8.511  -15.606 11.729  1.00 28.55 ? 113 LEU A CB  1 
ATOM   882  C CG  . LEU A 1 112 ? -9.931  -16.136 11.989  1.00 32.31 ? 113 LEU A CG  1 
ATOM   883  C CD1 . LEU A 1 112 ? -10.972 -15.292 11.286  1.00 32.82 ? 113 LEU A CD1 1 
ATOM   884  C CD2 . LEU A 1 112 ? -10.071 -17.577 11.500  1.00 38.16 ? 113 LEU A CD2 1 
ATOM   885  N N   . GLY A 1 113 ? -5.792  -16.171 10.739  1.00 29.25 ? 114 GLY A N   1 
ATOM   886  C CA  . GLY A 1 113 ? -4.617  -15.710 9.995   1.00 28.91 ? 114 GLY A CA  1 
ATOM   887  C C   . GLY A 1 113 ? -3.282  -15.830 10.729  1.00 30.42 ? 114 GLY A C   1 
ATOM   888  O O   . GLY A 1 113 ? -2.975  -16.846 11.320  1.00 30.64 ? 114 GLY A O   1 
ATOM   889  N N   . GLU A 1 114 ? -2.517  -14.758 10.742  1.00 30.51 ? 115 GLU A N   1 
ATOM   890  C CA  . GLU A 1 114 ? -1.235  -14.720 11.417  1.00 32.10 ? 115 GLU A CA  1 
ATOM   891  C C   . GLU A 1 114 ? -1.579  -14.142 12.765  1.00 31.23 ? 115 GLU A C   1 
ATOM   892  O O   . GLU A 1 114 ? -1.430  -12.939 12.961  1.00 31.68 ? 115 GLU A O   1 
ATOM   893  C CB  . GLU A 1 114 ? -0.376  -13.678 10.718  1.00 33.09 ? 115 GLU A CB  1 
ATOM   894  C CG  . GLU A 1 114 ? 1.115   -13.907 10.834  1.00 42.04 ? 115 GLU A CG  1 
ATOM   895  C CD  . GLU A 1 114 ? 1.861   -13.059 9.815   1.00 48.79 ? 115 GLU A CD  1 
ATOM   896  O OE1 . GLU A 1 114 ? 1.662   -13.350 8.598   1.00 50.76 ? 115 GLU A OE1 1 
ATOM   897  O OE2 . GLU A 1 114 ? 2.593   -12.095 10.227  1.00 52.28 ? 115 GLU A OE2 1 
ATOM   898  N N   . LYS A 1 115 ? -2.063  -14.988 13.652  1.00 28.87 ? 116 LYS A N   1 
ATOM   899  C CA  . LYS A 1 115 ? -2.691  -14.605 14.906  1.00 25.28 ? 116 LYS A CA  1 
ATOM   900  C C   . LYS A 1 115 ? -1.957  -13.618 15.766  1.00 24.11 ? 116 LYS A C   1 
ATOM   901  O O   . LYS A 1 115 ? -0.805  -13.845 16.107  1.00 23.12 ? 116 LYS A O   1 
ATOM   902  C CB  . LYS A 1 115 ? -2.893  -15.876 15.704  1.00 26.46 ? 116 LYS A CB  1 
ATOM   903  C CG  . LYS A 1 115 ? -3.707  -17.019 14.969  1.00 31.15 ? 116 LYS A CG  1 
ATOM   904  C CD  . LYS A 1 115 ? -3.547  -18.377 15.800  1.00 38.69 ? 116 LYS A CD  1 
ATOM   905  C CE  . LYS A 1 115 ? -4.615  -19.411 15.428  1.00 49.13 ? 116 LYS A CE  1 
ATOM   906  N NZ  . LYS A 1 115 ? -4.648  -20.656 16.338  1.00 54.37 ? 116 LYS A NZ  1 
ATOM   907  N N   . LEU A 1 116 ? -2.616  -12.531 16.187  1.00 21.51 ? 117 LEU A N   1 
ATOM   908  C CA  . LEU A 1 116 ? -2.000  -11.619 17.164  1.00 20.33 ? 117 LEU A CA  1 
ATOM   909  C C   . LEU A 1 116 ? -2.274  -12.209 18.551  1.00 19.14 ? 117 LEU A C   1 
ATOM   910  O O   . LEU A 1 116 ? -3.106  -13.132 18.661  1.00 17.57 ? 117 LEU A O   1 
ATOM   911  C CB  . LEU A 1 116 ? -2.625  -10.193 17.072  1.00 20.34 ? 117 LEU A CB  1 
ATOM   912  C CG  . LEU A 1 116 ? -2.433  -9.503  15.676  1.00 24.33 ? 117 LEU A CG  1 
ATOM   913  C CD1 . LEU A 1 116 ? -3.211  -8.167  15.667  1.00 20.92 ? 117 LEU A CD1 1 
ATOM   914  C CD2 . LEU A 1 116 ? -0.971  -9.259  15.422  1.00 26.88 ? 117 LEU A CD2 1 
ATOM   915  N N   . THR A 1 117 ? -1.602  -11.719 19.616  1.00 17.57 ? 118 THR A N   1 
ATOM   916  C CA  . THR A 1 117 ? -1.931  -12.278 20.918  1.00 17.37 ? 118 THR A CA  1 
ATOM   917  C C   . THR A 1 117 ? -2.838  -11.270 21.640  1.00 17.34 ? 118 THR A C   1 
ATOM   918  O O   . THR A 1 117 ? -2.855  -10.071 21.322  1.00 16.93 ? 118 THR A O   1 
ATOM   919  C CB  . THR A 1 117 ? -0.679  -12.473 21.799  1.00 16.79 ? 118 THR A CB  1 
ATOM   920  O OG1 . THR A 1 117 ? -0.121  -11.171 21.979  1.00 15.97 ? 118 THR A OG1 1 
ATOM   921  C CG2 . THR A 1 117 ? 0.441   -13.382 21.071  1.00 20.40 ? 118 THR A CG2 1 
ATOM   922  N N   . ASP A 1 118 ? -3.481  -11.754 22.696  1.00 18.25 ? 119 ASP A N   1 
ATOM   923  C CA  . ASP A 1 118 ? -4.199  -10.864 23.579  1.00 19.65 ? 119 ASP A CA  1 
ATOM   924  C C   . ASP A 1 118 ? -3.399  -9.704  23.987  1.00 21.27 ? 119 ASP A C   1 
ATOM   925  O O   . ASP A 1 118 ? -3.946  -8.600  24.111  1.00 21.49 ? 119 ASP A O   1 
ATOM   926  C CB  . ASP A 1 118 ? -4.724  -11.571 24.813  1.00 18.34 ? 119 ASP A CB  1 
ATOM   927  C CG  . ASP A 1 118 ? -5.889  -12.393 24.523  1.00 22.33 ? 119 ASP A CG  1 
ATOM   928  O OD1 . ASP A 1 118 ? -6.589  -12.141 23.470  1.00 19.92 ? 119 ASP A OD1 1 
ATOM   929  O OD2 . ASP A 1 118 ? -6.150  -13.420 25.222  1.00 26.53 ? 119 ASP A OD2 1 
ATOM   930  N N   . ALA A 1 119 ? -2.101  -9.907  24.261  1.00 21.60 ? 120 ALA A N   1 
ATOM   931  C CA  . ALA A 1 119 ? -1.322  -8.787  24.742  1.00 21.72 ? 120 ALA A CA  1 
ATOM   932  C C   . ALA A 1 119 ? -1.098  -7.691  23.629  1.00 21.14 ? 120 ALA A C   1 
ATOM   933  O O   . ALA A 1 119 ? -1.061  -6.516  23.919  1.00 20.29 ? 120 ALA A O   1 
ATOM   934  C CB  . ALA A 1 119 ? 0.055   -9.327  25.310  1.00 22.30 ? 120 ALA A CB  1 
ATOM   935  N N   . GLU A 1 120 ? -0.926  -8.095  22.365  1.00 20.84 ? 121 GLU A N   1 
ATOM   936  C CA  . GLU A 1 120 ? -0.838  -7.124  21.247  1.00 20.05 ? 121 GLU A CA  1 
ATOM   937  C C   . GLU A 1 120 ? -2.202  -6.424  21.075  1.00 19.96 ? 121 GLU A C   1 
ATOM   938  O O   . GLU A 1 120 ? -2.263  -5.232  20.785  1.00 20.87 ? 121 GLU A O   1 
ATOM   939  C CB  . GLU A 1 120 ? -0.433  -7.857  19.953  1.00 20.01 ? 121 GLU A CB  1 
ATOM   940  C CG  . GLU A 1 120 ? 1.008   -8.454  20.115  1.00 22.73 ? 121 GLU A CG  1 
ATOM   941  C CD  . GLU A 1 120 ? 1.370   -9.399  18.986  1.00 23.34 ? 121 GLU A CD  1 
ATOM   942  O OE1 . GLU A 1 120 ? 0.593   -10.320 18.725  1.00 18.94 ? 121 GLU A OE1 1 
ATOM   943  O OE2 . GLU A 1 120 ? 2.469   -9.266  18.397  1.00 29.09 ? 121 GLU A OE2 1 
ATOM   944  N N   . VAL A 1 121 ? -3.292  -7.182  21.214  1.00 18.41 ? 122 VAL A N   1 
ATOM   945  C CA  . VAL A 1 121 ? -4.622  -6.561  21.021  1.00 18.27 ? 122 VAL A CA  1 
ATOM   946  C C   . VAL A 1 121 ? -4.834  -5.572  22.141  1.00 19.69 ? 122 VAL A C   1 
ATOM   947  O O   . VAL A 1 121 ? -5.333  -4.485  21.859  1.00 18.59 ? 122 VAL A O   1 
ATOM   948  C CB  . VAL A 1 121 ? -5.769  -7.603  20.925  1.00 15.64 ? 122 VAL A CB  1 
ATOM   949  C CG1 . VAL A 1 121 ? -7.196  -6.915  20.943  1.00 15.73 ? 122 VAL A CG1 1 
ATOM   950  C CG2 . VAL A 1 121 ? -5.580  -8.406  19.669  1.00 14.96 ? 122 VAL A CG2 1 
ATOM   951  N N   . ASP A 1 122 ? -4.491  -5.945  23.404  1.00 20.85 ? 123 ASP A N   1 
ATOM   952  C CA  . ASP A 1 122 ? -4.654  -5.012  24.527  1.00 22.85 ? 123 ASP A CA  1 
ATOM   953  C C   . ASP A 1 122 ? -3.938  -3.697  24.299  1.00 23.94 ? 123 ASP A C   1 
ATOM   954  O O   . ASP A 1 122 ? -4.526  -2.611  24.526  1.00 23.80 ? 123 ASP A O   1 
ATOM   955  C CB  . ASP A 1 122 ? -4.144  -5.584  25.821  1.00 24.21 ? 123 ASP A CB  1 
ATOM   956  C CG  . ASP A 1 122 ? -5.082  -6.616  26.398  1.00 26.74 ? 123 ASP A CG  1 
ATOM   957  O OD1 . ASP A 1 122 ? -6.222  -6.754  25.908  1.00 28.48 ? 123 ASP A OD1 1 
ATOM   958  O OD2 . ASP A 1 122 ? -4.740  -7.322  27.350  1.00 30.78 ? 123 ASP A OD2 1 
ATOM   959  N N   . GLU A 1 123 ? -2.680  -3.778  23.855  1.00 24.22 ? 124 GLU A N   1 
ATOM   960  C CA  . GLU A 1 123 ? -1.922  -2.571  23.502  1.00 26.00 ? 124 GLU A CA  1 
ATOM   961  C C   . GLU A 1 123 ? -2.576  -1.744  22.383  1.00 25.56 ? 124 GLU A C   1 
ATOM   962  O O   . GLU A 1 123 ? -2.700  -0.545  22.496  1.00 26.42 ? 124 GLU A O   1 
ATOM   963  C CB  . GLU A 1 123 ? -0.511  -2.948  23.065  1.00 26.76 ? 124 GLU A CB  1 
ATOM   964  C CG  . GLU A 1 123 ? 0.476   -1.792  23.102  1.00 35.50 ? 124 GLU A CG  1 
ATOM   965  C CD  . GLU A 1 123 ? 0.624   -1.237  24.534  1.00 45.32 ? 124 GLU A CD  1 
ATOM   966  O OE1 . GLU A 1 123 ? 0.559   -2.032  25.538  1.00 49.81 ? 124 GLU A OE1 1 
ATOM   967  O OE2 . GLU A 1 123 ? 0.729   -0.010  24.687  1.00 48.48 ? 124 GLU A OE2 1 
ATOM   968  N N   . LEU A 1 124 ? -2.976  -2.384  21.285  1.00 23.70 ? 125 LEU A N   1 
ATOM   969  C CA  . LEU A 1 124 ? -3.712  -1.688  20.207  1.00 23.58 ? 125 LEU A CA  1 
ATOM   970  C C   . LEU A 1 124 ? -4.967  -0.954  20.656  1.00 22.86 ? 125 LEU A C   1 
ATOM   971  O O   . LEU A 1 124 ? -5.236  0.152   20.237  1.00 22.92 ? 125 LEU A O   1 
ATOM   972  C CB  . LEU A 1 124 ? -4.174  -2.738  19.206  1.00 23.86 ? 125 LEU A CB  1 
ATOM   973  C CG  . LEU A 1 124 ? -5.086  -2.395  17.991  1.00 27.69 ? 125 LEU A CG  1 
ATOM   974  C CD1 . LEU A 1 124 ? -4.365  -1.518  16.979  1.00 26.21 ? 125 LEU A CD1 1 
ATOM   975  C CD2 . LEU A 1 124 ? -5.456  -3.720  17.308  1.00 28.32 ? 125 LEU A CD2 1 
ATOM   976  N N   . LEU A 1 125 ? -5.776  -1.603  21.493  1.00 22.63 ? 126 LEU A N   1 
ATOM   977  C CA  . LEU A 1 125 ? -7.073  -1.048  21.940  1.00 21.11 ? 126 LEU A CA  1 
ATOM   978  C C   . LEU A 1 125 ? -6.902  0.280   22.766  1.00 22.66 ? 126 LEU A C   1 
ATOM   979  O O   . LEU A 1 125 ? -7.821  1.036   22.897  1.00 21.88 ? 126 LEU A O   1 
ATOM   980  C CB  . LEU A 1 125 ? -7.794  -2.116  22.782  1.00 19.89 ? 126 LEU A CB  1 
ATOM   981  C CG  . LEU A 1 125 ? -8.339  -3.259  21.935  1.00 20.90 ? 126 LEU A CG  1 
ATOM   982  C CD1 . LEU A 1 125 ? -9.161  -4.076  22.817  1.00 18.78 ? 126 LEU A CD1 1 
ATOM   983  C CD2 . LEU A 1 125 ? -9.267  -2.643  20.838  1.00 24.00 ? 126 LEU A CD2 1 
ATOM   984  N N   . LYS A 1 126 ? -5.709  0.551   23.300  1.00 23.97 ? 127 LYS A N   1 
ATOM   985  C CA  . LYS A 1 126 ? -5.502  1.821   24.016  1.00 26.44 ? 127 LYS A CA  1 
ATOM   986  C C   . LYS A 1 126 ? -5.741  3.006   23.119  1.00 25.95 ? 127 LYS A C   1 
ATOM   987  O O   . LYS A 1 126 ? -6.023  4.076   23.613  1.00 28.49 ? 127 LYS A O   1 
ATOM   988  C CB  . LYS A 1 126 ? -4.094  1.941   24.550  1.00 27.41 ? 127 LYS A CB  1 
ATOM   989  C CG  . LYS A 1 126 ? -3.805  0.924   25.681  1.00 31.55 ? 127 LYS A CG  1 
ATOM   990  C CD  . LYS A 1 126 ? -2.298  0.998   26.037  1.00 36.22 ? 127 LYS A CD  1 
ATOM   991  C CE  . LYS A 1 126 ? -1.826  -0.206  26.847  1.00 42.25 ? 127 LYS A CE  1 
ATOM   992  N NZ  . LYS A 1 126 ? -0.336  -0.134  27.000  1.00 47.00 ? 127 LYS A NZ  1 
ATOM   993  N N   . GLY A 1 127 ? -5.648  2.820   21.812  1.00 23.84 ? 128 GLY A N   1 
ATOM   994  C CA  . GLY A 1 127 ? -5.790  3.904   20.850  1.00 23.32 ? 128 GLY A CA  1 
ATOM   995  C C   . GLY A 1 127 ? -7.071  3.837   20.100  1.00 22.16 ? 128 GLY A C   1 
ATOM   996  O O   . GLY A 1 127 ? -7.235  4.489   19.102  1.00 22.70 ? 128 GLY A O   1 
ATOM   997  N N   . VAL A 1 128 ? -8.033  3.092   20.660  1.00 22.16 ? 129 VAL A N   1 
ATOM   998  C CA  . VAL A 1 128 ? -9.258  2.820   19.972  1.00 19.80 ? 129 VAL A CA  1 
ATOM   999  C C   . VAL A 1 128 ? -10.437 3.134   20.838  1.00 20.08 ? 129 VAL A C   1 
ATOM   1000 O O   . VAL A 1 128 ? -10.521 2.685   21.976  1.00 19.23 ? 129 VAL A O   1 
ATOM   1001 C CB  . VAL A 1 128 ? -9.347  1.219   19.504  1.00 19.25 ? 129 VAL A CB  1 
ATOM   1002 C CG1 . VAL A 1 128 ? -10.652 0.910   18.798  1.00 17.47 ? 129 VAL A CG1 1 
ATOM   1003 C CG2 . VAL A 1 128 ? -8.201  0.847   18.654  1.00 16.38 ? 129 VAL A CG2 1 
ATOM   1004 N N   . GLU A 1 129 ? -11.412 3.759   20.206  1.00 20.00 ? 130 GLU A N   1 
ATOM   1005 C CA  . GLU A 1 129 ? -12.668 4.146   20.893  1.00 23.73 ? 130 GLU A CA  1 
ATOM   1006 C C   . GLU A 1 129 ? -13.653 2.972   20.963  1.00 23.21 ? 130 GLU A C   1 
ATOM   1007 O O   . GLU A 1 129 ? -14.058 2.453   19.926  1.00 21.72 ? 130 GLU A O   1 
ATOM   1008 C CB  . GLU A 1 129 ? -13.367 5.313   20.141  1.00 24.50 ? 130 GLU A CB  1 
ATOM   1009 C CG  . GLU A 1 129 ? -14.781 5.590   20.649  1.00 33.51 ? 130 GLU A CG  1 
ATOM   1010 C CD  . GLU A 1 129 ? -14.768 6.312   21.962  1.00 47.09 ? 130 GLU A CD  1 
ATOM   1011 O OE1 . GLU A 1 129 ? -14.497 5.683   23.032  1.00 50.43 ? 130 GLU A OE1 1 
ATOM   1012 O OE2 . GLU A 1 129 ? -14.970 7.574   21.925  1.00 57.30 ? 130 GLU A OE2 1 
ATOM   1013 N N   . VAL A 1 130 ? -13.963 2.541   22.166  1.00 23.73 ? 131 VAL A N   1 
ATOM   1014 C CA  . VAL A 1 130 ? -14.952 1.493   22.400  1.00 25.52 ? 131 VAL A CA  1 
ATOM   1015 C C   . VAL A 1 130 ? -16.242 2.109   23.044  1.00 26.99 ? 131 VAL A C   1 
ATOM   1016 O O   . VAL A 1 130 ? -16.131 2.786   24.032  1.00 26.69 ? 131 VAL A O   1 
ATOM   1017 C CB  . VAL A 1 130 ? -14.337 0.384   23.291  1.00 24.01 ? 131 VAL A CB  1 
ATOM   1018 C CG1 . VAL A 1 130 ? -15.331 -0.774  23.476  1.00 26.29 ? 131 VAL A CG1 1 
ATOM   1019 C CG2 . VAL A 1 130 ? -13.044 -0.202  22.635  1.00 25.72 ? 131 VAL A CG2 1 
ATOM   1020 N N   . ASP A 1 131 ? -17.419 1.933   22.410  1.00 29.20 ? 132 ASP A N   1 
ATOM   1021 C CA  . ASP A 1 131 ? -18.774 2.268   22.922  1.00 30.75 ? 132 ASP A CA  1 
ATOM   1022 C C   . ASP A 1 131 ? -19.092 1.694   24.270  1.00 31.19 ? 132 ASP A C   1 
ATOM   1023 O O   . ASP A 1 131 ? -18.486 0.701   24.661  1.00 28.88 ? 132 ASP A O   1 
ATOM   1024 C CB  . ASP A 1 131 ? -19.845 1.463   22.104  1.00 31.07 ? 132 ASP A CB  1 
ATOM   1025 C CG  . ASP A 1 131 ? -20.256 2.209   21.027  1.00 34.89 ? 132 ASP A CG  1 
ATOM   1026 O OD1 . ASP A 1 131 ? -19.715 3.344   21.080  1.00 42.26 ? 132 ASP A OD1 1 
ATOM   1027 O OD2 . ASP A 1 131 ? -21.066 1.873   20.160  1.00 34.38 ? 132 ASP A OD2 1 
ATOM   1028 N N   . SER A 1 132 ? -20.199 2.178   24.848  1.00 31.48 ? 133 SER A N   1 
ATOM   1029 C CA  . SER A 1 132 ? -20.665 1.602   26.090  1.00 33.25 ? 133 SER A CA  1 
ATOM   1030 C C   . SER A 1 132 ? -21.317 0.289   25.739  1.00 32.07 ? 133 SER A C   1 
ATOM   1031 O O   . SER A 1 132 ? -21.529 -0.539  26.592  1.00 33.23 ? 133 SER A O   1 
ATOM   1032 C CB  . SER A 1 132 ? -21.685 2.517   26.770  1.00 34.32 ? 133 SER A CB  1 
ATOM   1033 O OG  . SER A 1 132 ? -22.684 2.875   25.826  1.00 37.99 ? 133 SER A OG  1 
ATOM   1034 N N   . ASN A 1 133 ? -21.681 0.114   24.471  1.00 30.34 ? 134 ASN A N   1 
ATOM   1035 C CA  . ASN A 1 133 ? -22.152 -1.193  24.029  1.00 28.44 ? 134 ASN A CA  1 
ATOM   1036 C C   . ASN A 1 133 ? -21.049 -2.140  23.697  1.00 25.76 ? 134 ASN A C   1 
ATOM   1037 O O   . ASN A 1 133 ? -21.330 -3.284  23.389  1.00 27.90 ? 134 ASN A O   1 
ATOM   1038 C CB  . ASN A 1 133 ? -23.110 -1.051  22.865  1.00 31.16 ? 134 ASN A CB  1 
ATOM   1039 C CG  . ASN A 1 133 ? -24.332 -0.219  23.235  1.00 38.81 ? 134 ASN A CG  1 
ATOM   1040 O OD1 . ASN A 1 133 ? -24.975 -0.474  24.256  1.00 45.13 ? 134 ASN A OD1 1 
ATOM   1041 N ND2 . ASN A 1 133 ? -24.607 0.817   22.456  1.00 45.40 ? 134 ASN A ND2 1 
ATOM   1042 N N   . GLY A 1 134 ? -19.797 -1.722  23.847  1.00 21.24 ? 135 GLY A N   1 
ATOM   1043 C CA  . GLY A 1 134 ? -18.684 -2.616  23.551  1.00 21.53 ? 135 GLY A CA  1 
ATOM   1044 C C   . GLY A 1 134 ? -18.381 -2.615  22.026  1.00 21.63 ? 135 GLY A C   1 
ATOM   1045 O O   . GLY A 1 134 ? -17.692 -3.482  21.529  1.00 21.65 ? 135 GLY A O   1 
ATOM   1046 N N   . GLU A 1 135 ? -18.864 -1.615  21.292  1.00 18.30 ? 136 GLU A N   1 
ATOM   1047 C CA  . GLU A 1 135 ? -18.734 -1.598  19.820  1.00 18.69 ? 136 GLU A CA  1 
ATOM   1048 C C   . GLU A 1 135 ? -17.694 -0.618  19.334  1.00 19.14 ? 136 GLU A C   1 
ATOM   1049 O O   . GLU A 1 135 ? -17.507 0.439   19.940  1.00 17.01 ? 136 GLU A O   1 
ATOM   1050 C CB  . GLU A 1 135 ? -20.069 -1.250  19.193  1.00 19.72 ? 136 GLU A CB  1 
ATOM   1051 C CG  . GLU A 1 135 ? -21.038 -2.435  19.534  1.00 27.48 ? 136 GLU A CG  1 
ATOM   1052 C CD  . GLU A 1 135 ? -22.203 -2.510  18.599  1.00 33.95 ? 136 GLU A CD  1 
ATOM   1053 O OE1 . GLU A 1 135 ? -22.847 -1.471  18.432  1.00 40.01 ? 136 GLU A OE1 1 
ATOM   1054 O OE2 . GLU A 1 135 ? -22.419 -3.581  18.010  1.00 43.03 ? 136 GLU A OE2 1 
ATOM   1055 N N   . ILE A 1 136 ? -17.102 -0.946  18.191  1.00 18.26 ? 137 ILE A N   1 
ATOM   1056 C CA  . ILE A 1 136 ? -16.047 -0.131  17.588  1.00 17.74 ? 137 ILE A CA  1 
ATOM   1057 C C   . ILE A 1 136 ? -16.435 0.201   16.167  1.00 17.15 ? 137 ILE A C   1 
ATOM   1058 O O   . ILE A 1 136 ? -16.907 -0.663  15.451  1.00 15.59 ? 137 ILE A O   1 
ATOM   1059 C CB  . ILE A 1 136 ? -14.746 -1.003  17.540  1.00 17.95 ? 137 ILE A CB  1 
ATOM   1060 C CG1 . ILE A 1 136 ? -14.290 -1.227  18.971  1.00 17.53 ? 137 ILE A CG1 1 
ATOM   1061 C CG2 . ILE A 1 136 ? -13.661 -0.317  16.742  1.00 18.66 ? 137 ILE A CG2 1 
ATOM   1062 C CD1 . ILE A 1 136 ? -13.282 -2.375  19.108  1.00 22.88 ? 137 ILE A CD1 1 
ATOM   1063 N N   . ASP A 1 137 ? -16.223 1.452   15.760  1.00 16.37 ? 138 ASP A N   1 
ATOM   1064 C CA  . ASP A 1 137 ? -16.445 1.867   14.377  1.00 18.42 ? 138 ASP A CA  1 
ATOM   1065 C C   . ASP A 1 137 ? -15.234 1.306   13.606  1.00 17.73 ? 138 ASP A C   1 
ATOM   1066 O O   . ASP A 1 137 ? -14.139 1.768   13.791  1.00 17.13 ? 138 ASP A O   1 
ATOM   1067 C CB  . ASP A 1 137 ? -16.474 3.427   14.354  1.00 20.42 ? 138 ASP A CB  1 
ATOM   1068 C CG  . ASP A 1 137 ? -16.701 4.003   12.959  1.00 24.85 ? 138 ASP A CG  1 
ATOM   1069 O OD1 . ASP A 1 137 ? -16.078 3.550   11.957  1.00 23.23 ? 138 ASP A OD1 1 
ATOM   1070 O OD2 . ASP A 1 137 ? -17.525 4.940   12.812  1.00 31.62 ? 138 ASP A OD2 1 
ATOM   1071 N N   . TYR A 1 138 ? -15.451 0.326   12.730  1.00 17.74 ? 139 TYR A N   1 
ATOM   1072 C CA  . TYR A 1 138 ? -14.314 -0.329  12.095  1.00 18.16 ? 139 TYR A CA  1 
ATOM   1073 C C   . TYR A 1 138 ? -13.623 0.487   10.980  1.00 19.49 ? 139 TYR A C   1 
ATOM   1074 O O   . TYR A 1 138 ? -12.434 0.350   10.844  1.00 18.77 ? 139 TYR A O   1 
ATOM   1075 C CB  . TYR A 1 138 ? -14.591 -1.799  11.670  1.00 13.46 ? 139 TYR A CB  1 
ATOM   1076 C CG  . TYR A 1 138 ? -15.771 -2.060  10.748  1.00 19.41 ? 139 TYR A CG  1 
ATOM   1077 C CD1 . TYR A 1 138 ? -15.741 -1.699  9.415   1.00 15.11 ? 139 TYR A CD1 1 
ATOM   1078 C CD2 . TYR A 1 138 ? -16.920 -2.722  11.219  1.00 17.19 ? 139 TYR A CD2 1 
ATOM   1079 C CE1 . TYR A 1 138 ? -16.834 -1.936  8.530   1.00 19.04 ? 139 TYR A CE1 1 
ATOM   1080 C CE2 . TYR A 1 138 ? -18.016 -2.998  10.332  1.00 16.23 ? 139 TYR A CE2 1 
ATOM   1081 C CZ  . TYR A 1 138 ? -17.960 -2.575  9.010   1.00 22.08 ? 139 TYR A CZ  1 
ATOM   1082 O OH  . TYR A 1 138 ? -19.036 -2.815  8.175   1.00 20.90 ? 139 TYR A OH  1 
ATOM   1083 N N   . LYS A 1 139 ? -14.313 1.383   10.288  1.00 22.24 ? 140 LYS A N   1 
ATOM   1084 C CA  . LYS A 1 139 ? -13.608 2.205   9.289   1.00 24.15 ? 140 LYS A CA  1 
ATOM   1085 C C   . LYS A 1 139 ? -12.710 3.171   10.004  1.00 24.72 ? 140 LYS A C   1 
ATOM   1086 O O   . LYS A 1 139 ? -11.583 3.425   9.563   1.00 24.77 ? 140 LYS A O   1 
ATOM   1087 C CB  . LYS A 1 139 ? -14.526 2.950   8.375   1.00 25.63 ? 140 LYS A CB  1 
ATOM   1088 C CG  . LYS A 1 139 ? -15.098 1.948   7.353   1.00 34.70 ? 140 LYS A CG  1 
ATOM   1089 C CD  . LYS A 1 139 ? -16.195 2.575   6.510   1.00 40.21 ? 140 LYS A CD  1 
ATOM   1090 C CE  . LYS A 1 139 ? -16.948 1.505   5.681   1.00 39.01 ? 140 LYS A CE  1 
ATOM   1091 N NZ  . LYS A 1 139 ? -18.099 2.173   5.058   1.00 50.39 ? 140 LYS A NZ  1 
ATOM   1092 N N   . LYS A 1 140 ? -13.202 3.724   11.100  1.00 23.16 ? 141 LYS A N   1 
ATOM   1093 C CA  . LYS A 1 140 ? -12.364 4.617   11.859  1.00 24.50 ? 141 LYS A CA  1 
ATOM   1094 C C   . LYS A 1 140 ? -11.139 3.900   12.425  1.00 22.88 ? 141 LYS A C   1 
ATOM   1095 O O   . LYS A 1 140 ? -10.061 4.436   12.419  1.00 23.50 ? 141 LYS A O   1 
ATOM   1096 C CB  . LYS A 1 140 ? -13.177 5.282   12.974  1.00 26.72 ? 141 LYS A CB  1 
ATOM   1097 C CG  . LYS A 1 140 ? -12.645 6.703   13.282  1.00 34.64 ? 141 LYS A CG  1 
ATOM   1098 C CD  . LYS A 1 140 ? -11.515 6.697   14.302  1.00 38.42 ? 141 LYS A CD  1 
ATOM   1099 C CE  . LYS A 1 140 ? -11.170 8.150   14.674  1.00 41.32 ? 141 LYS A CE  1 
ATOM   1100 N NZ  . LYS A 1 140 ? -10.162 8.201   15.782  1.00 39.12 ? 141 LYS A NZ  1 
ATOM   1101 N N   . PHE A 1 141 ? -11.324 2.669   12.880  1.00 19.65 ? 142 PHE A N   1 
ATOM   1102 C CA  . PHE A 1 141 ? -10.285 1.847   13.443  1.00 19.98 ? 142 PHE A CA  1 
ATOM   1103 C C   . PHE A 1 141 ? -9.207  1.582   12.339  1.00 20.43 ? 142 PHE A C   1 
ATOM   1104 O O   . PHE A 1 141 ? -7.985  1.671   12.601  1.00 19.30 ? 142 PHE A O   1 
ATOM   1105 C CB  . PHE A 1 141 ? -10.933 0.481   13.886  1.00 19.04 ? 142 PHE A CB  1 
ATOM   1106 C CG  . PHE A 1 141 ? -9.925  -0.678  14.024  1.00 19.86 ? 142 PHE A CG  1 
ATOM   1107 C CD1 . PHE A 1 141 ? -9.053  -0.635  15.107  1.00 21.33 ? 142 PHE A CD1 1 
ATOM   1108 C CD2 . PHE A 1 141 ? -9.798  -1.706  13.107  1.00 21.49 ? 142 PHE A CD2 1 
ATOM   1109 C CE1 . PHE A 1 141 ? -8.115  -1.573  15.308  1.00 26.39 ? 142 PHE A CE1 1 
ATOM   1110 C CE2 . PHE A 1 141 ? -8.814  -2.672  13.304  1.00 26.22 ? 142 PHE A CE2 1 
ATOM   1111 C CZ  . PHE A 1 141 ? -7.974  -2.602  14.397  1.00 23.85 ? 142 PHE A CZ  1 
ATOM   1112 N N   . ILE A 1 142 ? -9.652  1.152   11.159  1.00 21.72 ? 143 ILE A N   1 
ATOM   1113 C CA  . ILE A 1 142 ? -8.715  0.913   10.035  1.00 22.69 ? 143 ILE A CA  1 
ATOM   1114 C C   . ILE A 1 142 ? -7.981  2.214   9.593   1.00 24.67 ? 143 ILE A C   1 
ATOM   1115 O O   . ILE A 1 142 ? -6.752  2.205   9.377   1.00 24.16 ? 143 ILE A O   1 
ATOM   1116 C CB  . ILE A 1 142 ? -9.415  0.292   8.837   1.00 23.95 ? 143 ILE A CB  1 
ATOM   1117 C CG1 . ILE A 1 142 ? -9.939  -1.125  9.101   1.00 22.03 ? 143 ILE A CG1 1 
ATOM   1118 C CG2 . ILE A 1 142 ? -8.493  0.303   7.638   1.00 23.92 ? 143 ILE A CG2 1 
ATOM   1119 C CD1 . ILE A 1 142 ? -10.980 -1.569  8.032   1.00 19.33 ? 143 ILE A CD1 1 
ATOM   1120 N N   . GLU A 1 143 ? -8.723  3.324   9.440   1.00 27.24 ? 144 GLU A N   1 
ATOM   1121 C CA  . GLU A 1 143 ? -8.102  4.631   9.101   1.00 29.67 ? 144 GLU A CA  1 
ATOM   1122 C C   . GLU A 1 143 ? -6.956  4.982   10.061  1.00 29.85 ? 144 GLU A C   1 
ATOM   1123 O O   . GLU A 1 143 ? -5.861  5.348   9.599   1.00 29.67 ? 144 GLU A O   1 
ATOM   1124 C CB  . GLU A 1 143 ? -9.145  5.761   9.118   1.00 30.20 ? 144 GLU A CB  1 
ATOM   1125 C CG  . GLU A 1 143 ? -10.197 5.625   8.023   1.00 39.25 ? 144 GLU A CG  1 
ATOM   1126 C CD  . GLU A 1 143 ? -11.218 6.766   7.984   1.00 47.69 ? 144 GLU A CD  1 
ATOM   1127 O OE1 . GLU A 1 143 ? -11.930 6.828   6.962   1.00 48.80 ? 144 GLU A OE1 1 
ATOM   1128 O OE2 . GLU A 1 143 ? -11.321 7.593   8.955   1.00 53.27 ? 144 GLU A OE2 1 
ATOM   1129 N N   . ASP A 1 144 ? -7.196  4.828   11.376  1.00 27.83 ? 145 ASP A N   1 
ATOM   1130 C CA  . ASP A 1 144 ? -6.187  5.120   12.357  1.00 29.99 ? 145 ASP A CA  1 
ATOM   1131 C C   . ASP A 1 144 ? -4.980  4.218   12.299  1.00 29.19 ? 145 ASP A C   1 
ATOM   1132 O O   . ASP A 1 144 ? -3.865  4.694   12.573  1.00 30.00 ? 145 ASP A O   1 
ATOM   1133 C CB  . ASP A 1 144 ? -6.683  5.266   13.824  1.00 29.70 ? 145 ASP A CB  1 
ATOM   1134 C CG  . ASP A 1 144 ? -7.508  6.529   14.049  1.00 35.64 ? 145 ASP A CG  1 
ATOM   1135 O OD1 . ASP A 1 144 ? -8.365  6.529   15.015  1.00 38.21 ? 145 ASP A OD1 1 
ATOM   1136 O OD2 . ASP A 1 144 ? -7.397  7.548   13.298  1.00 39.03 ? 145 ASP A OD2 1 
ATOM   1137 N N   . VAL A 1 145 ? -5.190  2.960   12.055  1.00 27.69 ? 146 VAL A N   1 
ATOM   1138 C CA  . VAL A 1 145 ? -4.082  2.052   11.975  1.00 28.85 ? 146 VAL A CA  1 
ATOM   1139 C C   . VAL A 1 145 ? -3.190  2.434   10.805  1.00 30.20 ? 146 VAL A C   1 
ATOM   1140 O O   . VAL A 1 145 ? -1.990  2.272   10.896  1.00 29.69 ? 146 VAL A O   1 
ATOM   1141 C CB  . VAL A 1 145 ? -4.573  0.622   11.739  1.00 27.96 ? 146 VAL A CB  1 
ATOM   1142 C CG1 . VAL A 1 145 ? -3.448  -0.277  11.118  1.00 25.53 ? 146 VAL A CG1 1 
ATOM   1143 C CG2 . VAL A 1 145 ? -5.117  0.014   13.021  1.00 28.23 ? 146 VAL A CG2 1 
ATOM   1144 N N   . LEU A 1 146 ? -3.805  2.889   9.710   1.00 31.83 ? 147 LEU A N   1 
ATOM   1145 C CA  . LEU A 1 146 ? -3.108  3.164   8.454   1.00 35.71 ? 147 LEU A CA  1 
ATOM   1146 C C   . LEU A 1 146 ? -2.431  4.554   8.473   1.00 39.08 ? 147 LEU A C   1 
ATOM   1147 O O   . LEU A 1 146 ? -1.411  4.703   7.796   1.00 40.10 ? 147 LEU A O   1 
ATOM   1148 C CB  . LEU A 1 146 ? -4.039  3.053   7.241   1.00 35.17 ? 147 LEU A CB  1 
ATOM   1149 C CG  . LEU A 1 146 ? -4.636  1.662   6.984   1.00 32.90 ? 147 LEU A CG  1 
ATOM   1150 C CD1 . LEU A 1 146 ? -5.328  1.595   5.702   1.00 31.71 ? 147 LEU A CD1 1 
ATOM   1151 C CD2 . LEU A 1 146 ? -3.561  0.584   7.057   1.00 36.86 ? 147 LEU A CD2 1 
ATOM   1152 N N   . ARG A 1 147 ? -2.994  5.527   9.224   1.00 42.33 ? 148 ARG A N   1 
ATOM   1153 C CA  . ARG A 1 147 ? -2.484  6.898   9.307   1.00 46.77 ? 148 ARG A CA  1 
ATOM   1154 C C   . ARG A 1 147 ? -1.053  6.907   9.787   1.00 49.06 ? 148 ARG A C   1 
ATOM   1155 O O   . ARG A 1 147 ? -0.701  6.150   10.692  1.00 48.15 ? 148 ARG A O   1 
ATOM   1156 C CB  . ARG A 1 147 ? -3.253  7.756   10.312  1.00 46.18 ? 148 ARG A CB  1 
ATOM   1157 C CG  . ARG A 1 147 ? -4.667  8.076   9.930   1.00 52.66 ? 148 ARG A CG  1 
ATOM   1158 C CD  . ARG A 1 147 ? -5.223  9.345   10.549  1.00 55.57 ? 148 ARG A CD  1 
ATOM   1159 N NE  . ARG A 1 147 ? -4.422  10.475  10.080  1.00 63.04 ? 148 ARG A NE  1 
ATOM   1160 C CZ  . ARG A 1 147 ? -4.808  11.737  10.139  1.00 64.70 ? 148 ARG A CZ  1 
ATOM   1161 N NH1 . ARG A 1 147 ? -5.992  12.035  10.655  1.00 66.65 ? 148 ARG A NH1 1 
ATOM   1162 N NH2 . ARG A 1 147 ? -4.021  12.697  9.678   1.00 65.38 ? 148 ARG A NH2 1 
ATOM   1163 N N   . GLN A 1 148 ? -0.272  7.819   9.206   1.00 53.21 ? 149 GLN A N   1 
ATOM   1164 C CA  . GLN A 1 148 ? 1.145   8.102   9.508   1.00 57.07 ? 149 GLN A CA  1 
ATOM   1165 C C   . GLN A 1 148 ? 1.984   7.620   8.335   1.00 58.61 ? 149 GLN A C   1 
ATOM   1166 O O   . GLN A 1 148 ? 2.619   8.460   7.706   1.00 59.61 ? 149 GLN A O   1 
ATOM   1167 C CB  . GLN A 1 148 ? 1.652   7.503   10.840  1.00 58.22 ? 149 GLN A CB  1 
ATOM   1168 C CG  . GLN A 1 148 ? 2.012   5.961   10.811  1.00 61.34 ? 149 GLN A CG  1 
ATOM   1169 C CD  . GLN A 1 148 ? 2.281   5.370   12.219  1.00 66.91 ? 149 GLN A CD  1 
ATOM   1170 O OE1 . GLN A 1 148 ? 1.863   5.958   13.235  1.00 69.66 ? 149 GLN A OE1 1 
ATOM   1171 N NE2 . GLN A 1 148 ? 2.968   4.216   12.280  1.00 65.58 ? 149 GLN A NE2 1 
ATOM   1172 O OXT . GLN A 1 148 ? 2.032   6.432   7.982   1.00 60.88 ? 149 GLN A OXT 1 
ATOM   1173 N N   . SER B 2 1   ? -9.899  -14.790 0.074   1.00 53.13 ? 854 SER B N   1 
ATOM   1174 C CA  . SER B 2 1   ? -9.546  -13.350 0.071   1.00 53.20 ? 854 SER B CA  1 
ATOM   1175 C C   . SER B 2 1   ? -9.785  -12.748 1.443   1.00 51.17 ? 854 SER B C   1 
ATOM   1176 O O   . SER B 2 1   ? -9.117  -11.791 1.810   1.00 51.05 ? 854 SER B O   1 
ATOM   1177 C CB  . SER B 2 1   ? -10.313 -12.601 -1.023  1.00 54.59 ? 854 SER B CB  1 
ATOM   1178 O OG  . SER B 2 1   ? -9.916  -11.234 -1.141  1.00 57.69 ? 854 SER B OG  1 
ATOM   1179 N N   . VAL B 2 2   ? -10.718 -13.321 2.207   1.00 48.79 ? 855 VAL B N   1 
ATOM   1180 C CA  . VAL B 2 2   ? -11.016 -12.825 3.551   1.00 45.44 ? 855 VAL B CA  1 
ATOM   1181 C C   . VAL B 2 2   ? -9.861  -13.033 4.526   1.00 42.94 ? 855 VAL B C   1 
ATOM   1182 O O   . VAL B 2 2   ? -9.460  -12.092 5.198   1.00 41.08 ? 855 VAL B O   1 
ATOM   1183 C CB  . VAL B 2 2   ? -12.353 -13.350 4.143   1.00 45.50 ? 855 VAL B CB  1 
ATOM   1184 C CG1 . VAL B 2 2   ? -12.489 -13.024 5.607   1.00 44.18 ? 855 VAL B CG1 1 
ATOM   1185 C CG2 . VAL B 2 2   ? -13.531 -12.712 3.404   1.00 45.31 ? 855 VAL B CG2 1 
ATOM   1186 N N   . LEU B 2 3   ? -9.322  -14.243 4.596   1.00 40.49 ? 856 LEU B N   1 
ATOM   1187 C CA  . LEU B 2 3   ? -8.200  -14.574 5.495   1.00 38.92 ? 856 LEU B CA  1 
ATOM   1188 C C   . LEU B 2 3   ? -6.949  -13.861 5.080   1.00 36.88 ? 856 LEU B C   1 
ATOM   1189 O O   . LEU B 2 3   ? -6.152  -13.547 5.923   1.00 35.95 ? 856 LEU B O   1 
ATOM   1190 C CB  . LEU B 2 3   ? -7.978  -16.067 5.594   1.00 38.50 ? 856 LEU B CB  1 
ATOM   1191 C CG  . LEU B 2 3   ? -9.138  -16.799 6.318   1.00 42.60 ? 856 LEU B CG  1 
ATOM   1192 C CD1 . LEU B 2 3   ? -8.989  -18.340 6.275   1.00 45.23 ? 856 LEU B CD1 1 
ATOM   1193 C CD2 . LEU B 2 3   ? -9.281  -16.364 7.765   1.00 40.96 ? 856 LEU B CD2 1 
ATOM   1194 N N   . ARG B 2 4   ? -6.804  -13.560 3.783   1.00 35.83 ? 857 ARG B N   1 
ATOM   1195 C CA  . ARG B 2 4   ? -5.621  -12.846 3.353   1.00 35.62 ? 857 ARG B CA  1 
ATOM   1196 C C   . ARG B 2 4   ? -5.691  -11.409 3.743   1.00 32.97 ? 857 ARG B C   1 
ATOM   1197 O O   . ARG B 2 4   ? -4.679  -10.851 4.161   1.00 30.91 ? 857 ARG B O   1 
ATOM   1198 C CB  . ARG B 2 4   ? -5.270  -13.007 1.832   1.00 37.37 ? 857 ARG B CB  1 
ATOM   1199 C CG  . ARG B 2 4   ? -6.122  -12.289 0.814   1.00 45.57 ? 857 ARG B CG  1 
ATOM   1200 C CD  . ARG B 2 4   ? -6.092  -13.034 -0.556  1.00 60.33 ? 857 ARG B CD  1 
ATOM   1201 N NE  . ARG B 2 4   ? -6.984  -12.477 -1.573  1.00 67.24 ? 857 ARG B NE  1 
ATOM   1202 C CZ  . ARG B 2 4   ? -7.326  -13.100 -2.718  1.00 69.50 ? 857 ARG B CZ  1 
ATOM   1203 N NH1 . ARG B 2 4   ? -6.848  -14.311 -3.032  1.00 69.73 ? 857 ARG B NH1 1 
ATOM   1204 N NH2 . ARG B 2 4   ? -8.152  -12.490 -3.562  1.00 70.42 ? 857 ARG B NH2 1 
ATOM   1205 N N   . THR B 2 5   ? -6.875  -10.805 3.549   1.00 30.33 ? 858 THR B N   1 
ATOM   1206 C CA  . THR B 2 5   ? -7.137  -9.437  4.012   1.00 29.29 ? 858 THR B CA  1 
ATOM   1207 C C   . THR B 2 5   ? -6.911  -9.330  5.518   1.00 26.84 ? 858 THR B C   1 
ATOM   1208 O O   . THR B 2 5   ? -6.331  -8.392  5.955   1.00 27.34 ? 858 THR B O   1 
ATOM   1209 C CB  . THR B 2 5   ? -8.577  -8.978  3.732   1.00 29.82 ? 858 THR B CB  1 
ATOM   1210 O OG1 . THR B 2 5   ? -8.888  -9.088  2.337   1.00 32.09 ? 858 THR B OG1 1 
ATOM   1211 C CG2 . THR B 2 5   ? -8.680  -7.481  4.012   1.00 29.53 ? 858 THR B CG2 1 
ATOM   1212 N N   . ILE B 2 6   ? -7.441  -10.262 6.306   1.00 25.66 ? 859 ILE B N   1 
ATOM   1213 C CA  . ILE B 2 6   ? -7.208  -10.219 7.743   1.00 24.23 ? 859 ILE B CA  1 
ATOM   1214 C C   . ILE B 2 6   ? -5.662  -10.303 8.015   1.00 24.23 ? 859 ILE B C   1 
ATOM   1215 O O   . ILE B 2 6   ? -5.131  -9.569  8.840   1.00 23.46 ? 859 ILE B O   1 
ATOM   1216 C CB  . ILE B 2 6   ? -7.955  -11.328 8.456   1.00 24.77 ? 859 ILE B CB  1 
ATOM   1217 C CG1 . ILE B 2 6   ? -9.438  -10.957 8.615   1.00 24.73 ? 859 ILE B CG1 1 
ATOM   1218 C CG2 . ILE B 2 6   ? -7.376  -11.560 9.887   1.00 20.94 ? 859 ILE B CG2 1 
ATOM   1219 C CD1 . ILE B 2 6   ? -10.289 -12.141 9.108   1.00 27.77 ? 859 ILE B CD1 1 
ATOM   1220 N N   . THR B 2 7   ? -4.973  -11.185 7.291   1.00 25.14 ? 860 THR B N   1 
ATOM   1221 C CA  . THR B 2 7   ? -3.531  -11.398 7.480   1.00 27.22 ? 860 THR B CA  1 
ATOM   1222 C C   . THR B 2 7   ? -2.765  -10.126 7.187   1.00 26.26 ? 860 THR B C   1 
ATOM   1223 O O   . THR B 2 7   ? -1.810  -9.783  7.942   1.00 27.24 ? 860 THR B O   1 
ATOM   1224 C CB  . THR B 2 7   ? -3.047  -12.576 6.573   1.00 28.30 ? 860 THR B CB  1 
ATOM   1225 O OG1 . THR B 2 7   ? -3.514  -13.766 7.160   1.00 29.06 ? 860 THR B OG1 1 
ATOM   1226 C CG2 . THR B 2 7   ? -1.517  -12.816 6.640   1.00 29.87 ? 860 THR B CG2 1 
ATOM   1227 N N   . ASN B 2 8   ? -3.164  -9.427  6.104   1.00 26.59 ? 861 ASN B N   1 
ATOM   1228 C CA  . ASN B 2 8   ? -2.470  -8.185  5.754   1.00 26.95 ? 861 ASN B CA  1 
ATOM   1229 C C   . ASN B 2 8   ? -2.751  -7.175  6.828   1.00 26.05 ? 861 ASN B C   1 
ATOM   1230 O O   . ASN B 2 8   ? -1.888  -6.366  7.121   1.00 26.07 ? 861 ASN B O   1 
ATOM   1231 C CB  . ASN B 2 8   ? -2.932  -7.618  4.406   1.00 29.20 ? 861 ASN B CB  1 
ATOM   1232 C CG  . ASN B 2 8   ? -2.545  -8.534  3.175   1.00 35.33 ? 861 ASN B CG  1 
ATOM   1233 O OD1 . ASN B 2 8   ? -3.138  -8.405  2.081   1.00 41.11 ? 861 ASN B OD1 1 
ATOM   1234 N ND2 . ASN B 2 8   ? -1.584  -9.440  3.361   1.00 32.74 ? 861 ASN B ND2 1 
ATOM   1235 N N   . LEU B 2 9   ? -3.989  -7.168  7.405   1.00 22.94 ? 862 LEU B N   1 
ATOM   1236 C CA  . LEU B 2 9   ? -4.288  -6.200  8.434   1.00 21.65 ? 862 LEU B CA  1 
ATOM   1237 C C   . LEU B 2 9   ? -3.404  -6.471  9.689   1.00 21.37 ? 862 LEU B C   1 
ATOM   1238 O O   . LEU B 2 9   ? -2.865  -5.526  10.342  1.00 21.13 ? 862 LEU B O   1 
ATOM   1239 C CB  . LEU B 2 9   ? -5.801  -6.212  8.793   1.00 21.19 ? 862 LEU B CB  1 
ATOM   1240 C CG  . LEU B 2 9   ? -6.184  -5.382  9.985   1.00 18.68 ? 862 LEU B CG  1 
ATOM   1241 C CD1 . LEU B 2 9   ? -5.961  -3.919  9.666   1.00 20.55 ? 862 LEU B CD1 1 
ATOM   1242 C CD2 . LEU B 2 9   ? -7.590  -5.614  10.357  1.00 20.64 ? 862 LEU B CD2 1 
ATOM   1243 N N   . GLN B 2 10  ? -3.232  -7.743  10.008  1.00 22.34 ? 863 GLN B N   1 
ATOM   1244 C CA  . GLN B 2 10  ? -2.393  -8.154  11.163  1.00 24.21 ? 863 GLN B CA  1 
ATOM   1245 C C   . GLN B 2 10  ? -0.952  -7.647  10.986  1.00 25.14 ? 863 GLN B C   1 
ATOM   1246 O O   . GLN B 2 10  ? -0.347  -7.169  11.916  1.00 25.08 ? 863 GLN B O   1 
ATOM   1247 C CB  . GLN B 2 10  ? -2.427  -9.684  11.351  1.00 23.34 ? 863 GLN B CB  1 
ATOM   1248 C CG  . GLN B 2 10  ? -3.750  -10.168 11.991  1.00 18.10 ? 863 GLN B CG  1 
ATOM   1249 C CD  . GLN B 2 10  ? -4.060  -11.593 11.681  1.00 22.64 ? 863 GLN B CD  1 
ATOM   1250 O OE1 . GLN B 2 10  ? -3.675  -12.104 10.634  1.00 23.25 ? 863 GLN B OE1 1 
ATOM   1251 N NE2 . GLN B 2 10  ? -4.801  -12.247 12.567  1.00 24.36 ? 863 GLN B NE2 1 
ATOM   1252 N N   . LYS B 2 11  ? -0.432  -7.777  9.779   1.00 27.59 ? 864 LYS B N   1 
ATOM   1253 C CA  . LYS B 2 11  ? 0.888   -7.235  9.430   1.00 29.40 ? 864 LYS B CA  1 
ATOM   1254 C C   . LYS B 2 11  ? 0.979   -5.768  9.676   1.00 29.86 ? 864 LYS B C   1 
ATOM   1255 O O   . LYS B 2 11  ? 1.907   -5.349  10.362  1.00 31.63 ? 864 LYS B O   1 
ATOM   1256 C CB  . LYS B 2 11  ? 1.194   -7.495  7.976   1.00 30.47 ? 864 LYS B CB  1 
ATOM   1257 C CG  . LYS B 2 11  ? 1.444   -8.963  7.746   1.00 35.42 ? 864 LYS B CG  1 
ATOM   1258 C CD  . LYS B 2 11  ? 1.671   -9.269  6.285   1.00 40.25 ? 864 LYS B CD  1 
ATOM   1259 C CE  . LYS B 2 11  ? 1.897   -10.752 6.086   1.00 44.33 ? 864 LYS B CE  1 
ATOM   1260 N NZ  . LYS B 2 11  ? 3.240   -11.112 6.509   1.00 48.25 ? 864 LYS B NZ  1 
ATOM   1261 N N   . LYS B 2 12  ? 0.022   -4.969  9.173   1.00 30.16 ? 865 LYS B N   1 
ATOM   1262 C CA  . LYS B 2 12  ? 0.002   -3.514  9.424   1.00 29.91 ? 865 LYS B CA  1 
ATOM   1263 C C   . LYS B 2 12  ? -0.122  -3.206  10.889  1.00 29.25 ? 865 LYS B C   1 
ATOM   1264 O O   . LYS B 2 12  ? 0.480   -2.272  11.353  1.00 28.72 ? 865 LYS B O   1 
ATOM   1265 C CB  . LYS B 2 12  ? -1.161  -2.792  8.722   1.00 31.21 ? 865 LYS B CB  1 
ATOM   1266 C CG  . LYS B 2 12  ? -1.151  -2.796  7.205   1.00 37.04 ? 865 LYS B CG  1 
ATOM   1267 C CD  . LYS B 2 12  ? -0.006  -1.929  6.610   1.00 45.45 ? 865 LYS B CD  1 
ATOM   1268 C CE  . LYS B 2 12  ? -0.002  -1.965  5.062   1.00 49.36 ? 865 LYS B CE  1 
ATOM   1269 N NZ  . LYS B 2 12  ? 1.368   -1.546  4.512   1.00 52.11 ? 865 LYS B NZ  1 
ATOM   1270 N N   . ILE B 2 13  ? -0.952  -3.951  11.637  1.00 27.96 ? 866 ILE B N   1 
ATOM   1271 C CA  . ILE B 2 13  ? -0.992  -3.739  13.092  1.00 26.87 ? 866 ILE B CA  1 
ATOM   1272 C C   . ILE B 2 13  ? 0.397   -3.956  13.781  1.00 27.92 ? 866 ILE B C   1 
ATOM   1273 O O   . ILE B 2 13  ? 0.833   -3.124  14.611  1.00 26.28 ? 866 ILE B O   1 
ATOM   1274 C CB  . ILE B 2 13  ? -2.116  -4.566  13.782  1.00 26.55 ? 866 ILE B CB  1 
ATOM   1275 C CG1 . ILE B 2 13  ? -3.496  -4.042  13.298  1.00 21.23 ? 866 ILE B CG1 1 
ATOM   1276 C CG2 . ILE B 2 13  ? -1.958  -4.456  15.328  1.00 23.33 ? 866 ILE B CG2 1 
ATOM   1277 C CD1 . ILE B 2 13  ? -4.717  -4.974  13.640  1.00 21.31 ? 866 ILE B CD1 1 
ATOM   1278 N N   . ARG B 2 14  ? 1.041   -5.066  13.442  1.00 29.01 ? 867 ARG B N   1 
ATOM   1279 C CA  . ARG B 2 14  ? 2.334   -5.410  14.007  1.00 32.58 ? 867 ARG B CA  1 
ATOM   1280 C C   . ARG B 2 14  ? 3.362   -4.314  13.751  1.00 33.89 ? 867 ARG B C   1 
ATOM   1281 O O   . ARG B 2 14  ? 4.113   -3.973  14.657  1.00 33.37 ? 867 ARG B O   1 
ATOM   1282 C CB  . ARG B 2 14  ? 2.820   -6.749  13.477  1.00 32.34 ? 867 ARG B CB  1 
ATOM   1283 C CG  . ARG B 2 14  ? 2.286   -7.887  14.272  1.00 35.73 ? 867 ARG B CG  1 
ATOM   1284 C CD  . ARG B 2 14  ? 3.192   -9.071  14.363  1.00 42.78 ? 867 ARG B CD  1 
ATOM   1285 N NE  . ARG B 2 14  ? 2.753   -10.004 15.401  1.00 39.87 ? 867 ARG B NE  1 
ATOM   1286 C CZ  . ARG B 2 14  ? 2.122   -11.132 15.132  1.00 47.46 ? 867 ARG B CZ  1 
ATOM   1287 N NH1 . ARG B 2 14  ? 1.842   -11.471 13.851  1.00 44.50 ? 867 ARG B NH1 1 
ATOM   1288 N NH2 . ARG B 2 14  ? 1.745   -11.920 16.152  1.00 47.00 ? 867 ARG B NH2 1 
ATOM   1289 N N   . LYS B 2 15  ? 3.383   -3.764  12.536  1.00 35.17 ? 868 LYS B N   1 
ATOM   1290 C CA  . LYS B 2 15  ? 4.235   -2.579  12.260  1.00 38.25 ? 868 LYS B CA  1 
ATOM   1291 C C   . LYS B 2 15  ? 3.850   -1.336  13.088  1.00 37.98 ? 868 LYS B C   1 
ATOM   1292 O O   . LYS B 2 15  ? 4.693   -0.634  13.579  1.00 36.53 ? 868 LYS B O   1 
ATOM   1293 C CB  . LYS B 2 15  ? 4.293   -2.206  10.759  1.00 38.78 ? 868 LYS B CB  1 
ATOM   1294 C CG  . LYS B 2 15  ? 5.115   -3.241  9.914   1.00 45.79 ? 868 LYS B CG  1 
ATOM   1295 C CD  . LYS B 2 15  ? 6.595   -3.437  10.424  1.00 51.76 ? 868 LYS B CD  1 
ATOM   1296 C CE  . LYS B 2 15  ? 7.273   -4.643  9.762   1.00 55.88 ? 868 LYS B CE  1 
ATOM   1297 N NZ  . LYS B 2 15  ? 8.772   -4.722  9.917   1.00 58.04 ? 868 LYS B NZ  1 
ATOM   1298 N N   . GLU B 2 16  ? 2.569   -1.053  13.179  1.00 39.39 ? 869 GLU B N   1 
ATOM   1299 C CA  . GLU B 2 16  ? 2.051   0.005   14.043  1.00 41.67 ? 869 GLU B CA  1 
ATOM   1300 C C   . GLU B 2 16  ? 2.568   -0.160  15.512  1.00 42.02 ? 869 GLU B C   1 
ATOM   1301 O O   . GLU B 2 16  ? 2.997   0.826   16.166  1.00 41.02 ? 869 GLU B O   1 
ATOM   1302 C CB  . GLU B 2 16  ? 0.521   -0.007  13.956  1.00 42.59 ? 869 GLU B CB  1 
ATOM   1303 C CG  . GLU B 2 16  ? -0.249  0.914   14.889  1.00 47.52 ? 869 GLU B CG  1 
ATOM   1304 C CD  . GLU B 2 16  ? 0.110   2.375   14.686  1.00 55.35 ? 869 GLU B CD  1 
ATOM   1305 O OE1 . GLU B 2 16  ? 0.399   2.775   13.508  1.00 56.77 ? 869 GLU B OE1 1 
ATOM   1306 O OE2 . GLU B 2 16  ? 0.121   3.115   15.728  1.00 57.69 ? 869 GLU B OE2 1 
ATOM   1307 N N   . LEU B 2 17  ? 2.572   -1.403  15.982  1.00 40.49 ? 870 LEU B N   1 
ATOM   1308 C CA  . LEU B 2 17  ? 3.034   -1.745  17.351  1.00 42.38 ? 870 LEU B CA  1 
ATOM   1309 C C   . LEU B 2 17  ? 4.545   -1.515  17.589  1.00 43.01 ? 870 LEU B C   1 
ATOM   1310 O O   . LEU B 2 17  ? 4.957   -0.988  18.644  1.00 41.71 ? 870 LEU B O   1 
ATOM   1311 C CB  . LEU B 2 17  ? 2.641   -3.206  17.719  1.00 40.11 ? 870 LEU B CB  1 
ATOM   1312 C CG  . LEU B 2 17  ? 1.110   -3.417  17.943  1.00 42.34 ? 870 LEU B CG  1 
ATOM   1313 C CD1 . LEU B 2 17  ? 0.786   -4.833  18.435  1.00 40.15 ? 870 LEU B CD1 1 
ATOM   1314 C CD2 . LEU B 2 17  ? 0.488   -2.401  18.885  1.00 40.34 ? 870 LEU B CD2 1 
ATOM   1315 N N   . LYS B 2 18  ? 5.349   -1.919  16.610  1.00 45.21 ? 871 LYS B N   1 
ATOM   1316 C CA  . LYS B 2 18  ? 6.805   -1.770  16.703  1.00 49.28 ? 871 LYS B CA  1 
ATOM   1317 C C   . LYS B 2 18  ? 7.219   -0.280  16.667  1.00 50.81 ? 871 LYS B C   1 
ATOM   1318 O O   . LYS B 2 18  ? 8.145   0.121   17.361  1.00 50.47 ? 871 LYS B O   1 
ATOM   1319 C CB  . LYS B 2 18  ? 7.508   -2.569  15.608  1.00 49.69 ? 871 LYS B CB  1 
ATOM   1320 C CG  . LYS B 2 18  ? 7.180   -4.055  15.641  1.00 53.16 ? 871 LYS B CG  1 
ATOM   1321 C CD  . LYS B 2 18  ? 7.413   -4.714  14.257  1.00 58.55 ? 871 LYS B CD  1 
ATOM   1322 C CE  . LYS B 2 18  ? 6.880   -6.150  14.170  1.00 60.87 ? 871 LYS B CE  1 
ATOM   1323 N NZ  . LYS B 2 18  ? 6.886   -6.591  12.720  1.00 61.90 ? 871 LYS B NZ  1 
ATOM   1324 N N   . GLN B 2 19  ? 6.486   0.503   15.874  1.00 53.35 ? 872 GLN B N   1 
ATOM   1325 C CA  . GLN B 2 19  ? 6.618   1.944   15.739  1.00 57.02 ? 872 GLN B CA  1 
ATOM   1326 C C   . GLN B 2 19  ? 6.412   2.628   17.097  1.00 58.83 ? 872 GLN B C   1 
ATOM   1327 O O   . GLN B 2 19  ? 7.283   3.384   17.566  1.00 59.14 ? 872 GLN B O   1 
ATOM   1328 C CB  . GLN B 2 19  ? 5.568   2.451   14.763  1.00 56.81 ? 872 GLN B CB  1 
ATOM   1329 C CG  . GLN B 2 19  ? 6.041   3.595   13.950  1.00 62.61 ? 872 GLN B CG  1 
ATOM   1330 C CD  . GLN B 2 19  ? 7.270   3.236   13.121  1.00 67.27 ? 872 GLN B CD  1 
ATOM   1331 O OE1 . GLN B 2 19  ? 7.218   2.342   12.261  1.00 68.73 ? 872 GLN B OE1 1 
ATOM   1332 N NE2 . GLN B 2 19  ? 8.381   3.929   13.385  1.00 69.75 ? 872 GLN B NE2 1 
ATOM   1333 N N   . ARG B 2 20  ? 5.260   2.354   17.721  1.00 60.86 ? 873 ARG B N   1 
ATOM   1334 C CA  . ARG B 2 20  ? 4.985   2.784   19.087  1.00 63.16 ? 873 ARG B CA  1 
ATOM   1335 C C   . ARG B 2 20  ? 6.118   2.456   20.074  1.00 64.08 ? 873 ARG B C   1 
ATOM   1336 O O   . ARG B 2 20  ? 6.412   3.249   20.955  1.00 63.91 ? 873 ARG B O   1 
ATOM   1337 C CB  . ARG B 2 20  ? 3.724   2.103   19.595  1.00 63.71 ? 873 ARG B CB  1 
ATOM   1338 C CG  . ARG B 2 20  ? 2.439   2.655   19.028  1.00 66.06 ? 873 ARG B CG  1 
ATOM   1339 C CD  . ARG B 2 20  ? 1.254   2.046   19.702  1.00 70.46 ? 873 ARG B CD  1 
ATOM   1340 N NE  . ARG B 2 20  ? -0.010  2.549   19.185  1.00 73.62 ? 873 ARG B NE  1 
ATOM   1341 C CZ  . ARG B 2 20  ? -1.193  2.222   19.696  1.00 75.34 ? 873 ARG B CZ  1 
ATOM   1342 N NH1 . ARG B 2 20  ? -1.250  1.394   20.737  1.00 75.54 ? 873 ARG B NH1 1 
ATOM   1343 N NH2 . ARG B 2 20  ? -2.312  2.719   19.171  1.00 73.85 ? 873 ARG B NH2 1 
ATOM   1344 N N   . GLN B 2 21  ? 6.721   1.278   19.944  1.00 66.16 ? 874 GLN B N   1 
ATOM   1345 C CA  . GLN B 2 21  ? 7.797   0.843   20.844  1.00 68.77 ? 874 GLN B CA  1 
ATOM   1346 C C   . GLN B 2 21  ? 9.058   1.659   20.644  1.00 70.51 ? 874 GLN B C   1 
ATOM   1347 O O   . GLN B 2 21  ? 9.756   1.994   21.616  1.00 70.59 ? 874 GLN B O   1 
ATOM   1348 C CB  . GLN B 2 21  ? 8.125   -0.640  20.670  1.00 68.65 ? 874 GLN B CB  1 
ATOM   1349 C CG  . GLN B 2 21  ? 8.603   -1.331  21.934  1.00 70.80 ? 874 GLN B CG  1 
ATOM   1350 C CD  . GLN B 2 21  ? 7.484   -1.627  22.942  1.00 74.26 ? 874 GLN B CD  1 
ATOM   1351 O OE1 . GLN B 2 21  ? 7.735   -2.263  23.968  1.00 74.37 ? 874 GLN B OE1 1 
ATOM   1352 N NE2 . GLN B 2 21  ? 6.257   -1.170  22.654  1.00 74.85 ? 874 GLN B NE2 1 
ATOM   1353 N N   . LEU B 2 22  ? 9.348   1.984   19.386  1.00 72.80 ? 875 LEU B N   1 
ATOM   1354 C CA  . LEU B 2 22  ? 10.524  2.799   19.068  1.00 75.56 ? 875 LEU B CA  1 
ATOM   1355 C C   . LEU B 2 22  ? 10.484  4.184   19.725  1.00 76.65 ? 875 LEU B C   1 
ATOM   1356 O O   . LEU B 2 22  ? 11.522  4.709   20.135  1.00 76.65 ? 875 LEU B O   1 
ATOM   1357 C CB  . LEU B 2 22  ? 10.734  2.915   17.554  1.00 75.66 ? 875 LEU B CB  1 
ATOM   1358 C CG  . LEU B 2 22  ? 11.141  1.604   16.879  1.00 76.81 ? 875 LEU B CG  1 
ATOM   1359 C CD1 . LEU B 2 22  ? 11.245  1.805   15.357  1.00 77.30 ? 875 LEU B CD1 1 
ATOM   1360 C CD2 . LEU B 2 22  ? 12.434  1.010   17.476  1.00 76.63 ? 875 LEU B CD2 1 
ATOM   1361 N N   . LYS B 2 23  ? 9.280   4.742   19.840  1.00 78.18 ? 876 LYS B N   1 
ATOM   1362 C CA  . LYS B 2 23  ? 9.071   6.031   20.495  1.00 80.41 ? 876 LYS B CA  1 
ATOM   1363 C C   . LYS B 2 23  ? 9.241   6.050   22.030  1.00 81.50 ? 876 LYS B C   1 
ATOM   1364 O O   . LYS B 2 23  ? 9.442   7.120   22.617  1.00 82.15 ? 876 LYS B O   1 
ATOM   1365 C CB  . LYS B 2 23  ? 7.710   6.610   20.101  1.00 80.42 ? 876 LYS B CB  1 
ATOM   1366 C CG  . LYS B 2 23  ? 7.655   7.066   18.657  1.00 82.08 ? 876 LYS B CG  1 
ATOM   1367 C CD  . LYS B 2 23  ? 6.530   8.067   18.411  1.00 83.78 ? 876 LYS B CD  1 
ATOM   1368 C CE  . LYS B 2 23  ? 6.660   8.658   17.011  1.00 84.18 ? 876 LYS B CE  1 
ATOM   1369 N NZ  . LYS B 2 23  ? 5.743   9.806   16.822  1.00 84.59 ? 876 LYS B NZ  1 
ATOM   1370 N N   . GLN B 2 24  ? 9.151   4.895   22.682  1.00 82.88 ? 877 GLN B N   1 
ATOM   1371 C CA  . GLN B 2 24  ? 9.359   4.834   24.139  1.00 84.56 ? 877 GLN B CA  1 
ATOM   1372 C C   . GLN B 2 24  ? 10.847  4.637   24.487  1.00 85.22 ? 877 GLN B C   1 
ATOM   1373 O O   . GLN B 2 24  ? 11.287  4.927   25.608  1.00 85.14 ? 877 GLN B O   1 
ATOM   1374 C CB  . GLN B 2 24  ? 8.502   3.734   24.790  1.00 84.51 ? 877 GLN B CB  1 
ATOM   1375 C CG  . GLN B 2 24  ? 9.093   2.326   24.668  1.00 84.95 ? 877 GLN B CG  1 
ATOM   1376 C CD  . GLN B 2 24  ? 8.261   1.251   25.353  1.00 86.41 ? 877 GLN B CD  1 
ATOM   1377 O OE1 . GLN B 2 24  ? 7.029   1.267   25.293  1.00 87.53 ? 877 GLN B OE1 1 
ATOM   1378 N NE2 . GLN B 2 24  ? 8.935   0.293   25.975  1.00 87.22 ? 877 GLN B NE2 1 
ATOM   1379 N N   . GLU B 2 25  ? 11.606  4.150   23.509  1.00 86.32 ? 878 GLU B N   1 
ATOM   1380 C CA  . GLU B 2 25  ? 13.020  3.861   23.680  1.00 87.69 ? 878 GLU B CA  1 
ATOM   1381 C C   . GLU B 2 25  ? 13.717  4.127   22.353  1.00 87.96 ? 878 GLU B C   1 
ATOM   1382 O O   . GLU B 2 25  ? 14.496  5.084   22.279  1.00 88.20 ? 878 GLU B O   1 
ATOM   1383 C CB  . GLU B 2 25  ? 13.209  2.384   24.065  1.00 88.10 ? 878 GLU B CB  1 
ATOM   1384 C CG  . GLU B 2 25  ? 12.755  2.005   25.470  1.00 90.05 ? 878 GLU B CG  1 
ATOM   1385 C CD  . GLU B 2 25  ? 12.526  0.512   25.624  1.00 93.02 ? 878 GLU B CD  1 
ATOM   1386 O OE1 . GLU B 2 25  ? 13.392  -0.273  25.203  1.00 95.46 ? 878 GLU B OE1 1 
ATOM   1387 O OE2 . GLU B 2 25  ? 11.487  0.108   26.173  1.00 94.49 ? 878 GLU B OE2 1 
ATOM   1388 O OXT . GLU B 2 25  ? 13.463  3.358   21.399  1.00 88.44 ? 878 GLU B OXT 1 
HETATM 1389 O O   . HOH C 3 .   ? -19.683 -7.791  16.000  1.00 20.25 ? 150 HOH A O   1 
HETATM 1390 O O   . HOH C 3 .   ? -17.594 -7.029  11.204  1.00 20.62 ? 151 HOH A O   1 
HETATM 1391 O O   . HOH C 3 .   ? -17.981 -8.176  22.591  1.00 21.49 ? 152 HOH A O   1 
HETATM 1392 O O   . HOH C 3 .   ? 19.318  1.514   -21.732 1.00 21.88 ? 153 HOH A O   1 
HETATM 1393 O O   . HOH C 3 .   ? 20.875  3.383   -19.894 1.00 25.57 ? 154 HOH A O   1 
HETATM 1394 O O   . HOH C 3 .   ? -11.341 -5.900  25.277  1.00 26.96 ? 155 HOH A O   1 
HETATM 1395 O O   . HOH C 3 .   ? -10.987 4.348   17.533  1.00 27.34 ? 156 HOH A O   1 
HETATM 1396 O O   . HOH C 3 .   ? -14.901 3.146   17.548  1.00 27.43 ? 157 HOH A O   1 
HETATM 1397 O O   . HOH C 3 .   ? -13.046 -12.668 21.899  1.00 28.23 ? 158 HOH A O   1 
HETATM 1398 O O   . HOH C 3 .   ? -17.517 1.942   10.248  1.00 28.82 ? 159 HOH A O   1 
HETATM 1399 O O   . HOH C 3 .   ? 2.536   -10.822 22.593  1.00 30.04 ? 160 HOH A O   1 
HETATM 1400 O O   . HOH C 3 .   ? -8.555  4.323   16.427  1.00 30.25 ? 161 HOH A O   1 
HETATM 1401 O O   . HOH C 3 .   ? -19.487 -6.425  12.658  1.00 31.68 ? 162 HOH A O   1 
HETATM 1402 O O   . HOH C 3 .   ? -18.966 -11.014 13.798  1.00 32.21 ? 163 HOH A O   1 
HETATM 1403 O O   . HOH C 3 .   ? -18.576 -2.205  27.184  1.00 32.42 ? 164 HOH A O   1 
HETATM 1404 O O   . HOH C 3 .   ? 21.950  -4.232  -29.564 1.00 33.86 ? 165 HOH A O   1 
HETATM 1405 O O   . HOH C 3 .   ? -12.903 3.492   16.133  1.00 34.66 ? 166 HOH A O   1 
HETATM 1406 O O   . HOH C 3 .   ? -23.327 2.433   13.510  1.00 34.74 ? 167 HOH A O   1 
HETATM 1407 O O   . HOH C 3 .   ? 10.215  2.689   -4.617  1.00 35.37 ? 168 HOH A O   1 
HETATM 1408 O O   . HOH C 3 .   ? 23.656  7.315   -19.110 1.00 35.58 ? 169 HOH A O   1 
HETATM 1409 O O   . HOH C 3 .   ? -23.056 0.538   19.672  1.00 36.34 ? 170 HOH A O   1 
HETATM 1410 O O   . HOH C 3 .   ? -18.155 2.845   18.466  1.00 36.57 ? 171 HOH A O   1 
HETATM 1411 O O   . HOH C 3 .   ? -22.930 -4.555  14.616  1.00 37.21 ? 172 HOH A O   1 
HETATM 1412 O O   . HOH C 3 .   ? -6.038  6.725   6.999   1.00 37.65 ? 173 HOH A O   1 
HETATM 1413 O O   . HOH C 3 .   ? -5.660  -13.583 27.562  1.00 37.79 ? 174 HOH A O   1 
HETATM 1414 O O   . HOH C 3 .   ? -7.160  2.201   15.432  1.00 38.49 ? 175 HOH A O   1 
HETATM 1415 O O   . HOH C 3 .   ? 11.003  14.210  -12.582 1.00 38.57 ? 176 HOH A O   1 
HETATM 1416 O O   . HOH C 3 .   ? -10.926 -14.198 21.743  1.00 39.27 ? 177 HOH A O   1 
HETATM 1417 O O   . HOH C 3 .   ? -12.279 -8.350  23.982  1.00 39.41 ? 178 HOH A O   1 
HETATM 1418 O O   . HOH C 3 .   ? 3.382   6.248   -20.595 1.00 39.90 ? 179 HOH A O   1 
HETATM 1419 O O   . HOH C 3 .   ? 1.217   -2.436  -10.749 1.00 39.98 ? 180 HOH A O   1 
HETATM 1420 O O   . HOH C 3 .   ? 23.658  2.868   -19.222 1.00 40.03 ? 181 HOH A O   1 
HETATM 1421 O O   . HOH C 3 .   ? -16.623 -9.348  12.628  1.00 40.30 ? 182 HOH A O   1 
HETATM 1422 O O   . HOH C 3 .   ? -24.650 -6.723  11.464  1.00 41.45 ? 183 HOH A O   1 
HETATM 1423 O O   . HOH C 3 .   ? 10.262  11.253  -3.872  1.00 41.90 ? 184 HOH A O   1 
HETATM 1424 O O   . HOH C 3 .   ? 16.627  10.600  -15.143 1.00 42.07 ? 185 HOH A O   1 
HETATM 1425 O O   . HOH C 3 .   ? -7.913  -14.285 22.294  1.00 42.17 ? 186 HOH A O   1 
HETATM 1426 O O   . HOH C 3 .   ? -15.311 5.933   16.938  1.00 44.81 ? 187 HOH A O   1 
HETATM 1427 O O   . HOH C 3 .   ? -6.488  -1.908  26.199  1.00 44.92 ? 188 HOH A O   1 
HETATM 1428 O O   . HOH C 3 .   ? -22.812 -11.320 7.334   1.00 45.85 ? 189 HOH A O   1 
HETATM 1429 O O   . HOH C 3 .   ? -0.209  -5.732  26.368  1.00 45.91 ? 190 HOH A O   1 
HETATM 1430 O O   . HOH C 3 .   ? 17.890  -3.076  -23.573 1.00 45.92 ? 191 HOH A O   1 
HETATM 1431 O O   . HOH C 3 .   ? 2.569   3.714   -20.953 1.00 46.47 ? 192 HOH A O   1 
HETATM 1432 O O   . HOH C 3 .   ? -4.489  2.902   15.843  1.00 46.67 ? 193 HOH A O   1 
HETATM 1433 O O   . HOH C 3 .   ? 3.130   -8.116  22.830  1.00 47.96 ? 194 HOH A O   1 
HETATM 1434 O O   . HOH C 3 .   ? -8.893  5.417   1.633   1.00 48.15 ? 195 HOH A O   1 
HETATM 1435 O O   . HOH C 3 .   ? -21.949 -6.912  16.987  1.00 48.70 ? 196 HOH A O   1 
HETATM 1436 O O   . HOH C 3 .   ? 12.559  -0.749  -28.272 1.00 48.72 ? 197 HOH A O   1 
HETATM 1437 O O   . HOH C 3 .   ? -7.544  -9.142  27.649  1.00 48.79 ? 198 HOH A O   1 
HETATM 1438 O O   . HOH C 3 .   ? 15.170  1.867   -9.055  1.00 49.70 ? 199 HOH A O   1 
HETATM 1439 O O   . HOH C 3 .   ? -10.011 2.394   24.414  1.00 50.20 ? 200 HOH A O   1 
HETATM 1440 O O   . HOH C 3 .   ? -22.682 -5.960  4.545   1.00 51.13 ? 201 HOH A O   1 
HETATM 1441 O O   . HOH C 3 .   ? 14.089  16.970  -23.966 1.00 51.64 ? 202 HOH A O   1 
HETATM 1442 O O   . HOH C 3 .   ? 15.483  0.759   -11.512 1.00 51.92 ? 203 HOH A O   1 
HETATM 1443 O O   . HOH C 3 .   ? 4.496   -7.208  19.781  1.00 53.11 ? 204 HOH A O   1 
HETATM 1444 O O   . HOH C 3 .   ? -5.409  6.487   18.286  1.00 53.50 ? 205 HOH A O   1 
HETATM 1445 O O   . HOH C 3 .   ? 9.935   14.469  -29.413 1.00 54.19 ? 206 HOH A O   1 
HETATM 1446 O O   . HOH C 3 .   ? 17.203  19.218  -17.018 1.00 54.20 ? 207 HOH A O   1 
HETATM 1447 O O   . HOH C 3 .   ? -14.682 1.536   1.777   1.00 54.88 ? 208 HOH A O   1 
HETATM 1448 O O   . HOH C 3 .   ? -16.626 -13.389 19.432  1.00 56.30 ? 209 HOH A O   1 
HETATM 1449 O O   . HOH C 3 .   ? 13.068  24.966  -21.543 1.00 56.53 ? 210 HOH A O   1 
HETATM 1450 O O   . HOH C 3 .   ? -14.325 -20.885 19.033  1.00 56.54 ? 211 HOH A O   1 
HETATM 1451 O O   . HOH C 3 .   ? -5.083  10.125  -15.165 1.00 56.62 ? 212 HOH A O   1 
HETATM 1452 O O   . HOH C 3 .   ? 20.799  1.265   -10.955 1.00 58.19 ? 213 HOH A O   1 
HETATM 1453 O O   . HOH C 3 .   ? 15.545  3.265   -2.733  1.00 59.02 ? 214 HOH A O   1 
HETATM 1454 O O   . HOH C 3 .   ? 15.425  9.715   -28.390 1.00 59.94 ? 215 HOH A O   1 
HETATM 1455 O O   . HOH C 3 .   ? 0.449   6.663   -18.764 1.00 60.07 ? 216 HOH A O   1 
HETATM 1456 O O   . HOH C 3 .   ? -16.476 -12.729 21.657  1.00 61.18 ? 217 HOH A O   1 
HETATM 1457 O O   . HOH C 3 .   ? -8.496  10.265  9.739   1.00 62.23 ? 218 HOH A O   1 
HETATM 1458 O O   . HOH C 3 .   ? 19.451  0.830   -8.762  1.00 62.27 ? 219 HOH A O   1 
HETATM 1459 O O   . HOH C 3 .   ? 7.811   15.816  -10.449 1.00 66.76 ? 220 HOH A O   1 
HETATM 1460 O O   . HOH D 3 .   ? 13.359  6.085   26.965  1.00 38.07 ? 26  HOH B O   1 
HETATM 1461 O O   . HOH D 3 .   ? -10.718 -16.001 3.079   1.00 43.66 ? 39  HOH B O   1 
HETATM 1462 O O   . HOH D 3 .   ? -5.614  -19.333 -1.511  1.00 43.97 ? 40  HOH B O   1 
HETATM 1463 O O   . HOH D 3 .   ? -12.262 -14.945 0.756   1.00 45.14 ? 43  HOH B O   1 
HETATM 1464 O O   . HOH D 3 .   ? -1.371  -10.328 -0.205  1.00 47.74 ? 49  HOH B O   1 
HETATM 1465 O O   . HOH D 3 .   ? -0.170  -5.868  4.723   1.00 47.97 ? 51  HOH B O   1 
HETATM 1466 O O   . HOH D 3 .   ? -4.348  1.850   18.472  1.00 51.29 ? 59  HOH B O   1 
HETATM 1467 O O   . HOH D 3 .   ? -7.784  -15.465 1.177   1.00 54.23 ? 66  HOH B O   1 
HETATM 1468 O O   . HOH D 3 .   ? 0.883   -2.310  1.707   1.00 55.45 ? 68  HOH B O   1 
HETATM 1469 O O   . HOH D 3 .   ? -5.591  -16.301 -1.222  1.00 55.50 ? 69  HOH B O   1 
# 
